data_1SR3
#
_entry.id   1SR3
#
_cell.length_a   1.000
_cell.length_b   1.000
_cell.length_c   1.000
_cell.angle_alpha   90.00
_cell.angle_beta   90.00
_cell.angle_gamma   90.00
#
_symmetry.space_group_name_H-M   'P 1'
#
_entity_poly.entity_id   1
_entity_poly.type   'polypeptide(L)'
_entity_poly.pdbx_seq_one_letter_code
;LRSNIDLFYTPGEILYGKRETQQMPEVGQRLRVGGMVMPGSVQRDPNSLKVTFTIYDAEGSVDVSYEGILPDLFREGQGV
VVQGELEKGNHILAKEVLAKHDENYTPPEVEKAMEANHRRPASVYKDPASHHHHHH
;
_entity_poly.pdbx_strand_id   A
#
# COMPACT_ATOMS: atom_id res chain seq x y z
N LEU A 1 11.58 14.68 9.60
CA LEU A 1 11.07 15.38 8.40
C LEU A 1 9.54 15.50 8.51
N ARG A 2 8.91 16.50 7.88
CA ARG A 2 7.44 16.62 7.82
C ARG A 2 6.97 16.73 6.37
N SER A 3 5.64 16.66 6.20
CA SER A 3 4.74 16.92 5.09
C SER A 3 3.63 15.86 5.06
N ASN A 4 2.54 16.17 4.35
CA ASN A 4 1.37 15.33 4.14
C ASN A 4 0.64 14.98 5.44
N ILE A 5 -0.47 14.26 5.32
CA ILE A 5 -1.20 13.67 6.44
C ILE A 5 -0.65 12.25 6.60
N ASP A 6 -0.71 11.72 7.82
CA ASP A 6 -0.15 10.45 8.24
C ASP A 6 1.34 10.36 7.87
N LEU A 7 1.91 9.16 7.84
CA LEU A 7 3.24 8.86 7.33
C LEU A 7 3.05 8.16 6.00
N PHE A 8 4.15 7.69 5.42
CA PHE A 8 4.19 7.07 4.11
C PHE A 8 5.53 6.34 3.99
N TYR A 9 5.65 5.32 3.14
CA TYR A 9 6.92 4.70 2.79
C TYR A 9 6.96 4.44 1.29
N THR A 10 7.93 3.65 0.84
CA THR A 10 8.02 3.08 -0.50
C THR A 10 8.53 1.65 -0.41
N PRO A 11 8.51 0.89 -1.52
CA PRO A 11 9.15 -0.40 -1.62
C PRO A 11 10.69 -0.39 -1.50
N GLY A 12 11.34 0.77 -1.40
CA GLY A 12 12.70 0.85 -0.88
C GLY A 12 12.66 1.10 0.62
N GLU A 13 11.83 2.04 1.07
CA GLU A 13 12.00 2.63 2.39
C GLU A 13 11.52 1.73 3.53
N ILE A 14 10.66 0.75 3.24
CA ILE A 14 10.23 -0.25 4.23
C ILE A 14 11.35 -1.26 4.53
N LEU A 15 12.41 -1.29 3.72
CA LEU A 15 13.48 -2.29 3.83
C LEU A 15 14.79 -1.59 4.12
N TYR A 16 15.09 -0.53 3.38
CA TYR A 16 16.39 0.10 3.34
C TYR A 16 16.50 1.21 4.39
N GLY A 17 15.41 1.94 4.61
CA GLY A 17 15.29 3.03 5.58
C GLY A 17 14.39 4.14 5.05
N LYS A 18 13.59 4.81 5.90
CA LYS A 18 12.75 5.91 5.45
C LYS A 18 13.56 7.17 5.23
N ARG A 19 13.27 7.89 4.14
CA ARG A 19 14.15 8.54 3.12
C ARG A 19 15.63 8.82 3.43
N GLU A 20 16.02 8.86 4.70
CA GLU A 20 17.39 8.68 5.13
C GLU A 20 17.39 7.49 6.09
N THR A 21 16.89 7.71 7.31
CA THR A 21 16.98 6.78 8.42
C THR A 21 15.98 7.21 9.52
N GLN A 22 14.86 7.82 9.15
CA GLN A 22 14.01 8.55 10.08
C GLN A 22 13.45 7.66 11.20
N GLN A 23 13.15 6.40 10.87
CA GLN A 23 12.73 5.27 11.69
C GLN A 23 12.44 4.11 10.73
N MET A 24 12.12 2.95 11.26
CA MET A 24 11.41 1.90 10.53
C MET A 24 10.06 1.68 11.21
N PRO A 25 9.04 1.25 10.44
CA PRO A 25 7.71 1.02 11.00
C PRO A 25 7.70 -0.18 11.96
N GLU A 26 6.62 -0.23 12.70
CA GLU A 26 6.24 -1.31 13.59
C GLU A 26 5.63 -2.45 12.77
N VAL A 27 6.00 -3.69 13.06
CA VAL A 27 5.21 -4.84 12.57
C VAL A 27 3.80 -4.81 13.20
N GLY A 28 3.57 -4.03 14.25
CA GLY A 28 2.28 -3.86 14.87
C GLY A 28 1.47 -2.67 14.35
N GLN A 29 1.87 -1.89 13.34
CA GLN A 29 1.20 -0.58 13.11
C GLN A 29 0.51 -0.50 11.77
N ARG A 30 -0.31 0.55 11.61
CA ARG A 30 -0.82 1.00 10.33
C ARG A 30 0.07 2.08 9.72
N LEU A 31 0.14 2.08 8.38
CA LEU A 31 1.00 2.90 7.53
C LEU A 31 0.40 2.99 6.12
N ARG A 32 1.03 3.77 5.23
CA ARG A 32 0.63 3.98 3.82
C ARG A 32 1.87 3.79 2.94
N VAL A 33 1.77 3.21 1.73
CA VAL A 33 2.90 3.14 0.81
C VAL A 33 2.58 3.08 -0.68
N GLY A 34 3.13 4.02 -1.44
CA GLY A 34 3.12 3.99 -2.88
C GLY A 34 4.17 3.01 -3.39
N GLY A 35 3.88 2.46 -4.56
CA GLY A 35 4.78 1.63 -5.35
C GLY A 35 4.11 1.23 -6.67
N MET A 36 4.89 0.71 -7.61
CA MET A 36 4.41 0.25 -8.92
C MET A 36 4.15 -1.24 -8.85
N VAL A 37 2.96 -1.71 -9.20
CA VAL A 37 2.60 -3.13 -9.08
C VAL A 37 3.44 -3.93 -10.06
N MET A 38 4.19 -4.95 -9.61
CA MET A 38 4.87 -5.85 -10.54
C MET A 38 3.85 -6.56 -11.45
N PRO A 39 4.19 -6.70 -12.73
CA PRO A 39 3.40 -7.45 -13.70
C PRO A 39 3.35 -8.92 -13.28
N GLY A 40 2.23 -9.58 -13.55
CA GLY A 40 1.97 -10.97 -13.17
C GLY A 40 1.78 -11.20 -11.66
N SER A 41 2.29 -10.31 -10.79
CA SER A 41 2.30 -10.56 -9.35
C SER A 41 0.89 -10.72 -8.78
N VAL A 42 -0.05 -9.92 -9.29
CA VAL A 42 -1.44 -9.88 -8.88
C VAL A 42 -2.09 -11.24 -9.13
N GLN A 43 -2.09 -12.10 -8.12
CA GLN A 43 -2.97 -13.21 -7.95
C GLN A 43 -4.24 -12.64 -7.33
N ARG A 44 -5.41 -13.15 -7.69
CA ARG A 44 -6.66 -12.88 -6.98
C ARG A 44 -7.31 -14.22 -6.72
N ASP A 45 -8.10 -14.34 -5.66
CA ASP A 45 -8.71 -15.63 -5.33
C ASP A 45 -9.72 -15.95 -6.41
N PRO A 46 -9.84 -17.21 -6.87
CA PRO A 46 -10.75 -17.53 -7.97
C PRO A 46 -12.21 -17.41 -7.54
N ASN A 47 -12.46 -17.38 -6.23
CA ASN A 47 -13.77 -17.46 -5.61
C ASN A 47 -13.97 -16.30 -4.63
N SER A 48 -12.98 -15.42 -4.45
CA SER A 48 -13.00 -14.38 -3.42
C SER A 48 -12.24 -13.14 -3.88
N LEU A 49 -12.45 -12.03 -3.17
CA LEU A 49 -11.88 -10.72 -3.49
C LEU A 49 -10.48 -10.55 -2.89
N LYS A 50 -9.95 -11.60 -2.27
CA LYS A 50 -8.56 -11.66 -1.84
C LYS A 50 -7.65 -11.38 -3.03
N VAL A 51 -6.57 -10.68 -2.77
CA VAL A 51 -5.50 -10.42 -3.69
C VAL A 51 -4.19 -10.73 -2.99
N THR A 52 -3.20 -11.03 -3.81
CA THR A 52 -1.80 -10.98 -3.43
C THR A 52 -1.08 -10.35 -4.62
N PHE A 53 -0.39 -9.23 -4.41
CA PHE A 53 0.48 -8.62 -5.40
C PHE A 53 1.79 -8.18 -4.77
N THR A 54 2.75 -7.80 -5.60
CA THR A 54 4.01 -7.20 -5.19
C THR A 54 4.04 -5.79 -5.78
N ILE A 55 4.64 -4.84 -5.08
CA ILE A 55 4.84 -3.47 -5.53
C ILE A 55 6.32 -3.19 -5.39
N TYR A 56 6.90 -2.51 -6.37
CA TYR A 56 8.31 -2.19 -6.46
C TYR A 56 8.47 -0.74 -6.85
N ASP A 57 9.70 -0.27 -6.90
CA ASP A 57 10.10 0.95 -7.57
C ASP A 57 11.53 0.71 -8.04
N ALA A 58 12.25 1.73 -8.50
CA ALA A 58 13.64 1.63 -8.93
C ALA A 58 14.64 1.22 -7.84
N GLU A 59 14.18 0.83 -6.64
CA GLU A 59 15.01 0.58 -5.46
C GLU A 59 14.84 -0.88 -5.01
N GLY A 60 13.65 -1.23 -4.50
CA GLY A 60 13.35 -2.54 -3.91
C GLY A 60 11.91 -2.94 -4.20
N SER A 61 11.41 -3.98 -3.54
CA SER A 61 9.99 -4.33 -3.61
C SER A 61 9.44 -4.84 -2.27
N VAL A 62 8.11 -4.81 -2.12
CA VAL A 62 7.33 -5.26 -0.97
C VAL A 62 6.13 -6.04 -1.47
N ASP A 63 5.63 -6.95 -0.65
CA ASP A 63 4.43 -7.70 -0.98
C ASP A 63 3.21 -7.00 -0.39
N VAL A 64 2.04 -7.28 -0.94
CA VAL A 64 0.76 -6.76 -0.49
C VAL A 64 -0.26 -7.91 -0.55
N SER A 65 -0.83 -8.21 0.61
CA SER A 65 -2.13 -8.84 0.71
C SER A 65 -3.13 -7.69 0.76
N TYR A 66 -4.16 -7.73 -0.09
CA TYR A 66 -5.37 -6.96 0.09
C TYR A 66 -6.50 -7.99 0.05
N GLU A 67 -7.67 -7.62 0.55
CA GLU A 67 -8.87 -8.40 0.36
C GLU A 67 -10.00 -7.40 0.28
N GLY A 68 -10.61 -7.28 -0.90
CA GLY A 68 -11.81 -6.48 -1.01
C GLY A 68 -11.97 -5.85 -2.38
N ILE A 69 -12.78 -4.81 -2.44
CA ILE A 69 -13.21 -4.21 -3.68
C ILE A 69 -12.07 -3.33 -4.14
N LEU A 70 -11.44 -3.76 -5.22
CA LEU A 70 -10.20 -3.20 -5.68
C LEU A 70 -10.52 -2.00 -6.56
N PRO A 71 -9.67 -0.95 -6.61
CA PRO A 71 -9.88 0.17 -7.52
C PRO A 71 -10.00 -0.39 -8.92
N ASP A 72 -11.02 0.03 -9.66
CA ASP A 72 -11.20 -0.47 -11.01
C ASP A 72 -10.10 0.06 -11.94
N LEU A 73 -9.40 1.12 -11.50
CA LEU A 73 -8.17 1.62 -12.11
C LEU A 73 -6.93 0.78 -11.76
N PHE A 74 -6.90 0.05 -10.64
CA PHE A 74 -5.73 -0.74 -10.25
C PHE A 74 -5.26 -1.66 -11.39
N ARG A 75 -4.00 -1.52 -11.82
CA ARG A 75 -3.44 -2.33 -12.90
C ARG A 75 -2.04 -2.82 -12.57
N GLU A 76 -1.71 -3.89 -13.27
CA GLU A 76 -0.44 -4.57 -13.29
C GLU A 76 0.55 -3.68 -14.04
N GLY A 77 1.31 -2.91 -13.28
CA GLY A 77 2.29 -1.96 -13.76
C GLY A 77 1.82 -0.52 -13.69
N GLN A 78 1.03 -0.12 -12.69
CA GLN A 78 0.82 1.31 -12.39
C GLN A 78 1.25 1.61 -10.95
N GLY A 79 1.43 2.90 -10.65
CA GLY A 79 1.98 3.41 -9.42
C GLY A 79 0.86 3.62 -8.41
N VAL A 80 0.47 2.57 -7.70
CA VAL A 80 -0.64 2.57 -6.75
C VAL A 80 -0.16 3.19 -5.41
N VAL A 81 -1.04 3.27 -4.42
CA VAL A 81 -0.77 3.57 -3.03
C VAL A 81 -1.39 2.43 -2.23
N VAL A 82 -0.70 1.90 -1.23
CA VAL A 82 -1.28 1.00 -0.28
C VAL A 82 -1.50 1.77 0.99
N GLN A 83 -2.32 1.21 1.86
CA GLN A 83 -2.46 1.56 3.25
C GLN A 83 -3.14 0.40 3.92
N GLY A 84 -2.73 0.18 5.15
CA GLY A 84 -3.17 -0.88 6.03
C GLY A 84 -1.97 -1.10 6.93
N GLU A 85 -1.54 -2.33 7.18
CA GLU A 85 -0.72 -2.64 8.33
C GLU A 85 0.44 -3.51 7.92
N LEU A 86 1.52 -3.42 8.68
CA LEU A 86 2.72 -4.16 8.42
C LEU A 86 2.49 -5.63 8.80
N GLU A 87 2.84 -6.57 7.92
CA GLU A 87 2.58 -8.00 8.14
C GLU A 87 3.71 -8.62 8.94
N LYS A 88 4.93 -8.61 8.38
CA LYS A 88 6.08 -9.23 9.02
C LYS A 88 7.41 -8.57 8.68
N GLY A 89 7.91 -8.76 7.46
CA GLY A 89 9.21 -8.24 7.08
C GLY A 89 9.02 -7.01 6.21
N ASN A 90 8.62 -7.25 4.98
CA ASN A 90 8.42 -6.22 3.96
C ASN A 90 7.12 -6.54 3.21
N HIS A 91 6.06 -6.89 3.95
CA HIS A 91 4.74 -7.24 3.42
C HIS A 91 3.72 -6.40 4.15
N ILE A 92 2.76 -5.83 3.43
CA ILE A 92 1.68 -4.99 3.91
C ILE A 92 0.36 -5.76 3.76
N LEU A 93 -0.44 -5.80 4.83
CA LEU A 93 -1.87 -6.03 4.73
C LEU A 93 -2.44 -4.69 4.34
N ALA A 94 -2.57 -4.42 3.05
CA ALA A 94 -3.45 -3.37 2.62
C ALA A 94 -4.86 -3.57 3.19
N LYS A 95 -5.55 -2.44 3.38
CA LYS A 95 -6.90 -2.27 3.89
C LYS A 95 -7.77 -1.52 2.89
N GLU A 96 -7.20 -0.90 1.84
CA GLU A 96 -8.00 -0.23 0.82
C GLU A 96 -7.44 -0.30 -0.60
N VAL A 97 -6.13 -0.06 -0.77
CA VAL A 97 -5.45 0.09 -2.06
C VAL A 97 -6.04 1.25 -2.89
N LEU A 98 -5.19 2.09 -3.46
CA LEU A 98 -5.61 3.27 -4.21
C LEU A 98 -4.76 3.35 -5.47
N ALA A 99 -5.28 3.91 -6.55
CA ALA A 99 -4.66 3.83 -7.87
C ALA A 99 -4.10 5.19 -8.33
N LYS A 100 -3.69 6.03 -7.37
CA LYS A 100 -3.23 7.41 -7.61
C LYS A 100 -4.15 8.22 -8.54
N HIS A 101 -5.45 7.93 -8.51
CA HIS A 101 -6.58 8.65 -9.09
C HIS A 101 -6.82 9.95 -8.29
N ASP A 102 -5.75 10.64 -7.92
CA ASP A 102 -5.68 11.83 -7.08
C ASP A 102 -6.08 11.54 -5.63
N GLU A 103 -7.35 11.19 -5.40
CA GLU A 103 -8.01 10.91 -4.12
C GLU A 103 -8.09 12.17 -3.24
N ASN A 104 -9.07 12.22 -2.34
CA ASN A 104 -9.37 13.40 -1.55
C ASN A 104 -9.88 13.02 -0.16
N TYR A 105 -10.88 12.13 -0.09
CA TYR A 105 -11.58 11.64 1.09
C TYR A 105 -12.39 12.76 1.75
N THR A 106 -13.72 12.66 1.64
CA THR A 106 -14.64 13.56 2.30
C THR A 106 -14.76 13.11 3.77
N PRO A 107 -14.60 14.03 4.75
CA PRO A 107 -14.67 13.71 6.18
C PRO A 107 -16.12 13.39 6.62
N PRO A 108 -16.36 13.02 7.89
CA PRO A 108 -17.71 12.82 8.41
C PRO A 108 -18.55 14.09 8.46
N GLU A 109 -17.94 15.18 8.93
CA GLU A 109 -18.65 16.40 9.30
C GLU A 109 -19.02 17.20 8.05
N VAL A 110 -19.81 16.58 7.17
CA VAL A 110 -20.30 17.13 5.92
C VAL A 110 -21.44 16.22 5.46
N GLU A 111 -21.18 14.91 5.37
CA GLU A 111 -22.06 13.96 4.71
C GLU A 111 -23.37 13.81 5.49
N LYS A 112 -23.27 13.45 6.77
CA LYS A 112 -24.41 13.18 7.65
C LYS A 112 -24.06 13.55 9.10
N ALA A 113 -23.05 14.39 9.31
CA ALA A 113 -22.65 14.94 10.59
C ALA A 113 -22.36 16.44 10.51
N MET A 114 -23.03 17.15 9.59
CA MET A 114 -23.39 18.54 9.83
C MET A 114 -24.54 18.46 10.83
N LEU A 1 9.49 22.14 10.61
CA LEU A 1 9.14 20.80 11.07
C LEU A 1 7.64 20.80 11.36
N ARG A 2 6.88 19.83 10.82
CA ARG A 2 5.50 19.59 11.21
C ARG A 2 5.23 18.08 11.13
N SER A 3 4.22 17.61 11.85
CA SER A 3 3.90 16.18 11.92
C SER A 3 2.41 16.11 12.28
N ASN A 4 1.53 15.99 11.29
CA ASN A 4 0.09 16.04 11.53
C ASN A 4 -0.68 15.12 10.59
N ILE A 5 -0.51 15.31 9.28
CA ILE A 5 -1.02 14.39 8.27
C ILE A 5 -0.24 13.07 8.46
N ASP A 6 -0.85 11.95 8.08
CA ASP A 6 -0.30 10.59 8.04
C ASP A 6 1.17 10.56 7.60
N LEU A 7 1.92 9.54 8.06
CA LEU A 7 3.16 9.16 7.42
C LEU A 7 2.86 8.49 6.07
N PHE A 8 3.93 8.08 5.41
CA PHE A 8 3.90 7.39 4.13
C PHE A 8 5.24 6.66 3.97
N TYR A 9 5.29 5.51 3.33
CA TYR A 9 6.53 4.82 2.97
C TYR A 9 6.42 4.20 1.56
N THR A 10 7.43 3.47 1.11
CA THR A 10 7.49 2.90 -0.23
C THR A 10 8.01 1.46 -0.27
N PRO A 11 7.97 0.76 -1.42
CA PRO A 11 8.63 -0.52 -1.59
C PRO A 11 10.15 -0.51 -1.46
N GLY A 12 10.84 0.63 -1.41
CA GLY A 12 12.24 0.67 -0.98
C GLY A 12 12.39 1.05 0.49
N GLU A 13 11.62 2.02 1.00
CA GLU A 13 12.04 2.72 2.21
C GLU A 13 11.73 1.92 3.50
N ILE A 14 10.87 0.90 3.41
CA ILE A 14 10.55 -0.05 4.48
C ILE A 14 11.62 -1.16 4.55
N LEU A 15 12.36 -1.45 3.47
CA LEU A 15 13.44 -2.44 3.50
C LEU A 15 14.76 -1.76 3.85
N TYR A 16 15.11 -0.76 3.05
CA TYR A 16 16.39 -0.06 3.07
C TYR A 16 16.41 0.87 4.27
N GLY A 17 15.53 1.87 4.29
CA GLY A 17 15.50 2.95 5.24
C GLY A 17 14.71 4.11 4.67
N LYS A 18 14.09 4.92 5.55
CA LYS A 18 13.36 6.11 5.12
C LYS A 18 14.27 7.00 4.29
N ARG A 19 13.66 7.78 3.38
CA ARG A 19 14.29 8.58 2.33
C ARG A 19 15.56 9.40 2.60
N GLU A 20 15.95 9.66 3.85
CA GLU A 20 17.33 9.98 4.19
C GLU A 20 17.85 8.99 5.23
N THR A 21 17.22 9.00 6.42
CA THR A 21 17.56 8.17 7.57
C THR A 21 16.48 8.28 8.68
N GLN A 22 15.24 8.69 8.36
CA GLN A 22 14.32 9.29 9.34
C GLN A 22 14.06 8.35 10.52
N GLN A 23 13.60 7.12 10.22
CA GLN A 23 13.29 6.01 11.13
C GLN A 23 12.67 4.90 10.31
N MET A 24 12.52 3.71 10.89
CA MET A 24 11.85 2.56 10.29
C MET A 24 10.46 2.41 10.88
N PRO A 25 9.51 1.76 10.20
CA PRO A 25 8.20 1.45 10.76
C PRO A 25 8.28 0.30 11.78
N GLU A 26 7.28 0.25 12.64
CA GLU A 26 6.94 -0.85 13.53
C GLU A 26 6.21 -1.92 12.73
N VAL A 27 6.27 -3.15 13.21
CA VAL A 27 5.65 -4.33 12.60
C VAL A 27 4.20 -4.49 13.06
N GLY A 28 3.78 -3.70 14.05
CA GLY A 28 2.44 -3.68 14.61
C GLY A 28 1.91 -2.26 14.63
N GLN A 29 2.21 -1.47 13.58
CA GLN A 29 1.60 -0.16 13.40
C GLN A 29 0.88 -0.12 12.06
N ARG A 30 0.04 0.90 11.93
CA ARG A 30 -0.63 1.24 10.68
C ARG A 30 0.26 2.15 9.85
N LEU A 31 0.16 2.08 8.52
CA LEU A 31 0.98 2.86 7.61
C LEU A 31 0.39 2.89 6.19
N ARG A 32 0.87 3.83 5.36
CA ARG A 32 0.41 4.11 4.00
C ARG A 32 1.57 3.99 2.99
N VAL A 33 1.67 2.87 2.28
CA VAL A 33 2.68 2.67 1.24
C VAL A 33 2.26 3.35 -0.06
N GLY A 34 3.20 3.64 -0.97
CA GLY A 34 2.92 3.64 -2.40
C GLY A 34 4.12 3.20 -3.22
N GLY A 35 3.87 2.62 -4.40
CA GLY A 35 4.86 2.02 -5.28
C GLY A 35 4.18 1.32 -6.45
N MET A 36 4.94 0.68 -7.33
CA MET A 36 4.44 0.19 -8.62
C MET A 36 4.19 -1.30 -8.58
N VAL A 37 3.00 -1.76 -8.96
CA VAL A 37 2.64 -3.18 -8.97
C VAL A 37 3.50 -3.90 -10.01
N MET A 38 4.21 -4.96 -9.62
CA MET A 38 4.89 -5.84 -10.57
C MET A 38 3.90 -6.42 -11.59
N PRO A 39 4.39 -6.73 -12.80
CA PRO A 39 3.60 -7.36 -13.84
C PRO A 39 3.22 -8.76 -13.36
N GLY A 40 1.92 -9.05 -13.31
CA GLY A 40 1.43 -10.38 -13.01
C GLY A 40 1.63 -10.86 -11.57
N SER A 41 2.16 -10.03 -10.66
CA SER A 41 2.29 -10.44 -9.26
C SER A 41 0.91 -10.66 -8.63
N VAL A 42 -0.12 -10.01 -9.16
CA VAL A 42 -1.50 -10.10 -8.72
C VAL A 42 -1.98 -11.55 -8.83
N GLN A 43 -2.09 -12.22 -7.69
CA GLN A 43 -2.70 -13.52 -7.51
C GLN A 43 -4.14 -13.46 -7.95
N ARG A 44 -4.94 -12.67 -7.20
CA ARG A 44 -6.40 -12.48 -7.22
C ARG A 44 -7.24 -13.74 -7.35
N ASP A 45 -8.20 -13.89 -6.46
CA ASP A 45 -9.05 -15.07 -6.41
C ASP A 45 -10.10 -14.89 -7.49
N PRO A 46 -10.20 -15.76 -8.51
CA PRO A 46 -11.23 -15.63 -9.51
C PRO A 46 -12.61 -16.00 -8.96
N ASN A 47 -12.72 -16.53 -7.74
CA ASN A 47 -13.96 -16.99 -7.12
C ASN A 47 -14.13 -16.40 -5.72
N SER A 48 -13.26 -15.49 -5.29
CA SER A 48 -13.39 -14.75 -4.04
C SER A 48 -12.98 -13.30 -4.32
N LEU A 49 -12.78 -12.49 -3.28
CA LEU A 49 -12.27 -11.12 -3.39
C LEU A 49 -10.86 -11.02 -2.79
N LYS A 50 -10.34 -12.09 -2.18
CA LYS A 50 -8.96 -12.18 -1.76
C LYS A 50 -8.05 -11.97 -2.96
N VAL A 51 -6.94 -11.29 -2.72
CA VAL A 51 -5.93 -11.04 -3.73
C VAL A 51 -4.61 -10.80 -2.98
N THR A 52 -3.49 -11.25 -3.54
CA THR A 52 -2.17 -10.81 -3.09
C THR A 52 -1.49 -10.21 -4.32
N PHE A 53 -0.58 -9.25 -4.14
CA PHE A 53 0.30 -8.76 -5.19
C PHE A 53 1.65 -8.38 -4.58
N THR A 54 2.57 -7.95 -5.43
CA THR A 54 3.85 -7.38 -5.03
C THR A 54 3.97 -6.01 -5.72
N ILE A 55 4.46 -5.02 -4.99
CA ILE A 55 4.74 -3.66 -5.43
C ILE A 55 6.24 -3.44 -5.26
N TYR A 56 6.88 -2.70 -6.16
CA TYR A 56 8.31 -2.51 -6.22
C TYR A 56 8.65 -1.07 -6.58
N ASP A 57 9.94 -0.71 -6.49
CA ASP A 57 10.49 0.58 -6.91
C ASP A 57 11.91 0.38 -7.43
N ALA A 58 12.71 1.44 -7.57
CA ALA A 58 14.09 1.36 -8.04
C ALA A 58 15.05 0.63 -7.08
N GLU A 59 14.56 0.21 -5.91
CA GLU A 59 15.34 -0.34 -4.81
C GLU A 59 14.92 -1.81 -4.70
N GLY A 60 13.78 -2.03 -4.06
CA GLY A 60 13.29 -3.35 -3.68
C GLY A 60 11.79 -3.48 -3.91
N SER A 61 11.15 -4.40 -3.19
CA SER A 61 9.73 -4.66 -3.33
C SER A 61 9.11 -5.14 -2.02
N VAL A 62 7.77 -5.12 -1.94
CA VAL A 62 6.99 -5.49 -0.77
C VAL A 62 5.80 -6.33 -1.22
N ASP A 63 5.50 -7.39 -0.47
CA ASP A 63 4.32 -8.21 -0.66
C ASP A 63 3.11 -7.41 -0.13
N VAL A 64 1.92 -7.64 -0.68
CA VAL A 64 0.67 -7.06 -0.22
C VAL A 64 -0.43 -8.12 -0.21
N SER A 65 -1.12 -8.28 0.91
CA SER A 65 -2.39 -9.01 1.01
C SER A 65 -3.54 -7.99 0.98
N TYR A 66 -4.61 -8.26 0.21
CA TYR A 66 -5.84 -7.50 0.20
C TYR A 66 -7.01 -8.48 0.04
N GLU A 67 -8.22 -7.94 0.22
CA GLU A 67 -9.49 -8.60 0.10
C GLU A 67 -10.44 -7.48 -0.34
N GLY A 68 -10.85 -7.47 -1.60
CA GLY A 68 -11.84 -6.51 -2.06
C GLY A 68 -12.06 -6.61 -3.56
N ILE A 69 -12.71 -5.59 -4.11
CA ILE A 69 -13.03 -5.54 -5.54
C ILE A 69 -11.86 -5.03 -6.38
N LEU A 70 -10.93 -4.34 -5.72
CA LEU A 70 -9.86 -3.49 -6.25
C LEU A 70 -10.41 -2.22 -6.91
N PRO A 71 -9.63 -1.13 -6.91
CA PRO A 71 -9.96 0.03 -7.71
C PRO A 71 -9.92 -0.38 -9.19
N ASP A 72 -10.86 0.10 -10.00
CA ASP A 72 -10.79 -0.03 -11.47
C ASP A 72 -9.63 0.80 -12.02
N LEU A 73 -9.05 1.68 -11.21
CA LEU A 73 -7.86 2.40 -11.60
C LEU A 73 -6.59 1.54 -11.50
N PHE A 74 -6.58 0.53 -10.63
CA PHE A 74 -5.47 -0.38 -10.37
C PHE A 74 -5.10 -1.21 -11.59
N ARG A 75 -3.82 -1.23 -11.99
CA ARG A 75 -3.28 -2.04 -13.08
C ARG A 75 -1.92 -2.62 -12.68
N GLU A 76 -1.39 -3.53 -13.49
CA GLU A 76 -0.22 -4.34 -13.16
C GLU A 76 0.99 -3.74 -13.85
N GLY A 77 1.53 -2.70 -13.23
CA GLY A 77 2.57 -1.85 -13.80
C GLY A 77 2.25 -0.36 -13.65
N GLN A 78 1.54 0.04 -12.60
CA GLN A 78 1.33 1.45 -12.26
C GLN A 78 1.56 1.69 -10.77
N GLY A 79 1.67 2.97 -10.40
CA GLY A 79 1.88 3.46 -9.05
C GLY A 79 0.56 3.46 -8.27
N VAL A 80 0.53 2.74 -7.16
CA VAL A 80 -0.64 2.56 -6.30
C VAL A 80 -0.29 3.08 -4.90
N VAL A 81 -1.28 3.20 -4.00
CA VAL A 81 -1.14 3.55 -2.60
C VAL A 81 -1.90 2.49 -1.78
N VAL A 82 -1.17 1.54 -1.20
CA VAL A 82 -1.71 0.64 -0.21
C VAL A 82 -1.73 1.40 1.11
N GLN A 83 -2.55 0.93 2.03
CA GLN A 83 -2.66 1.43 3.37
C GLN A 83 -3.19 0.28 4.20
N GLY A 84 -2.67 0.06 5.40
CA GLY A 84 -3.23 -0.93 6.29
C GLY A 84 -2.27 -1.13 7.44
N GLU A 85 -1.53 -2.24 7.50
CA GLU A 85 -0.67 -2.54 8.63
C GLU A 85 0.51 -3.35 8.15
N LEU A 86 1.58 -3.33 8.93
CA LEU A 86 2.76 -4.13 8.67
C LEU A 86 2.53 -5.56 9.17
N GLU A 87 3.09 -6.59 8.51
CA GLU A 87 3.01 -7.98 8.98
C GLU A 87 4.33 -8.43 9.61
N LYS A 88 5.38 -8.47 8.78
CA LYS A 88 6.70 -9.05 8.98
C LYS A 88 7.37 -9.10 7.62
N GLY A 89 8.70 -9.17 7.57
CA GLY A 89 9.46 -9.49 6.37
C GLY A 89 9.19 -8.55 5.20
N ASN A 90 8.72 -7.34 5.48
CA ASN A 90 8.37 -6.30 4.51
C ASN A 90 7.07 -6.60 3.76
N HIS A 91 6.12 -7.33 4.37
CA HIS A 91 4.76 -7.57 3.85
C HIS A 91 3.81 -6.56 4.49
N ILE A 92 2.97 -5.92 3.67
CA ILE A 92 1.87 -5.04 4.05
C ILE A 92 0.56 -5.81 3.99
N LEU A 93 -0.22 -5.74 5.06
CA LEU A 93 -1.65 -5.99 4.98
C LEU A 93 -2.23 -4.71 4.45
N ALA A 94 -2.80 -4.74 3.25
CA ALA A 94 -3.68 -3.68 2.85
C ALA A 94 -4.96 -3.75 3.68
N LYS A 95 -5.65 -2.61 3.70
CA LYS A 95 -7.01 -2.47 4.19
C LYS A 95 -7.93 -1.96 3.09
N GLU A 96 -7.41 -1.22 2.10
CA GLU A 96 -8.26 -0.57 1.10
C GLU A 96 -7.75 -0.62 -0.34
N VAL A 97 -6.44 -0.43 -0.57
CA VAL A 97 -5.81 -0.30 -1.89
C VAL A 97 -6.39 0.87 -2.69
N LEU A 98 -5.50 1.74 -3.19
CA LEU A 98 -5.85 2.87 -4.04
C LEU A 98 -4.86 2.92 -5.19
N ALA A 99 -5.22 3.55 -6.29
CA ALA A 99 -4.41 3.59 -7.51
C ALA A 99 -4.12 5.05 -7.89
N LYS A 100 -3.88 5.88 -6.86
CA LYS A 100 -3.59 7.31 -7.00
C LYS A 100 -4.54 8.02 -7.95
N HIS A 101 -5.85 7.93 -7.63
CA HIS A 101 -6.87 8.67 -8.36
C HIS A 101 -6.78 10.11 -7.85
N ASP A 102 -7.54 10.48 -6.82
CA ASP A 102 -7.62 11.86 -6.33
C ASP A 102 -8.23 11.86 -4.92
N GLU A 103 -7.74 10.95 -4.07
CA GLU A 103 -8.04 10.92 -2.65
C GLU A 103 -6.98 11.76 -1.96
N ASN A 104 -7.37 12.91 -1.39
CA ASN A 104 -6.50 13.79 -0.60
C ASN A 104 -7.13 14.02 0.77
N TYR A 105 -7.85 13.02 1.28
CA TYR A 105 -8.58 13.09 2.54
C TYR A 105 -8.68 11.66 3.10
N THR A 106 -8.98 11.52 4.39
CA THR A 106 -9.35 10.24 4.99
C THR A 106 -10.65 10.49 5.76
N PRO A 107 -11.80 9.91 5.34
CA PRO A 107 -13.08 10.20 5.97
C PRO A 107 -13.10 9.74 7.44
N PRO A 108 -13.72 10.52 8.33
CA PRO A 108 -13.42 10.46 9.76
C PRO A 108 -13.78 9.12 10.39
N GLU A 109 -15.04 8.73 10.27
CA GLU A 109 -15.66 7.64 11.01
C GLU A 109 -15.19 6.26 10.52
N VAL A 110 -14.20 6.24 9.64
CA VAL A 110 -13.75 5.13 8.82
C VAL A 110 -12.29 4.83 9.16
N GLU A 111 -11.60 5.77 9.81
CA GLU A 111 -10.27 5.60 10.34
C GLU A 111 -10.26 4.47 11.37
N LYS A 112 -11.30 4.39 12.21
CA LYS A 112 -11.50 3.27 13.12
C LYS A 112 -12.49 2.36 12.44
N ALA A 113 -12.05 1.16 12.06
CA ALA A 113 -12.90 0.18 11.40
C ALA A 113 -14.17 -0.05 12.22
N MET A 114 -15.34 0.12 11.60
CA MET A 114 -16.67 -0.05 12.19
C MET A 114 -17.49 -0.93 11.26
N LEU A 1 8.19 15.46 17.71
CA LEU A 1 8.15 15.65 16.25
C LEU A 1 6.95 16.54 15.92
N ARG A 2 6.55 16.70 14.64
CA ARG A 2 5.27 17.33 14.30
C ARG A 2 4.67 16.82 13.00
N SER A 3 5.47 16.65 11.96
CA SER A 3 5.06 16.17 10.64
C SER A 3 4.12 17.11 9.88
N ASN A 4 2.89 17.34 10.35
CA ASN A 4 1.70 17.66 9.55
C ASN A 4 1.38 16.51 8.59
N ILE A 5 0.10 16.15 8.50
CA ILE A 5 -0.44 14.99 7.78
C ILE A 5 0.14 13.68 8.38
N ASP A 6 -0.45 12.54 8.04
CA ASP A 6 -0.02 11.21 8.43
C ASP A 6 1.28 10.84 7.69
N LEU A 7 1.92 9.71 8.02
CA LEU A 7 3.11 9.17 7.38
C LEU A 7 2.81 8.63 5.97
N PHE A 8 3.83 8.04 5.34
CA PHE A 8 3.84 7.32 4.07
C PHE A 8 5.23 6.67 3.94
N TYR A 9 5.37 5.62 3.12
CA TYR A 9 6.62 4.91 2.83
C TYR A 9 6.59 4.37 1.39
N THR A 10 7.65 3.68 0.97
CA THR A 10 7.79 3.06 -0.33
C THR A 10 8.34 1.61 -0.22
N PRO A 11 8.21 0.78 -1.28
CA PRO A 11 8.81 -0.55 -1.36
C PRO A 11 10.30 -0.40 -1.64
N GLY A 12 11.01 0.06 -0.63
CA GLY A 12 12.34 0.60 -0.70
C GLY A 12 12.60 1.20 0.66
N GLU A 13 11.90 2.26 1.06
CA GLU A 13 12.10 2.84 2.38
C GLU A 13 11.82 1.83 3.50
N ILE A 14 10.86 0.92 3.31
CA ILE A 14 10.50 -0.13 4.27
C ILE A 14 11.61 -1.21 4.41
N LEU A 15 12.62 -1.23 3.53
CA LEU A 15 13.66 -2.27 3.51
C LEU A 15 15.06 -1.67 3.62
N TYR A 16 15.27 -0.46 3.11
CA TYR A 16 16.53 0.28 3.08
C TYR A 16 16.61 1.31 4.22
N GLY A 17 15.48 1.69 4.82
CA GLY A 17 15.37 2.80 5.76
C GLY A 17 14.70 4.00 5.08
N LYS A 18 13.94 4.81 5.82
CA LYS A 18 13.22 5.96 5.30
C LYS A 18 14.21 6.97 4.74
N ARG A 19 13.93 7.62 3.58
CA ARG A 19 14.91 8.16 2.64
C ARG A 19 16.30 8.34 3.23
N GLU A 20 16.53 9.39 4.03
CA GLU A 20 17.77 9.54 4.75
C GLU A 20 17.88 8.42 5.79
N THR A 21 17.33 8.65 6.99
CA THR A 21 17.52 7.79 8.16
C THR A 21 16.62 8.31 9.30
N GLN A 22 15.41 8.79 8.96
CA GLN A 22 14.63 9.53 9.94
C GLN A 22 14.01 8.54 10.93
N GLN A 23 13.48 7.40 10.47
CA GLN A 23 13.17 6.19 11.24
C GLN A 23 12.70 5.04 10.31
N MET A 24 12.25 3.90 10.85
CA MET A 24 11.55 2.81 10.12
C MET A 24 10.21 2.50 10.82
N PRO A 25 9.26 1.79 10.16
CA PRO A 25 7.97 1.45 10.76
C PRO A 25 8.04 0.17 11.60
N GLU A 26 7.12 0.05 12.55
CA GLU A 26 6.94 -1.12 13.40
C GLU A 26 6.12 -2.20 12.68
N VAL A 27 6.46 -3.47 12.93
CA VAL A 27 5.72 -4.67 12.52
C VAL A 27 4.32 -4.75 13.15
N GLY A 28 4.09 -4.06 14.25
CA GLY A 28 2.78 -3.87 14.83
C GLY A 28 2.42 -2.40 14.72
N GLN A 29 2.37 -1.83 13.51
CA GLN A 29 1.58 -0.61 13.34
C GLN A 29 0.91 -0.54 11.98
N ARG A 30 0.11 0.52 11.78
CA ARG A 30 -0.43 0.90 10.49
C ARG A 30 0.60 1.73 9.72
N LEU A 31 0.57 1.65 8.39
CA LEU A 31 1.25 2.54 7.50
C LEU A 31 0.69 2.52 6.08
N ARG A 32 1.06 3.55 5.30
CA ARG A 32 0.80 3.71 3.88
C ARG A 32 2.07 3.38 3.11
N VAL A 33 1.95 2.70 1.97
CA VAL A 33 3.02 2.47 1.02
C VAL A 33 2.55 2.93 -0.36
N GLY A 34 3.41 3.57 -1.15
CA GLY A 34 3.20 3.75 -2.58
C GLY A 34 4.35 3.11 -3.34
N GLY A 35 4.02 2.40 -4.41
CA GLY A 35 4.94 1.64 -5.26
C GLY A 35 4.33 1.46 -6.64
N MET A 36 4.86 0.52 -7.43
CA MET A 36 4.39 0.12 -8.75
C MET A 36 4.16 -1.38 -8.79
N VAL A 37 2.97 -1.85 -9.21
CA VAL A 37 2.60 -3.26 -9.20
C VAL A 37 3.51 -3.99 -10.18
N MET A 38 4.13 -5.09 -9.77
CA MET A 38 4.84 -5.95 -10.70
C MET A 38 3.84 -6.56 -11.68
N PRO A 39 4.05 -6.37 -12.99
CA PRO A 39 3.29 -7.04 -14.02
C PRO A 39 3.66 -8.51 -13.96
N GLY A 40 2.76 -9.33 -13.40
CA GLY A 40 2.97 -10.76 -13.22
C GLY A 40 2.79 -11.19 -11.78
N SER A 41 2.60 -10.26 -10.83
CA SER A 41 2.43 -10.63 -9.42
C SER A 41 0.97 -10.90 -9.07
N VAL A 42 0.04 -10.04 -9.53
CA VAL A 42 -1.34 -10.02 -9.08
C VAL A 42 -2.02 -11.38 -9.31
N GLN A 43 -2.19 -12.13 -8.21
CA GLN A 43 -2.94 -13.39 -8.16
C GLN A 43 -4.42 -13.14 -8.43
N ARG A 44 -5.07 -12.42 -7.51
CA ARG A 44 -6.51 -12.48 -7.21
C ARG A 44 -6.98 -13.90 -6.89
N ASP A 45 -8.17 -14.04 -6.32
CA ASP A 45 -8.86 -15.31 -6.15
C ASP A 45 -10.05 -15.29 -7.09
N PRO A 46 -10.37 -16.38 -7.83
CA PRO A 46 -11.53 -16.38 -8.68
C PRO A 46 -12.82 -16.75 -7.95
N ASN A 47 -12.74 -17.21 -6.70
CA ASN A 47 -13.90 -17.58 -5.89
C ASN A 47 -14.12 -16.60 -4.77
N SER A 48 -13.11 -15.81 -4.39
CA SER A 48 -13.18 -14.88 -3.27
C SER A 48 -12.65 -13.52 -3.71
N LEU A 49 -12.71 -12.51 -2.84
CA LEU A 49 -12.21 -11.16 -3.15
C LEU A 49 -10.77 -10.99 -2.66
N LYS A 50 -10.13 -12.04 -2.15
CA LYS A 50 -8.73 -11.98 -1.71
C LYS A 50 -7.85 -11.78 -2.93
N VAL A 51 -6.76 -11.04 -2.76
CA VAL A 51 -5.85 -10.70 -3.84
C VAL A 51 -4.51 -10.34 -3.18
N THR A 52 -3.42 -10.90 -3.71
CA THR A 52 -2.07 -10.82 -3.15
C THR A 52 -1.12 -10.41 -4.25
N PHE A 53 -0.58 -9.18 -4.22
CA PHE A 53 0.25 -8.66 -5.29
C PHE A 53 1.61 -8.24 -4.74
N THR A 54 2.58 -8.01 -5.61
CA THR A 54 3.87 -7.48 -5.23
C THR A 54 3.97 -6.11 -5.89
N ILE A 55 4.58 -5.17 -5.18
CA ILE A 55 4.82 -3.81 -5.62
C ILE A 55 6.30 -3.54 -5.43
N TYR A 56 6.88 -2.75 -6.33
CA TYR A 56 8.29 -2.46 -6.37
C TYR A 56 8.50 -0.97 -6.62
N ASP A 57 9.75 -0.58 -6.53
CA ASP A 57 10.26 0.71 -7.03
C ASP A 57 11.75 0.53 -7.34
N ALA A 58 12.47 1.61 -7.61
CA ALA A 58 13.87 1.62 -8.01
C ALA A 58 14.82 1.04 -6.96
N GLU A 59 14.32 0.76 -5.76
CA GLU A 59 15.08 0.29 -4.61
C GLU A 59 14.81 -1.20 -4.47
N GLY A 60 13.60 -1.57 -4.07
CA GLY A 60 13.26 -2.93 -3.73
C GLY A 60 11.82 -3.25 -4.05
N SER A 61 11.23 -4.19 -3.32
CA SER A 61 9.86 -4.61 -3.53
C SER A 61 9.27 -5.21 -2.25
N VAL A 62 7.93 -5.34 -2.19
CA VAL A 62 7.18 -5.90 -1.06
C VAL A 62 5.95 -6.61 -1.59
N ASP A 63 5.44 -7.57 -0.81
CA ASP A 63 4.13 -8.14 -1.06
C ASP A 63 3.06 -7.32 -0.38
N VAL A 64 1.83 -7.55 -0.81
CA VAL A 64 0.63 -7.07 -0.17
C VAL A 64 -0.36 -8.24 -0.05
N SER A 65 -1.29 -8.16 0.90
CA SER A 65 -2.55 -8.89 0.89
C SER A 65 -3.63 -7.82 0.92
N TYR A 66 -4.65 -7.95 0.10
CA TYR A 66 -5.88 -7.18 0.13
C TYR A 66 -7.04 -8.17 0.04
N GLU A 67 -8.23 -7.71 0.40
CA GLU A 67 -9.46 -8.42 0.16
C GLU A 67 -10.50 -7.38 -0.22
N GLY A 68 -10.80 -7.31 -1.51
CA GLY A 68 -11.74 -6.41 -2.11
C GLY A 68 -11.62 -6.50 -3.61
N ILE A 69 -12.63 -5.99 -4.30
CA ILE A 69 -12.86 -6.27 -5.71
C ILE A 69 -11.89 -5.52 -6.63
N LEU A 70 -11.33 -4.43 -6.11
CA LEU A 70 -10.31 -3.54 -6.62
C LEU A 70 -10.86 -2.40 -7.45
N PRO A 71 -10.17 -1.24 -7.44
CA PRO A 71 -10.54 -0.11 -8.25
C PRO A 71 -10.44 -0.48 -9.74
N ASP A 72 -11.27 0.15 -10.55
CA ASP A 72 -11.14 0.22 -12.01
C ASP A 72 -9.79 0.84 -12.38
N LEU A 73 -9.31 1.71 -11.48
CA LEU A 73 -8.07 2.44 -11.51
C LEU A 73 -6.84 1.61 -11.10
N PHE A 74 -6.94 0.43 -10.48
CA PHE A 74 -5.75 -0.36 -10.15
C PHE A 74 -5.42 -1.18 -11.38
N ARG A 75 -4.17 -1.15 -11.88
CA ARG A 75 -3.73 -2.04 -12.93
C ARG A 75 -2.36 -2.62 -12.61
N GLU A 76 -2.05 -3.70 -13.32
CA GLU A 76 -0.77 -4.38 -13.31
C GLU A 76 0.23 -3.52 -14.08
N GLY A 77 1.18 -2.91 -13.38
CA GLY A 77 2.23 -2.08 -13.95
C GLY A 77 1.87 -0.60 -13.89
N GLN A 78 1.24 -0.14 -12.81
CA GLN A 78 1.11 1.29 -12.50
C GLN A 78 1.29 1.57 -11.02
N GLY A 79 1.38 2.86 -10.69
CA GLY A 79 1.42 3.34 -9.33
C GLY A 79 0.12 3.03 -8.59
N VAL A 80 0.23 2.58 -7.35
CA VAL A 80 -0.87 2.41 -6.39
C VAL A 80 -0.39 2.98 -5.04
N VAL A 81 -1.28 3.16 -4.08
CA VAL A 81 -0.98 3.45 -2.69
C VAL A 81 -1.76 2.44 -1.85
N VAL A 82 -1.10 1.46 -1.26
CA VAL A 82 -1.69 0.63 -0.22
C VAL A 82 -1.63 1.43 1.09
N GLN A 83 -2.51 1.04 2.00
CA GLN A 83 -2.65 1.52 3.35
C GLN A 83 -3.18 0.36 4.14
N GLY A 84 -2.67 0.18 5.35
CA GLY A 84 -3.18 -0.78 6.31
C GLY A 84 -2.03 -0.98 7.26
N GLU A 85 -1.49 -2.19 7.39
CA GLU A 85 -0.63 -2.57 8.51
C GLU A 85 0.53 -3.45 8.05
N LEU A 86 1.61 -3.48 8.83
CA LEU A 86 2.79 -4.27 8.55
C LEU A 86 2.54 -5.73 9.01
N GLU A 87 3.03 -6.74 8.29
CA GLU A 87 2.79 -8.15 8.58
C GLU A 87 3.93 -8.70 9.45
N LYS A 88 5.11 -8.88 8.87
CA LYS A 88 6.34 -9.23 9.56
C LYS A 88 7.50 -8.48 8.93
N GLY A 89 8.08 -9.06 7.88
CA GLY A 89 9.30 -8.56 7.30
C GLY A 89 9.03 -7.21 6.65
N ASN A 90 8.29 -7.23 5.55
CA ASN A 90 8.07 -6.05 4.71
C ASN A 90 6.70 -6.03 4.06
N HIS A 91 5.84 -6.99 4.39
CA HIS A 91 4.59 -7.28 3.69
C HIS A 91 3.52 -6.44 4.34
N ILE A 92 2.66 -5.82 3.54
CA ILE A 92 1.63 -4.91 3.98
C ILE A 92 0.27 -5.60 3.84
N LEU A 93 -0.51 -5.62 4.91
CA LEU A 93 -1.93 -5.92 4.89
C LEU A 93 -2.56 -4.64 4.39
N ALA A 94 -2.98 -4.64 3.14
CA ALA A 94 -3.75 -3.56 2.57
C ALA A 94 -5.19 -3.65 3.08
N LYS A 95 -5.71 -2.51 3.50
CA LYS A 95 -7.05 -2.34 4.03
C LYS A 95 -8.01 -1.77 2.99
N GLU A 96 -7.50 -1.10 1.94
CA GLU A 96 -8.37 -0.38 0.99
C GLU A 96 -7.89 -0.40 -0.46
N VAL A 97 -6.59 -0.30 -0.74
CA VAL A 97 -6.00 -0.28 -2.09
C VAL A 97 -6.52 0.87 -2.95
N LEU A 98 -5.66 1.89 -3.15
CA LEU A 98 -5.98 3.12 -3.87
C LEU A 98 -5.01 3.24 -5.03
N ALA A 99 -5.33 3.98 -6.10
CA ALA A 99 -4.47 4.05 -7.30
C ALA A 99 -3.93 5.47 -7.55
N LYS A 100 -3.71 6.23 -6.47
CA LYS A 100 -3.12 7.58 -6.49
C LYS A 100 -3.84 8.63 -7.35
N HIS A 101 -5.09 8.43 -7.78
CA HIS A 101 -5.85 9.25 -8.72
C HIS A 101 -6.46 10.43 -7.98
N ASP A 102 -5.57 11.23 -7.39
CA ASP A 102 -5.81 12.53 -6.77
C ASP A 102 -6.80 12.54 -5.61
N GLU A 103 -7.16 11.35 -5.13
CA GLU A 103 -7.93 11.12 -3.92
C GLU A 103 -7.22 11.84 -2.77
N ASN A 104 -7.89 12.83 -2.17
CA ASN A 104 -7.37 13.56 -1.02
C ASN A 104 -8.48 14.24 -0.22
N TYR A 105 -9.65 14.49 -0.82
CA TYR A 105 -10.91 14.82 -0.15
C TYR A 105 -12.03 14.60 -1.17
N THR A 106 -13.14 13.98 -0.76
CA THR A 106 -14.29 13.73 -1.62
C THR A 106 -15.55 14.13 -0.86
N PRO A 107 -16.28 15.18 -1.28
CA PRO A 107 -17.54 15.55 -0.67
C PRO A 107 -18.61 14.48 -0.93
N PRO A 108 -19.81 14.59 -0.34
CA PRO A 108 -20.95 13.77 -0.71
C PRO A 108 -21.45 14.07 -2.12
N GLU A 109 -21.34 15.33 -2.54
CA GLU A 109 -22.09 15.91 -3.65
C GLU A 109 -21.48 15.57 -5.02
N VAL A 110 -20.94 14.36 -5.14
CA VAL A 110 -20.16 13.88 -6.27
C VAL A 110 -20.34 12.37 -6.45
N GLU A 111 -20.31 11.60 -5.35
CA GLU A 111 -20.36 10.14 -5.38
C GLU A 111 -21.64 9.65 -6.06
N LYS A 112 -22.71 10.42 -5.94
CA LYS A 112 -23.98 10.21 -6.61
C LYS A 112 -24.48 11.57 -7.07
N ALA A 113 -25.03 11.62 -8.29
CA ALA A 113 -25.48 12.81 -9.01
C ALA A 113 -24.47 13.96 -8.90
N MET A 114 -23.31 13.76 -9.54
CA MET A 114 -22.32 14.80 -9.78
C MET A 114 -22.89 15.70 -10.87
N LEU A 1 14.12 15.06 10.04
CA LEU A 1 12.90 15.22 10.86
C LEU A 1 11.96 16.24 10.21
N ARG A 2 11.05 15.80 9.33
CA ARG A 2 9.93 16.57 8.76
C ARG A 2 8.76 15.60 8.53
N SER A 3 7.70 15.79 9.29
CA SER A 3 6.40 15.12 9.16
C SER A 3 5.36 16.03 9.83
N ASN A 4 4.07 15.71 9.76
CA ASN A 4 3.09 16.29 10.67
C ASN A 4 1.84 15.43 10.72
N ILE A 5 1.18 15.26 9.58
CA ILE A 5 0.04 14.36 9.42
C ILE A 5 0.51 12.91 9.47
N ASP A 6 -0.26 12.01 8.85
CA ASP A 6 0.09 10.63 8.56
C ASP A 6 1.49 10.51 7.95
N LEU A 7 2.09 9.33 8.06
CA LEU A 7 3.35 8.96 7.46
C LEU A 7 3.12 8.45 6.03
N PHE A 8 4.18 7.99 5.40
CA PHE A 8 4.23 7.29 4.12
C PHE A 8 5.56 6.54 4.07
N TYR A 9 5.67 5.49 3.26
CA TYR A 9 6.89 4.76 2.95
C TYR A 9 6.89 4.32 1.48
N THR A 10 7.95 3.67 1.01
CA THR A 10 8.01 3.02 -0.29
C THR A 10 8.59 1.61 -0.16
N PRO A 11 8.56 0.81 -1.25
CA PRO A 11 9.38 -0.37 -1.38
C PRO A 11 10.90 -0.11 -1.35
N GLY A 12 11.34 1.14 -1.20
CA GLY A 12 12.73 1.50 -0.94
C GLY A 12 12.87 2.26 0.37
N GLU A 13 11.96 2.07 1.32
CA GLU A 13 12.09 2.66 2.65
C GLU A 13 11.82 1.61 3.73
N ILE A 14 10.80 0.76 3.54
CA ILE A 14 10.44 -0.27 4.52
C ILE A 14 11.57 -1.29 4.70
N LEU A 15 12.45 -1.42 3.70
CA LEU A 15 13.64 -2.28 3.72
C LEU A 15 14.86 -1.37 3.90
N TYR A 16 14.98 -0.37 3.02
CA TYR A 16 16.20 0.41 2.84
C TYR A 16 16.33 1.64 3.73
N GLY A 17 15.53 1.77 4.80
CA GLY A 17 15.66 2.91 5.68
C GLY A 17 14.72 4.00 5.20
N LYS A 18 13.84 4.46 6.08
CA LYS A 18 12.98 5.58 5.73
C LYS A 18 13.82 6.82 5.47
N ARG A 19 13.38 7.72 4.57
CA ARG A 19 14.15 8.55 3.60
C ARG A 19 15.66 8.76 3.79
N GLU A 20 16.13 8.95 5.01
CA GLU A 20 17.53 8.90 5.38
C GLU A 20 17.67 7.80 6.43
N THR A 21 17.19 8.05 7.66
CA THR A 21 17.38 7.16 8.79
C THR A 21 16.40 7.50 9.96
N GLN A 22 15.26 8.17 9.72
CA GLN A 22 14.41 8.68 10.81
C GLN A 22 13.94 7.57 11.76
N GLN A 23 13.40 6.48 11.23
CA GLN A 23 12.89 5.30 11.94
C GLN A 23 12.44 4.27 10.90
N MET A 24 12.02 3.09 11.34
CA MET A 24 11.41 2.05 10.49
C MET A 24 9.95 1.87 10.94
N PRO A 25 9.06 1.34 10.10
CA PRO A 25 7.69 1.06 10.52
C PRO A 25 7.68 -0.09 11.52
N GLU A 26 6.74 -0.08 12.45
CA GLU A 26 6.54 -1.16 13.38
C GLU A 26 5.78 -2.27 12.67
N VAL A 27 6.08 -3.51 13.02
CA VAL A 27 5.54 -4.70 12.40
C VAL A 27 4.09 -4.99 12.83
N GLY A 28 3.49 -4.15 13.66
CA GLY A 28 2.06 -4.23 13.94
C GLY A 28 1.49 -2.84 14.10
N GLN A 29 1.96 -1.89 13.29
CA GLN A 29 1.24 -0.62 13.12
C GLN A 29 0.68 -0.58 11.71
N ARG A 30 -0.20 0.39 11.46
CA ARG A 30 -0.61 0.75 10.12
C ARG A 30 0.45 1.62 9.47
N LEU A 31 0.54 1.58 8.14
CA LEU A 31 1.27 2.53 7.34
C LEU A 31 0.73 2.59 5.91
N ARG A 32 1.16 3.60 5.16
CA ARG A 32 0.82 3.88 3.76
C ARG A 32 2.09 3.71 2.94
N VAL A 33 1.99 3.05 1.79
CA VAL A 33 3.05 2.80 0.84
C VAL A 33 2.61 3.36 -0.52
N GLY A 34 3.55 3.77 -1.37
CA GLY A 34 3.32 3.91 -2.80
C GLY A 34 4.38 3.14 -3.56
N GLY A 35 4.02 2.65 -4.74
CA GLY A 35 4.94 2.00 -5.67
C GLY A 35 4.20 1.56 -6.94
N MET A 36 4.92 0.97 -7.89
CA MET A 36 4.39 0.37 -9.11
C MET A 36 4.09 -1.12 -8.87
N VAL A 37 2.88 -1.60 -9.15
CA VAL A 37 2.49 -3.00 -8.97
C VAL A 37 3.27 -3.84 -9.97
N MET A 38 3.92 -4.92 -9.55
CA MET A 38 4.50 -5.90 -10.46
C MET A 38 3.43 -6.59 -11.31
N PRO A 39 3.72 -6.79 -12.60
CA PRO A 39 2.98 -7.71 -13.44
C PRO A 39 3.30 -9.15 -12.99
N GLY A 40 2.32 -10.04 -13.12
CA GLY A 40 2.46 -11.43 -12.75
C GLY A 40 2.60 -11.64 -11.25
N SER A 41 2.16 -10.68 -10.43
CA SER A 41 2.09 -10.84 -8.97
C SER A 41 0.66 -10.68 -8.44
N VAL A 42 -0.22 -9.94 -9.13
CA VAL A 42 -1.63 -9.89 -8.83
C VAL A 42 -2.23 -11.30 -8.99
N GLN A 43 -2.31 -12.05 -7.88
CA GLN A 43 -2.80 -13.43 -7.81
C GLN A 43 -4.33 -13.43 -7.96
N ARG A 44 -5.03 -12.84 -6.98
CA ARG A 44 -6.49 -12.76 -6.82
C ARG A 44 -7.09 -14.15 -6.55
N ASP A 45 -7.99 -14.26 -5.57
CA ASP A 45 -8.65 -15.53 -5.26
C ASP A 45 -9.64 -15.81 -6.39
N PRO A 46 -9.61 -16.95 -7.09
CA PRO A 46 -10.61 -17.23 -8.12
C PRO A 46 -12.01 -17.37 -7.51
N ASN A 47 -12.13 -17.57 -6.18
CA ASN A 47 -13.40 -17.71 -5.50
C ASN A 47 -13.90 -16.41 -4.89
N SER A 48 -13.03 -15.41 -4.69
CA SER A 48 -13.27 -14.40 -3.69
C SER A 48 -12.51 -13.11 -3.98
N LEU A 49 -12.61 -12.15 -3.06
CA LEU A 49 -12.09 -10.82 -3.23
C LEU A 49 -10.74 -10.64 -2.54
N LYS A 50 -10.23 -11.66 -1.85
CA LYS A 50 -8.88 -11.66 -1.36
C LYS A 50 -7.95 -11.54 -2.54
N VAL A 51 -6.92 -10.73 -2.33
CA VAL A 51 -5.83 -10.55 -3.27
C VAL A 51 -4.50 -10.79 -2.57
N THR A 52 -3.52 -11.09 -3.39
CA THR A 52 -2.12 -10.81 -3.16
C THR A 52 -1.67 -10.06 -4.42
N PHE A 53 -0.83 -9.04 -4.26
CA PHE A 53 0.00 -8.51 -5.33
C PHE A 53 1.38 -8.14 -4.76
N THR A 54 2.28 -7.61 -5.57
CA THR A 54 3.57 -7.07 -5.12
C THR A 54 3.71 -5.70 -5.76
N ILE A 55 4.44 -4.79 -5.12
CA ILE A 55 4.68 -3.43 -5.56
C ILE A 55 6.18 -3.23 -5.46
N TYR A 56 6.79 -2.74 -6.51
CA TYR A 56 8.19 -2.35 -6.59
C TYR A 56 8.24 -0.86 -6.86
N ASP A 57 9.43 -0.30 -7.02
CA ASP A 57 9.62 0.94 -7.77
C ASP A 57 11.08 0.89 -8.24
N ALA A 58 11.84 1.98 -8.26
CA ALA A 58 13.25 1.88 -8.65
C ALA A 58 14.12 1.05 -7.70
N GLU A 59 13.69 0.80 -6.46
CA GLU A 59 14.59 0.61 -5.34
C GLU A 59 14.54 -0.88 -5.02
N GLY A 60 13.42 -1.33 -4.48
CA GLY A 60 13.19 -2.71 -4.08
C GLY A 60 11.75 -3.11 -4.39
N SER A 61 11.19 -4.08 -3.65
CA SER A 61 9.76 -4.40 -3.72
C SER A 61 9.22 -4.87 -2.38
N VAL A 62 7.89 -4.85 -2.25
CA VAL A 62 7.13 -5.28 -1.10
C VAL A 62 5.89 -6.03 -1.55
N ASP A 63 5.59 -7.12 -0.86
CA ASP A 63 4.37 -7.88 -1.07
C ASP A 63 3.20 -7.12 -0.45
N VAL A 64 2.00 -7.29 -1.00
CA VAL A 64 0.78 -6.89 -0.34
C VAL A 64 -0.19 -8.09 -0.30
N SER A 65 -1.08 -8.13 0.69
CA SER A 65 -2.29 -8.95 0.66
C SER A 65 -3.46 -8.00 0.93
N TYR A 66 -4.51 -7.99 0.11
CA TYR A 66 -5.66 -7.08 0.17
C TYR A 66 -6.93 -7.94 0.21
N GLU A 67 -8.09 -7.35 0.45
CA GLU A 67 -9.37 -8.04 0.31
C GLU A 67 -10.44 -6.97 0.15
N GLY A 68 -11.00 -6.82 -1.05
CA GLY A 68 -12.15 -5.90 -1.08
C GLY A 68 -12.78 -5.46 -2.40
N ILE A 69 -12.49 -6.12 -3.51
CA ILE A 69 -12.50 -5.60 -4.85
C ILE A 69 -11.53 -4.42 -4.97
N LEU A 70 -10.89 -4.35 -6.13
CA LEU A 70 -9.91 -3.32 -6.45
C LEU A 70 -10.62 -2.15 -7.14
N PRO A 71 -9.98 -0.96 -7.20
CA PRO A 71 -10.44 0.10 -8.08
C PRO A 71 -10.43 -0.45 -9.51
N ASP A 72 -11.34 0.00 -10.38
CA ASP A 72 -11.23 -0.37 -11.80
C ASP A 72 -9.97 0.27 -12.42
N LEU A 73 -9.43 1.29 -11.76
CA LEU A 73 -8.24 2.00 -12.18
C LEU A 73 -6.96 1.18 -11.96
N PHE A 74 -6.90 0.31 -10.95
CA PHE A 74 -5.72 -0.47 -10.62
C PHE A 74 -5.38 -1.39 -11.80
N ARG A 75 -4.11 -1.54 -12.17
CA ARG A 75 -3.66 -2.49 -13.16
C ARG A 75 -2.32 -3.05 -12.71
N GLU A 76 -1.89 -4.10 -13.38
CA GLU A 76 -0.48 -4.47 -13.37
C GLU A 76 0.30 -3.33 -14.01
N GLY A 77 1.40 -2.93 -13.37
CA GLY A 77 2.44 -2.11 -14.00
C GLY A 77 2.21 -0.61 -13.85
N GLN A 78 1.33 -0.19 -12.94
CA GLN A 78 1.07 1.22 -12.66
C GLN A 78 1.34 1.56 -11.20
N GLY A 79 1.46 2.87 -10.94
CA GLY A 79 1.64 3.43 -9.64
C GLY A 79 0.33 3.32 -8.86
N VAL A 80 0.38 2.69 -7.69
CA VAL A 80 -0.73 2.56 -6.76
C VAL A 80 -0.20 3.03 -5.40
N VAL A 81 -1.11 3.33 -4.49
CA VAL A 81 -0.85 3.52 -3.08
C VAL A 81 -1.53 2.34 -2.39
N VAL A 82 -0.84 1.70 -1.46
CA VAL A 82 -1.44 0.80 -0.49
C VAL A 82 -1.41 1.51 0.86
N GLN A 83 -2.25 1.05 1.76
CA GLN A 83 -2.22 1.34 3.18
C GLN A 83 -2.97 0.23 3.85
N GLY A 84 -2.57 0.00 5.08
CA GLY A 84 -2.92 -1.19 5.80
C GLY A 84 -1.84 -1.36 6.85
N GLU A 85 -1.47 -2.59 7.18
CA GLU A 85 -0.62 -2.86 8.32
C GLU A 85 0.59 -3.67 7.86
N LEU A 86 1.66 -3.63 8.63
CA LEU A 86 2.85 -4.42 8.36
C LEU A 86 2.66 -5.82 8.95
N GLU A 87 3.05 -6.86 8.20
CA GLU A 87 2.92 -8.26 8.63
C GLU A 87 4.13 -8.62 9.46
N LYS A 88 5.27 -8.62 8.77
CA LYS A 88 6.67 -8.83 9.13
C LYS A 88 7.44 -8.28 7.95
N GLY A 89 8.68 -7.87 8.18
CA GLY A 89 9.64 -7.57 7.15
C GLY A 89 9.12 -6.42 6.32
N ASN A 90 8.51 -6.72 5.18
CA ASN A 90 7.99 -5.69 4.30
C ASN A 90 6.61 -6.02 3.71
N HIS A 91 5.99 -7.15 4.04
CA HIS A 91 4.67 -7.50 3.54
C HIS A 91 3.62 -6.57 4.18
N ILE A 92 2.84 -5.89 3.35
CA ILE A 92 1.76 -5.00 3.76
C ILE A 92 0.40 -5.72 3.66
N LEU A 93 -0.34 -5.80 4.76
CA LEU A 93 -1.73 -6.17 4.79
C LEU A 93 -2.53 -4.95 4.37
N ALA A 94 -2.62 -4.75 3.06
CA ALA A 94 -3.43 -3.73 2.43
C ALA A 94 -4.87 -3.80 2.96
N LYS A 95 -5.42 -2.65 3.32
CA LYS A 95 -6.78 -2.48 3.82
C LYS A 95 -7.66 -1.77 2.79
N GLU A 96 -7.10 -0.96 1.88
CA GLU A 96 -7.92 -0.08 1.06
C GLU A 96 -7.53 0.05 -0.42
N VAL A 97 -6.24 0.06 -0.77
CA VAL A 97 -5.69 0.09 -2.15
C VAL A 97 -6.24 1.21 -3.06
N LEU A 98 -5.37 2.15 -3.44
CA LEU A 98 -5.72 3.35 -4.19
C LEU A 98 -4.79 3.48 -5.39
N ALA A 99 -5.16 4.15 -6.49
CA ALA A 99 -4.43 4.05 -7.77
C ALA A 99 -3.86 5.42 -8.21
N LYS A 100 -3.41 6.18 -7.21
CA LYS A 100 -2.92 7.56 -7.30
C LYS A 100 -3.80 8.42 -8.21
N HIS A 101 -5.12 8.26 -8.08
CA HIS A 101 -6.14 8.85 -8.91
C HIS A 101 -6.69 10.12 -8.27
N ASP A 102 -5.80 10.91 -7.66
CA ASP A 102 -6.05 12.24 -7.13
C ASP A 102 -7.10 12.23 -6.02
N GLU A 103 -6.73 11.62 -4.90
CA GLU A 103 -7.55 11.49 -3.69
C GLU A 103 -6.80 12.04 -2.48
N ASN A 104 -7.48 12.07 -1.33
CA ASN A 104 -6.89 11.95 0.00
C ASN A 104 -7.95 11.39 0.97
N TYR A 105 -9.19 11.89 0.89
CA TYR A 105 -10.21 11.73 1.93
C TYR A 105 -11.60 11.65 1.30
N THR A 106 -12.30 10.53 1.49
CA THR A 106 -13.72 10.40 1.13
C THR A 106 -14.56 10.79 2.36
N PRO A 107 -15.62 11.61 2.23
CA PRO A 107 -16.59 11.80 3.29
C PRO A 107 -17.50 10.55 3.45
N PRO A 108 -18.42 10.51 4.44
CA PRO A 108 -19.29 9.35 4.65
C PRO A 108 -20.54 9.34 3.78
N GLU A 109 -21.12 10.52 3.51
CA GLU A 109 -22.49 10.66 3.02
C GLU A 109 -22.55 10.50 1.48
N VAL A 110 -21.73 9.58 0.96
CA VAL A 110 -21.40 9.43 -0.46
C VAL A 110 -21.01 7.98 -0.76
N GLU A 111 -20.41 7.26 0.20
CA GLU A 111 -19.94 5.90 -0.01
C GLU A 111 -21.11 4.92 -0.07
N LYS A 112 -22.01 4.99 0.93
CA LYS A 112 -23.19 4.15 1.09
C LYS A 112 -24.00 4.80 2.20
N ALA A 113 -24.95 5.67 1.84
CA ALA A 113 -25.80 6.44 2.76
C ALA A 113 -26.80 7.27 1.93
N MET A 114 -26.33 7.76 0.79
CA MET A 114 -27.15 8.20 -0.33
C MET A 114 -28.01 7.02 -0.77
N LEU A 1 9.92 22.69 5.71
CA LEU A 1 9.78 21.35 6.30
C LEU A 1 8.50 20.67 5.80
N ARG A 2 8.60 19.78 4.83
CA ARG A 2 7.45 19.00 4.36
C ARG A 2 7.07 17.97 5.42
N SER A 3 5.80 17.59 5.41
CA SER A 3 5.27 16.38 6.04
C SER A 3 3.95 16.03 5.35
N ASN A 4 3.27 14.99 5.79
CA ASN A 4 1.84 14.76 5.58
C ASN A 4 1.26 14.31 6.91
N ILE A 5 -0.06 14.19 6.99
CA ILE A 5 -0.73 13.40 8.01
C ILE A 5 -0.65 11.94 7.52
N ASP A 6 -0.63 10.98 8.44
CA ASP A 6 -0.55 9.53 8.25
C ASP A 6 0.71 9.08 7.51
N LEU A 7 1.52 8.33 8.25
CA LEU A 7 2.86 7.90 7.88
C LEU A 7 2.87 7.09 6.60
N PHE A 8 3.95 7.23 5.84
CA PHE A 8 4.00 6.78 4.46
C PHE A 8 5.43 6.38 4.12
N TYR A 9 5.59 5.29 3.39
CA TYR A 9 6.85 4.69 2.97
C TYR A 9 6.67 4.18 1.52
N THR A 10 7.65 3.50 0.94
CA THR A 10 7.57 2.94 -0.40
C THR A 10 8.25 1.57 -0.46
N PRO A 11 8.16 0.85 -1.60
CA PRO A 11 8.92 -0.36 -1.79
C PRO A 11 10.45 -0.28 -1.67
N GLY A 12 11.07 0.87 -1.38
CA GLY A 12 12.45 0.87 -0.92
C GLY A 12 12.58 1.21 0.54
N GLU A 13 11.85 2.18 1.07
CA GLU A 13 12.25 2.76 2.35
C GLU A 13 11.82 1.92 3.55
N ILE A 14 11.10 0.82 3.32
CA ILE A 14 10.86 -0.22 4.31
C ILE A 14 12.06 -1.20 4.35
N LEU A 15 12.92 -1.25 3.33
CA LEU A 15 14.16 -2.05 3.32
C LEU A 15 15.37 -1.18 3.64
N TYR A 16 15.45 -0.03 2.98
CA TYR A 16 16.60 0.87 2.99
C TYR A 16 16.50 1.86 4.16
N GLY A 17 15.29 2.19 4.66
CA GLY A 17 15.03 3.13 5.75
C GLY A 17 14.28 4.35 5.23
N LYS A 18 13.39 4.94 6.04
CA LYS A 18 12.53 6.05 5.62
C LYS A 18 13.33 7.22 5.10
N ARG A 19 12.84 7.84 4.03
CA ARG A 19 13.62 8.55 3.00
C ARG A 19 15.05 8.93 3.39
N GLU A 20 15.23 9.85 4.34
CA GLU A 20 16.54 10.20 4.86
C GLU A 20 17.00 9.05 5.80
N THR A 21 16.67 9.09 7.09
CA THR A 21 17.00 8.02 8.05
C THR A 21 16.09 8.12 9.28
N GLN A 22 14.88 8.68 9.13
CA GLN A 22 14.14 9.18 10.28
C GLN A 22 13.56 8.06 11.16
N GLN A 23 13.27 6.86 10.61
CA GLN A 23 13.03 5.59 11.30
C GLN A 23 12.69 4.47 10.29
N MET A 24 12.59 3.25 10.79
CA MET A 24 12.04 2.08 10.12
C MET A 24 10.59 1.89 10.58
N PRO A 25 9.67 1.43 9.72
CA PRO A 25 8.30 1.14 10.11
C PRO A 25 8.29 0.02 11.12
N GLU A 26 7.50 0.22 12.17
CA GLU A 26 7.36 -0.70 13.28
C GLU A 26 6.41 -1.81 12.79
N VAL A 27 6.81 -3.06 12.99
CA VAL A 27 6.09 -4.21 12.43
C VAL A 27 4.74 -4.44 13.12
N GLY A 28 4.51 -3.75 14.22
CA GLY A 28 3.26 -3.72 14.93
C GLY A 28 2.39 -2.52 14.57
N GLN A 29 2.78 -1.64 13.62
CA GLN A 29 2.09 -0.37 13.44
C GLN A 29 1.28 -0.30 12.15
N ARG A 30 0.43 0.72 12.08
CA ARG A 30 -0.31 1.09 10.89
C ARG A 30 0.57 1.99 10.02
N LEU A 31 0.59 1.79 8.71
CA LEU A 31 1.24 2.69 7.77
C LEU A 31 0.65 2.50 6.38
N ARG A 32 1.07 3.37 5.45
CA ARG A 32 0.77 3.25 4.03
C ARG A 32 2.06 3.20 3.20
N VAL A 33 1.93 2.63 2.01
CA VAL A 33 2.97 2.43 1.03
C VAL A 33 2.43 2.93 -0.32
N GLY A 34 3.28 3.54 -1.13
CA GLY A 34 2.97 3.84 -2.52
C GLY A 34 4.08 3.29 -3.39
N GLY A 35 3.72 2.51 -4.39
CA GLY A 35 4.66 1.84 -5.29
C GLY A 35 3.96 1.33 -6.54
N MET A 36 4.71 0.69 -7.45
CA MET A 36 4.22 0.25 -8.75
C MET A 36 4.00 -1.26 -8.75
N VAL A 37 2.84 -1.75 -9.18
CA VAL A 37 2.49 -3.17 -9.12
C VAL A 37 3.36 -3.94 -10.12
N MET A 38 4.03 -5.02 -9.69
CA MET A 38 4.75 -5.91 -10.60
C MET A 38 3.76 -6.69 -11.50
N PRO A 39 4.20 -7.02 -12.72
CA PRO A 39 3.52 -7.99 -13.57
C PRO A 39 3.78 -9.40 -13.03
N GLY A 40 2.76 -10.24 -13.01
CA GLY A 40 2.82 -11.55 -12.37
C GLY A 40 3.11 -11.43 -10.89
N SER A 41 2.25 -10.71 -10.16
CA SER A 41 2.21 -10.79 -8.70
C SER A 41 0.81 -10.71 -8.12
N VAL A 42 -0.14 -10.02 -8.76
CA VAL A 42 -1.47 -9.78 -8.22
C VAL A 42 -2.35 -11.04 -8.30
N GLN A 43 -2.39 -11.80 -7.20
CA GLN A 43 -3.07 -13.08 -6.93
C GLN A 43 -4.59 -12.94 -6.69
N ARG A 44 -5.19 -11.92 -7.30
CA ARG A 44 -6.62 -11.61 -7.19
C ARG A 44 -7.47 -12.80 -7.60
N ASP A 45 -8.61 -12.95 -6.94
CA ASP A 45 -9.42 -14.13 -7.11
C ASP A 45 -10.64 -13.80 -7.99
N PRO A 46 -11.01 -14.61 -8.99
CA PRO A 46 -12.27 -14.43 -9.72
C PRO A 46 -13.49 -14.91 -8.91
N ASN A 47 -13.28 -15.64 -7.81
CA ASN A 47 -14.27 -16.25 -6.94
C ASN A 47 -14.33 -15.56 -5.58
N SER A 48 -13.41 -14.64 -5.27
CA SER A 48 -13.36 -14.00 -3.96
C SER A 48 -12.78 -12.60 -4.07
N LEU A 49 -12.82 -11.84 -2.99
CA LEU A 49 -12.25 -10.48 -2.94
C LEU A 49 -10.80 -10.50 -2.46
N LYS A 50 -10.32 -11.66 -1.99
CA LYS A 50 -8.94 -11.89 -1.61
C LYS A 50 -8.04 -11.61 -2.81
N VAL A 51 -6.93 -10.93 -2.54
CA VAL A 51 -5.93 -10.58 -3.54
C VAL A 51 -4.67 -10.26 -2.77
N THR A 52 -3.56 -10.89 -3.13
CA THR A 52 -2.24 -10.41 -2.72
C THR A 52 -1.62 -9.78 -3.96
N PHE A 53 -0.63 -8.92 -3.82
CA PHE A 53 0.20 -8.48 -4.94
C PHE A 53 1.57 -8.07 -4.47
N THR A 54 2.42 -7.61 -5.39
CA THR A 54 3.73 -7.10 -5.03
C THR A 54 3.88 -5.76 -5.71
N ILE A 55 4.52 -4.83 -5.02
CA ILE A 55 4.72 -3.45 -5.46
C ILE A 55 6.21 -3.21 -5.35
N TYR A 56 6.81 -2.57 -6.35
CA TYR A 56 8.24 -2.35 -6.47
C TYR A 56 8.51 -0.90 -6.89
N ASP A 57 9.77 -0.49 -6.84
CA ASP A 57 10.32 0.72 -7.43
C ASP A 57 11.83 0.52 -7.60
N ALA A 58 12.58 1.59 -7.88
CA ALA A 58 13.99 1.60 -8.23
C ALA A 58 14.94 1.08 -7.14
N GLU A 59 14.43 0.73 -5.95
CA GLU A 59 15.21 0.34 -4.79
C GLU A 59 14.98 -1.14 -4.54
N GLY A 60 13.73 -1.51 -4.26
CA GLY A 60 13.30 -2.83 -3.81
C GLY A 60 11.84 -3.10 -4.17
N SER A 61 11.28 -4.18 -3.60
CA SER A 61 9.85 -4.48 -3.67
C SER A 61 9.29 -4.96 -2.33
N VAL A 62 7.97 -4.95 -2.18
CA VAL A 62 7.26 -5.35 -0.97
C VAL A 62 5.98 -6.10 -1.36
N ASP A 63 5.63 -7.08 -0.55
CA ASP A 63 4.41 -7.86 -0.68
C ASP A 63 3.24 -7.05 -0.11
N VAL A 64 2.02 -7.26 -0.60
CA VAL A 64 0.80 -6.82 0.06
C VAL A 64 -0.23 -7.97 0.11
N SER A 65 -1.05 -8.01 1.15
CA SER A 65 -2.24 -8.87 1.29
C SER A 65 -3.46 -7.98 1.47
N TYR A 66 -4.35 -7.96 0.47
CA TYR A 66 -5.62 -7.28 0.49
C TYR A 66 -6.74 -8.32 0.48
N GLU A 67 -7.94 -7.87 0.77
CA GLU A 67 -9.16 -8.59 0.61
C GLU A 67 -10.20 -7.50 0.46
N GLY A 68 -10.56 -7.21 -0.78
CA GLY A 68 -11.56 -6.19 -1.02
C GLY A 68 -11.78 -5.93 -2.50
N ILE A 69 -12.59 -4.92 -2.77
CA ILE A 69 -12.93 -4.50 -4.12
C ILE A 69 -11.70 -3.77 -4.66
N LEU A 70 -11.15 -4.33 -5.73
CA LEU A 70 -9.90 -3.90 -6.34
C LEU A 70 -10.22 -2.97 -7.52
N PRO A 71 -9.52 -1.84 -7.68
CA PRO A 71 -9.85 -0.85 -8.70
C PRO A 71 -9.84 -1.45 -10.11
N ASP A 72 -10.56 -0.81 -11.03
CA ASP A 72 -10.52 -1.07 -12.47
C ASP A 72 -9.18 -0.60 -13.02
N LEU A 73 -8.77 0.56 -12.51
CA LEU A 73 -7.52 1.23 -12.80
C LEU A 73 -6.33 0.42 -12.33
N PHE A 74 -6.47 -0.42 -11.30
CA PHE A 74 -5.37 -1.15 -10.72
C PHE A 74 -4.84 -2.16 -11.73
N ARG A 75 -3.67 -1.90 -12.32
CA ARG A 75 -3.09 -2.72 -13.37
C ARG A 75 -1.63 -2.99 -13.06
N GLU A 76 -1.14 -4.05 -13.67
CA GLU A 76 0.23 -4.50 -13.60
C GLU A 76 1.09 -3.50 -14.39
N GLY A 77 1.83 -2.67 -13.65
CA GLY A 77 2.67 -1.60 -14.19
C GLY A 77 2.04 -0.22 -14.06
N GLN A 78 1.16 0.01 -13.08
CA GLN A 78 0.86 1.39 -12.65
C GLN A 78 1.19 1.58 -11.17
N GLY A 79 1.28 2.83 -10.76
CA GLY A 79 1.51 3.24 -9.39
C GLY A 79 0.20 3.19 -8.62
N VAL A 80 0.25 2.69 -7.39
CA VAL A 80 -0.91 2.48 -6.52
C VAL A 80 -0.51 3.01 -5.13
N VAL A 81 -1.46 3.03 -4.21
CA VAL A 81 -1.26 3.26 -2.79
C VAL A 81 -1.91 2.09 -2.07
N VAL A 82 -1.24 1.56 -1.05
CA VAL A 82 -1.80 0.66 -0.05
C VAL A 82 -1.71 1.37 1.29
N GLN A 83 -2.56 0.96 2.22
CA GLN A 83 -2.62 1.39 3.61
C GLN A 83 -3.13 0.21 4.41
N GLY A 84 -2.61 -0.02 5.61
CA GLY A 84 -3.20 -0.91 6.59
C GLY A 84 -2.18 -1.09 7.70
N GLU A 85 -1.46 -2.21 7.78
CA GLU A 85 -0.51 -2.50 8.84
C GLU A 85 0.69 -3.24 8.25
N LEU A 86 1.80 -3.26 8.99
CA LEU A 86 2.96 -4.07 8.64
C LEU A 86 2.72 -5.51 9.13
N GLU A 87 3.18 -6.52 8.38
CA GLU A 87 3.00 -7.92 8.75
C GLU A 87 4.28 -8.47 9.36
N LYS A 88 5.31 -8.70 8.53
CA LYS A 88 6.68 -9.03 8.91
C LYS A 88 7.57 -8.80 7.70
N GLY A 89 7.66 -9.79 6.79
CA GLY A 89 8.72 -9.90 5.80
C GLY A 89 8.49 -8.96 4.63
N ASN A 90 8.72 -7.66 4.87
CA ASN A 90 8.42 -6.56 3.96
C ASN A 90 7.03 -6.72 3.36
N HIS A 91 6.05 -7.03 4.19
CA HIS A 91 4.71 -7.38 3.79
C HIS A 91 3.74 -6.42 4.46
N ILE A 92 2.86 -5.82 3.68
CA ILE A 92 1.80 -4.93 4.13
C ILE A 92 0.46 -5.67 4.11
N LEU A 93 -0.31 -5.56 5.18
CA LEU A 93 -1.73 -5.82 5.12
C LEU A 93 -2.35 -4.57 4.52
N ALA A 94 -2.91 -4.68 3.33
CA ALA A 94 -3.72 -3.65 2.73
C ALA A 94 -5.14 -3.76 3.28
N LYS A 95 -5.69 -2.65 3.75
CA LYS A 95 -7.10 -2.55 4.12
C LYS A 95 -7.95 -2.03 2.96
N GLU A 96 -7.38 -1.30 1.98
CA GLU A 96 -8.20 -0.57 1.01
C GLU A 96 -7.74 -0.53 -0.44
N VAL A 97 -6.45 -0.47 -0.76
CA VAL A 97 -5.87 -0.36 -2.11
C VAL A 97 -6.47 0.76 -3.00
N LEU A 98 -5.62 1.67 -3.48
CA LEU A 98 -6.03 2.80 -4.29
C LEU A 98 -5.08 2.92 -5.47
N ALA A 99 -5.51 3.54 -6.57
CA ALA A 99 -4.78 3.49 -7.85
C ALA A 99 -4.24 4.88 -8.26
N LYS A 100 -3.92 5.73 -7.27
CA LYS A 100 -3.54 7.13 -7.49
C LYS A 100 -4.41 7.82 -8.53
N HIS A 101 -5.70 7.85 -8.22
CA HIS A 101 -6.73 8.64 -8.86
C HIS A 101 -7.13 9.79 -7.93
N ASP A 102 -6.14 10.58 -7.49
CA ASP A 102 -6.29 11.73 -6.59
C ASP A 102 -7.08 11.41 -5.33
N GLU A 103 -6.45 10.65 -4.43
CA GLU A 103 -7.04 10.16 -3.19
C GLU A 103 -6.12 10.48 -2.01
N ASN A 104 -6.74 10.69 -0.83
CA ASN A 104 -6.06 10.87 0.45
C ASN A 104 -7.08 10.86 1.60
N TYR A 105 -8.25 11.48 1.42
CA TYR A 105 -9.35 11.57 2.39
C TYR A 105 -10.69 11.51 1.63
N THR A 106 -11.83 11.51 2.33
CA THR A 106 -13.18 11.55 1.79
C THR A 106 -14.07 12.26 2.84
N PRO A 107 -14.91 13.24 2.49
CA PRO A 107 -15.84 13.88 3.43
C PRO A 107 -16.86 12.88 4.01
N PRO A 108 -17.73 13.28 4.97
CA PRO A 108 -18.94 12.53 5.28
C PRO A 108 -19.98 12.70 4.15
N GLU A 109 -21.20 12.26 4.41
CA GLU A 109 -22.35 12.36 3.48
C GLU A 109 -22.00 11.67 2.16
N VAL A 110 -21.45 10.47 2.26
CA VAL A 110 -21.01 9.60 1.16
C VAL A 110 -20.76 8.18 1.69
N GLU A 111 -20.32 8.09 2.96
CA GLU A 111 -19.88 6.89 3.62
C GLU A 111 -20.99 5.81 3.63
N LYS A 112 -22.23 6.28 3.80
CA LYS A 112 -23.52 5.61 3.63
C LYS A 112 -24.50 6.73 3.23
N ALA A 113 -25.79 6.43 3.09
CA ALA A 113 -26.86 7.35 2.71
C ALA A 113 -26.48 8.19 1.46
N MET A 114 -26.54 7.55 0.29
CA MET A 114 -26.43 8.20 -1.02
C MET A 114 -27.69 7.89 -1.82
N LEU A 1 9.94 21.57 17.49
CA LEU A 1 10.02 20.40 16.60
C LEU A 1 9.18 19.24 17.14
N ARG A 2 7.88 19.23 16.80
CA ARG A 2 6.97 18.12 17.06
C ARG A 2 5.88 18.19 16.01
N SER A 3 5.75 17.15 15.20
CA SER A 3 4.58 16.93 14.37
C SER A 3 4.46 15.42 14.12
N ASN A 4 3.25 14.97 13.80
CA ASN A 4 2.86 13.55 13.75
C ASN A 4 1.91 13.32 12.58
N ILE A 5 2.12 14.03 11.47
CA ILE A 5 1.21 13.92 10.33
C ILE A 5 1.28 12.48 9.79
N ASP A 6 0.22 12.10 9.09
CA ASP A 6 0.00 10.82 8.43
C ASP A 6 1.23 10.48 7.60
N LEU A 7 1.91 9.44 8.02
CA LEU A 7 3.13 8.93 7.42
C LEU A 7 2.82 8.18 6.14
N PHE A 8 3.89 7.81 5.46
CA PHE A 8 3.91 7.17 4.16
C PHE A 8 5.26 6.51 3.94
N TYR A 9 5.28 5.44 3.14
CA TYR A 9 6.45 4.62 2.89
C TYR A 9 6.49 4.13 1.44
N THR A 10 7.59 3.49 1.04
CA THR A 10 7.79 2.92 -0.28
C THR A 10 8.43 1.52 -0.20
N PRO A 11 8.30 0.66 -1.24
CA PRO A 11 9.09 -0.54 -1.43
C PRO A 11 10.55 -0.16 -1.70
N GLY A 12 11.24 0.16 -0.63
CA GLY A 12 12.61 0.61 -0.65
C GLY A 12 12.88 1.20 0.71
N GLU A 13 12.17 2.27 1.07
CA GLU A 13 12.38 2.88 2.36
C GLU A 13 12.01 1.89 3.50
N ILE A 14 11.18 0.85 3.25
CA ILE A 14 10.76 -0.18 4.24
C ILE A 14 11.88 -1.21 4.47
N LEU A 15 12.90 -1.21 3.59
CA LEU A 15 13.85 -2.30 3.42
C LEU A 15 15.24 -1.72 3.71
N TYR A 16 15.58 -0.65 3.01
CA TYR A 16 16.78 0.15 3.14
C TYR A 16 16.61 1.04 4.37
N GLY A 17 15.85 2.14 4.27
CA GLY A 17 15.48 3.01 5.38
C GLY A 17 14.79 4.28 4.91
N LYS A 18 13.93 4.89 5.73
CA LYS A 18 13.17 6.12 5.43
C LYS A 18 14.10 7.20 4.88
N ARG A 19 13.94 7.61 3.63
CA ARG A 19 14.88 8.55 3.00
C ARG A 19 14.62 9.99 3.42
N GLU A 20 13.45 10.30 3.99
CA GLU A 20 13.22 11.61 4.59
C GLU A 20 14.14 11.83 5.80
N THR A 21 14.20 10.84 6.70
CA THR A 21 14.48 11.07 8.12
C THR A 21 15.14 9.87 8.82
N GLN A 22 15.36 8.75 8.12
CA GLN A 22 15.71 7.42 8.63
C GLN A 22 15.04 7.13 9.97
N GLN A 23 13.76 6.74 9.90
CA GLN A 23 12.93 6.38 11.05
C GLN A 23 12.41 4.93 10.99
N MET A 24 12.05 4.47 9.78
CA MET A 24 11.41 3.19 9.42
C MET A 24 10.04 2.97 10.08
N PRO A 25 9.16 2.15 9.47
CA PRO A 25 7.96 1.69 10.15
C PRO A 25 8.31 0.50 11.04
N GLU A 26 7.58 0.34 12.15
CA GLU A 26 7.68 -0.86 12.96
C GLU A 26 6.82 -1.95 12.30
N VAL A 27 7.24 -3.21 12.46
CA VAL A 27 6.52 -4.39 11.95
C VAL A 27 5.24 -4.64 12.76
N GLY A 28 5.06 -3.96 13.90
CA GLY A 28 3.80 -3.93 14.62
C GLY A 28 3.27 -2.51 14.64
N GLN A 29 2.97 -1.91 13.48
CA GLN A 29 2.13 -0.71 13.43
C GLN A 29 1.39 -0.55 12.10
N ARG A 30 0.51 0.45 12.01
CA ARG A 30 -0.24 0.81 10.80
C ARG A 30 0.66 1.62 9.89
N LEU A 31 0.51 1.51 8.55
CA LEU A 31 1.14 2.43 7.61
C LEU A 31 0.54 2.37 6.21
N ARG A 32 0.87 3.40 5.41
CA ARG A 32 0.67 3.54 3.97
C ARG A 32 1.97 3.17 3.26
N VAL A 33 1.89 2.54 2.09
CA VAL A 33 3.00 2.34 1.16
C VAL A 33 2.55 2.81 -0.22
N GLY A 34 3.46 3.37 -1.04
CA GLY A 34 3.23 3.56 -2.47
C GLY A 34 4.43 3.05 -3.24
N GLY A 35 4.17 2.39 -4.37
CA GLY A 35 5.18 1.77 -5.24
C GLY A 35 4.54 1.43 -6.58
N MET A 36 5.21 0.67 -7.44
CA MET A 36 4.67 0.15 -8.69
C MET A 36 4.42 -1.36 -8.56
N VAL A 37 3.21 -1.86 -8.81
CA VAL A 37 2.90 -3.30 -8.72
C VAL A 37 3.88 -4.04 -9.63
N MET A 38 4.52 -5.09 -9.13
CA MET A 38 5.34 -5.99 -9.92
C MET A 38 4.45 -6.69 -10.95
N PRO A 39 4.80 -6.59 -12.24
CA PRO A 39 4.07 -7.26 -13.29
C PRO A 39 4.18 -8.77 -13.08
N GLY A 40 3.08 -9.50 -13.19
CA GLY A 40 3.06 -10.95 -12.99
C GLY A 40 2.93 -11.38 -11.52
N SER A 41 2.70 -10.45 -10.58
CA SER A 41 2.57 -10.82 -9.17
C SER A 41 1.12 -10.95 -8.70
N VAL A 42 0.19 -10.16 -9.25
CA VAL A 42 -1.14 -10.04 -8.68
C VAL A 42 -1.98 -11.27 -9.04
N GLN A 43 -2.48 -11.94 -8.01
CA GLN A 43 -3.70 -12.73 -8.10
C GLN A 43 -4.82 -11.81 -7.61
N ARG A 44 -5.90 -11.62 -8.37
CA ARG A 44 -7.17 -11.12 -7.85
C ARG A 44 -8.12 -12.28 -8.01
N ASP A 45 -8.86 -12.67 -6.98
CA ASP A 45 -9.68 -13.85 -7.12
C ASP A 45 -10.90 -13.50 -8.00
N PRO A 46 -11.29 -14.28 -9.01
CA PRO A 46 -12.59 -14.10 -9.67
C PRO A 46 -13.72 -14.76 -8.86
N ASN A 47 -13.40 -15.42 -7.74
CA ASN A 47 -14.30 -16.16 -6.87
C ASN A 47 -14.15 -15.68 -5.41
N SER A 48 -13.40 -14.60 -5.16
CA SER A 48 -13.31 -13.93 -3.86
C SER A 48 -13.02 -12.45 -4.10
N LEU A 49 -12.93 -11.71 -3.00
CA LEU A 49 -12.32 -10.40 -2.90
C LEU A 49 -10.87 -10.49 -2.40
N LYS A 50 -10.36 -11.65 -1.97
CA LYS A 50 -8.92 -11.79 -1.70
C LYS A 50 -8.15 -11.48 -2.99
N VAL A 51 -7.00 -10.87 -2.80
CA VAL A 51 -6.05 -10.52 -3.85
C VAL A 51 -4.71 -10.43 -3.14
N THR A 52 -3.65 -10.98 -3.73
CA THR A 52 -2.28 -10.71 -3.29
C THR A 52 -1.57 -10.06 -4.46
N PHE A 53 -0.56 -9.24 -4.21
CA PHE A 53 0.37 -8.79 -5.25
C PHE A 53 1.72 -8.45 -4.63
N THR A 54 2.66 -8.01 -5.45
CA THR A 54 3.94 -7.48 -5.01
C THR A 54 4.03 -6.08 -5.62
N ILE A 55 4.81 -5.20 -5.01
CA ILE A 55 5.05 -3.83 -5.43
C ILE A 55 6.54 -3.64 -5.27
N TYR A 56 7.18 -3.06 -6.27
CA TYR A 56 8.58 -2.71 -6.26
C TYR A 56 8.69 -1.22 -6.50
N ASP A 57 9.91 -0.72 -6.49
CA ASP A 57 10.21 0.66 -6.80
C ASP A 57 11.67 0.70 -7.31
N ALA A 58 12.39 1.79 -7.07
CA ALA A 58 13.75 1.98 -7.49
C ALA A 58 14.76 1.14 -6.69
N GLU A 59 14.37 0.60 -5.54
CA GLU A 59 15.27 0.09 -4.51
C GLU A 59 15.01 -1.39 -4.30
N GLY A 60 13.82 -1.74 -3.83
CA GLY A 60 13.45 -3.12 -3.52
C GLY A 60 11.97 -3.34 -3.76
N SER A 61 11.40 -4.37 -3.11
CA SER A 61 9.99 -4.71 -3.28
C SER A 61 9.36 -5.23 -1.99
N VAL A 62 8.02 -5.23 -1.92
CA VAL A 62 7.20 -5.54 -0.77
C VAL A 62 5.95 -6.29 -1.24
N ASP A 63 5.39 -7.06 -0.32
CA ASP A 63 4.24 -7.93 -0.55
C ASP A 63 2.97 -7.24 -0.09
N VAL A 64 1.81 -7.61 -0.64
CA VAL A 64 0.51 -7.08 -0.23
C VAL A 64 -0.50 -8.22 -0.20
N SER A 65 -1.22 -8.38 0.91
CA SER A 65 -2.45 -9.15 1.01
C SER A 65 -3.59 -8.15 1.23
N TYR A 66 -4.54 -8.08 0.30
CA TYR A 66 -5.76 -7.29 0.40
C TYR A 66 -6.93 -8.25 0.26
N GLU A 67 -8.08 -7.80 0.74
CA GLU A 67 -9.33 -8.52 0.71
C GLU A 67 -10.37 -7.45 0.54
N GLY A 68 -10.70 -7.15 -0.71
CA GLY A 68 -11.75 -6.19 -0.96
C GLY A 68 -11.96 -5.95 -2.44
N ILE A 69 -12.79 -4.96 -2.70
CA ILE A 69 -13.11 -4.50 -4.04
C ILE A 69 -11.83 -3.80 -4.50
N LEU A 70 -11.22 -4.36 -5.54
CA LEU A 70 -9.98 -3.84 -6.07
C LEU A 70 -10.35 -2.82 -7.13
N PRO A 71 -9.76 -1.61 -7.12
CA PRO A 71 -10.12 -0.60 -8.10
C PRO A 71 -9.98 -1.19 -9.49
N ASP A 72 -10.92 -0.93 -10.38
CA ASP A 72 -10.70 -1.16 -11.81
C ASP A 72 -9.56 -0.26 -12.29
N LEU A 73 -9.31 0.81 -11.54
CA LEU A 73 -8.23 1.74 -11.75
C LEU A 73 -6.88 1.06 -11.44
N PHE A 74 -6.85 -0.02 -10.65
CA PHE A 74 -5.67 -0.84 -10.43
C PHE A 74 -5.37 -1.64 -11.70
N ARG A 75 -4.10 -1.68 -12.09
CA ARG A 75 -3.60 -2.42 -13.24
C ARG A 75 -2.30 -3.06 -12.81
N GLU A 76 -1.61 -3.75 -13.69
CA GLU A 76 -0.35 -4.39 -13.39
C GLU A 76 0.76 -3.58 -14.00
N GLY A 77 1.73 -3.23 -13.17
CA GLY A 77 2.82 -2.36 -13.57
C GLY A 77 2.41 -0.90 -13.52
N GLN A 78 1.50 -0.51 -12.61
CA GLN A 78 1.22 0.92 -12.39
C GLN A 78 1.56 1.30 -10.96
N GLY A 79 1.59 2.61 -10.69
CA GLY A 79 1.79 3.13 -9.36
C GLY A 79 0.51 2.91 -8.55
N VAL A 80 0.65 2.40 -7.33
CA VAL A 80 -0.46 2.13 -6.43
C VAL A 80 -0.14 2.76 -5.06
N VAL A 81 -1.13 2.87 -4.19
CA VAL A 81 -1.01 3.18 -2.78
C VAL A 81 -1.72 2.06 -2.03
N VAL A 82 -0.98 1.30 -1.22
CA VAL A 82 -1.53 0.45 -0.19
C VAL A 82 -1.58 1.24 1.11
N GLN A 83 -2.42 0.77 2.04
CA GLN A 83 -2.41 1.10 3.44
C GLN A 83 -3.02 -0.07 4.19
N GLY A 84 -2.56 -0.34 5.40
CA GLY A 84 -3.26 -1.14 6.38
C GLY A 84 -2.30 -1.34 7.54
N GLU A 85 -1.70 -2.53 7.69
CA GLU A 85 -0.80 -2.81 8.80
C GLU A 85 0.38 -3.64 8.31
N LEU A 86 1.51 -3.53 9.01
CA LEU A 86 2.70 -4.32 8.69
C LEU A 86 2.48 -5.75 9.21
N GLU A 87 3.00 -6.77 8.50
CA GLU A 87 2.86 -8.17 8.87
C GLU A 87 4.18 -8.69 9.45
N LYS A 88 5.14 -9.12 8.62
CA LYS A 88 6.46 -9.53 9.07
C LYS A 88 7.52 -9.25 8.00
N GLY A 89 7.67 -10.11 7.00
CA GLY A 89 8.78 -10.06 6.07
C GLY A 89 8.44 -9.16 4.90
N ASN A 90 8.43 -7.85 5.17
CA ASN A 90 8.16 -6.80 4.20
C ASN A 90 6.84 -7.11 3.46
N HIS A 91 5.78 -7.26 4.24
CA HIS A 91 4.45 -7.62 3.78
C HIS A 91 3.46 -6.72 4.47
N ILE A 92 2.67 -6.00 3.70
CA ILE A 92 1.61 -5.14 4.16
C ILE A 92 0.30 -5.92 4.06
N LEU A 93 -0.48 -5.94 5.13
CA LEU A 93 -1.89 -6.22 5.04
C LEU A 93 -2.48 -4.91 4.54
N ALA A 94 -2.94 -4.92 3.31
CA ALA A 94 -3.74 -3.83 2.80
C ALA A 94 -5.14 -3.89 3.40
N LYS A 95 -5.75 -2.71 3.45
CA LYS A 95 -7.11 -2.46 3.87
C LYS A 95 -7.96 -1.83 2.77
N GLU A 96 -7.35 -1.24 1.72
CA GLU A 96 -8.12 -0.58 0.66
C GLU A 96 -7.57 -0.72 -0.76
N VAL A 97 -6.25 -0.57 -0.96
CA VAL A 97 -5.59 -0.51 -2.26
C VAL A 97 -6.16 0.56 -3.19
N LEU A 98 -5.30 1.47 -3.62
CA LEU A 98 -5.64 2.62 -4.44
C LEU A 98 -4.68 2.67 -5.60
N ALA A 99 -5.09 3.29 -6.69
CA ALA A 99 -4.35 3.40 -7.94
C ALA A 99 -4.07 4.88 -8.23
N LYS A 100 -3.73 5.63 -7.17
CA LYS A 100 -3.47 7.08 -7.18
C LYS A 100 -4.43 7.87 -8.06
N HIS A 101 -5.72 7.74 -7.78
CA HIS A 101 -6.79 8.57 -8.33
C HIS A 101 -7.02 9.69 -7.33
N ASP A 102 -5.98 10.50 -7.13
CA ASP A 102 -5.99 11.73 -6.32
C ASP A 102 -6.77 11.55 -5.02
N GLU A 103 -6.25 10.69 -4.16
CA GLU A 103 -6.93 10.24 -2.96
C GLU A 103 -6.48 11.12 -1.78
N ASN A 104 -7.38 11.55 -0.91
CA ASN A 104 -7.10 12.37 0.28
C ASN A 104 -8.14 12.07 1.37
N TYR A 105 -7.88 12.51 2.60
CA TYR A 105 -8.82 12.45 3.71
C TYR A 105 -10.16 13.12 3.32
N THR A 106 -11.28 12.57 3.80
CA THR A 106 -12.63 13.08 3.60
C THR A 106 -13.37 13.02 4.94
N PRO A 107 -14.16 14.04 5.30
CA PRO A 107 -15.03 13.99 6.47
C PRO A 107 -16.19 12.99 6.20
N PRO A 108 -16.47 12.06 7.12
CA PRO A 108 -17.37 10.94 6.86
C PRO A 108 -18.80 11.33 6.50
N GLU A 109 -19.45 12.10 7.37
CA GLU A 109 -20.89 12.33 7.31
C GLU A 109 -21.21 13.45 6.32
N VAL A 110 -20.58 13.41 5.14
CA VAL A 110 -20.58 14.49 4.18
C VAL A 110 -20.70 13.86 2.80
N GLU A 111 -19.70 13.10 2.39
CA GLU A 111 -19.59 12.48 1.07
C GLU A 111 -20.78 11.58 0.71
N LYS A 112 -21.37 10.96 1.71
CA LYS A 112 -22.46 9.99 1.59
C LYS A 112 -23.41 10.26 2.75
N ALA A 113 -23.86 11.51 2.84
CA ALA A 113 -24.80 11.98 3.85
C ALA A 113 -25.63 13.14 3.32
N MET A 114 -25.01 14.00 2.50
CA MET A 114 -25.69 14.94 1.64
C MET A 114 -26.45 14.16 0.58
N LEU A 1 4.99 21.19 16.05
CA LEU A 1 3.79 20.44 16.42
C LEU A 1 2.66 20.86 15.47
N ARG A 2 1.80 19.92 15.06
CA ARG A 2 0.58 20.08 14.27
C ARG A 2 -0.19 18.75 14.35
N SER A 3 -1.37 18.62 13.74
CA SER A 3 -1.96 17.31 13.48
C SER A 3 -1.17 16.57 12.39
N ASN A 4 -0.78 17.27 11.31
CA ASN A 4 -0.37 16.67 10.05
C ASN A 4 -1.43 15.65 9.59
N ILE A 5 -1.06 14.66 8.77
CA ILE A 5 -1.88 13.56 8.29
C ILE A 5 -0.98 12.31 8.43
N ASP A 6 -1.48 11.16 8.00
CA ASP A 6 -0.89 9.82 8.17
C ASP A 6 0.55 9.75 7.63
N LEU A 7 1.35 8.87 8.22
CA LEU A 7 2.61 8.46 7.66
C LEU A 7 2.37 7.65 6.39
N PHE A 8 3.47 7.31 5.75
CA PHE A 8 3.55 6.74 4.41
C PHE A 8 4.95 6.20 4.23
N TYR A 9 5.12 5.21 3.38
CA TYR A 9 6.38 4.56 3.04
C TYR A 9 6.36 4.18 1.57
N THR A 10 7.43 3.58 1.09
CA THR A 10 7.51 3.01 -0.24
C THR A 10 8.27 1.68 -0.17
N PRO A 11 8.42 0.91 -1.26
CA PRO A 11 9.03 -0.40 -1.17
C PRO A 11 10.54 -0.31 -0.98
N GLY A 12 11.13 0.87 -1.20
CA GLY A 12 12.48 1.13 -0.76
C GLY A 12 12.47 1.59 0.68
N GLU A 13 11.58 2.53 1.06
CA GLU A 13 11.72 3.18 2.35
C GLU A 13 11.56 2.18 3.50
N ILE A 14 10.77 1.11 3.34
CA ILE A 14 10.59 0.09 4.37
C ILE A 14 11.86 -0.75 4.56
N LEU A 15 12.76 -0.81 3.57
CA LEU A 15 13.93 -1.70 3.59
C LEU A 15 15.23 -0.91 3.81
N TYR A 16 15.37 0.21 3.10
CA TYR A 16 16.59 1.00 2.97
C TYR A 16 16.63 2.21 3.90
N GLY A 17 15.52 2.53 4.57
CA GLY A 17 15.39 3.72 5.40
C GLY A 17 14.32 4.63 4.84
N LYS A 18 13.42 5.14 5.68
CA LYS A 18 12.63 6.30 5.36
C LYS A 18 13.54 7.48 5.08
N ARG A 19 13.29 8.15 3.96
CA ARG A 19 14.12 8.81 2.93
C ARG A 19 15.58 9.18 3.21
N GLU A 20 16.01 9.33 4.45
CA GLU A 20 17.41 9.42 4.85
C GLU A 20 17.67 8.25 5.81
N THR A 21 17.21 8.39 7.06
CA THR A 21 17.51 7.51 8.19
C THR A 21 16.61 7.89 9.38
N GLN A 22 15.49 8.57 9.11
CA GLN A 22 14.81 9.38 10.11
C GLN A 22 14.17 8.48 11.18
N GLN A 23 13.31 7.54 10.77
CA GLN A 23 12.79 6.43 11.55
C GLN A 23 12.19 5.42 10.58
N MET A 24 11.94 4.20 11.04
CA MET A 24 11.36 3.11 10.24
C MET A 24 9.99 2.73 10.84
N PRO A 25 9.13 1.94 10.16
CA PRO A 25 7.85 1.58 10.74
C PRO A 25 8.02 0.52 11.84
N GLU A 26 6.94 0.23 12.54
CA GLU A 26 6.79 -0.95 13.38
C GLU A 26 6.20 -2.06 12.50
N VAL A 27 6.68 -3.29 12.66
CA VAL A 27 6.15 -4.50 12.01
C VAL A 27 4.85 -4.96 12.72
N GLY A 28 4.43 -4.25 13.75
CA GLY A 28 3.10 -4.34 14.34
C GLY A 28 2.44 -2.97 14.45
N GLN A 29 2.30 -2.25 13.33
CA GLN A 29 1.41 -1.08 13.31
C GLN A 29 0.65 -0.98 11.99
N ARG A 30 -0.11 0.11 11.82
CA ARG A 30 -0.78 0.46 10.58
C ARG A 30 -0.03 1.59 9.87
N LEU A 31 0.08 1.54 8.55
CA LEU A 31 0.80 2.48 7.72
C LEU A 31 0.23 2.53 6.30
N ARG A 32 0.81 3.35 5.42
CA ARG A 32 0.49 3.48 3.99
C ARG A 32 1.71 3.22 3.15
N VAL A 33 1.56 2.74 1.90
CA VAL A 33 2.67 2.68 0.96
C VAL A 33 2.41 2.81 -0.54
N GLY A 34 3.14 3.70 -1.17
CA GLY A 34 3.17 3.87 -2.61
C GLY A 34 4.19 2.92 -3.25
N GLY A 35 3.85 2.36 -4.40
CA GLY A 35 4.79 1.66 -5.27
C GLY A 35 4.16 1.19 -6.58
N MET A 36 4.96 0.58 -7.47
CA MET A 36 4.52 0.12 -8.79
C MET A 36 4.31 -1.39 -8.77
N VAL A 37 3.16 -1.89 -9.24
CA VAL A 37 2.79 -3.30 -9.21
C VAL A 37 3.72 -4.12 -10.12
N MET A 38 4.27 -5.23 -9.63
CA MET A 38 5.02 -6.19 -10.45
C MET A 38 4.11 -6.79 -11.53
N PRO A 39 4.55 -6.86 -12.81
CA PRO A 39 3.77 -7.54 -13.84
C PRO A 39 3.69 -9.03 -13.50
N GLY A 40 2.49 -9.60 -13.55
CA GLY A 40 2.29 -11.00 -13.19
C GLY A 40 2.63 -11.32 -11.74
N SER A 41 2.49 -10.36 -10.82
CA SER A 41 2.35 -10.66 -9.39
C SER A 41 0.86 -10.93 -9.13
N VAL A 42 0.11 -9.83 -9.12
CA VAL A 42 -1.29 -9.64 -8.74
C VAL A 42 -2.22 -10.80 -9.13
N GLN A 43 -2.32 -11.79 -8.25
CA GLN A 43 -3.34 -12.80 -8.18
C GLN A 43 -4.56 -12.13 -7.58
N ARG A 44 -5.75 -12.38 -8.10
CA ARG A 44 -7.00 -11.80 -7.60
C ARG A 44 -8.04 -12.90 -7.55
N ASP A 45 -8.70 -13.07 -6.41
CA ASP A 45 -9.56 -14.21 -6.16
C ASP A 45 -10.99 -13.74 -6.31
N PRO A 46 -11.67 -13.96 -7.45
CA PRO A 46 -13.07 -13.57 -7.53
C PRO A 46 -13.93 -14.42 -6.58
N ASN A 47 -13.40 -15.53 -6.05
CA ASN A 47 -14.05 -16.38 -5.07
C ASN A 47 -13.75 -15.96 -3.63
N SER A 48 -12.78 -15.09 -3.34
CA SER A 48 -12.46 -14.75 -1.95
C SER A 48 -12.25 -13.26 -1.71
N LEU A 49 -12.45 -12.42 -2.72
CA LEU A 49 -12.00 -11.04 -2.87
C LEU A 49 -10.53 -10.76 -2.53
N LYS A 50 -9.78 -11.76 -2.07
CA LYS A 50 -8.37 -11.71 -1.79
C LYS A 50 -7.61 -11.28 -3.02
N VAL A 51 -6.52 -10.60 -2.76
CA VAL A 51 -5.49 -10.32 -3.73
C VAL A 51 -4.20 -10.64 -3.06
N THR A 52 -3.25 -11.06 -3.87
CA THR A 52 -1.87 -11.05 -3.47
C THR A 52 -1.10 -10.43 -4.62
N PHE A 53 -0.42 -9.31 -4.37
CA PHE A 53 0.42 -8.65 -5.35
C PHE A 53 1.73 -8.21 -4.70
N THR A 54 2.71 -7.82 -5.51
CA THR A 54 3.94 -7.23 -5.01
C THR A 54 4.09 -5.85 -5.66
N ILE A 55 4.67 -4.90 -4.94
CA ILE A 55 4.89 -3.53 -5.40
C ILE A 55 6.36 -3.23 -5.20
N TYR A 56 6.97 -2.52 -6.14
CA TYR A 56 8.40 -2.31 -6.21
C TYR A 56 8.70 -0.88 -6.66
N ASP A 57 9.98 -0.54 -6.63
CA ASP A 57 10.58 0.70 -7.13
C ASP A 57 12.03 0.37 -7.51
N ALA A 58 12.88 1.34 -7.78
CA ALA A 58 14.26 1.15 -8.19
C ALA A 58 15.18 0.60 -7.09
N GLU A 59 14.67 0.43 -5.86
CA GLU A 59 15.44 0.09 -4.67
C GLU A 59 15.17 -1.38 -4.37
N GLY A 60 13.92 -1.69 -4.00
CA GLY A 60 13.50 -2.99 -3.50
C GLY A 60 12.00 -3.20 -3.77
N SER A 61 11.38 -4.16 -3.10
CA SER A 61 9.98 -4.51 -3.30
C SER A 61 9.35 -5.07 -2.03
N VAL A 62 8.02 -5.02 -1.91
CA VAL A 62 7.27 -5.45 -0.74
C VAL A 62 6.00 -6.16 -1.21
N ASP A 63 5.52 -7.11 -0.42
CA ASP A 63 4.28 -7.81 -0.71
C ASP A 63 3.08 -7.00 -0.26
N VAL A 64 1.93 -7.28 -0.86
CA VAL A 64 0.63 -6.81 -0.42
C VAL A 64 -0.31 -8.01 -0.43
N SER A 65 -0.89 -8.37 0.71
CA SER A 65 -2.17 -9.05 0.74
C SER A 65 -3.24 -7.97 0.82
N TYR A 66 -4.15 -7.92 -0.13
CA TYR A 66 -5.37 -7.18 0.00
C TYR A 66 -6.53 -8.19 -0.01
N GLU A 67 -7.73 -7.74 0.27
CA GLU A 67 -8.93 -8.54 0.34
C GLU A 67 -10.06 -7.53 0.23
N GLY A 68 -10.62 -7.37 -0.96
CA GLY A 68 -11.64 -6.35 -1.17
C GLY A 68 -11.96 -6.12 -2.61
N ILE A 69 -12.25 -4.87 -2.93
CA ILE A 69 -12.59 -4.42 -4.27
C ILE A 69 -11.40 -3.59 -4.70
N LEU A 70 -10.47 -4.27 -5.35
CA LEU A 70 -9.35 -3.67 -6.02
C LEU A 70 -9.91 -2.72 -7.08
N PRO A 71 -9.44 -1.46 -7.13
CA PRO A 71 -9.98 -0.48 -8.06
C PRO A 71 -9.90 -1.04 -9.48
N ASP A 72 -10.93 -0.84 -10.28
CA ASP A 72 -10.82 -1.14 -11.71
C ASP A 72 -9.66 -0.36 -12.35
N LEU A 73 -9.39 0.85 -11.82
CA LEU A 73 -8.26 1.71 -12.18
C LEU A 73 -6.89 1.13 -11.82
N PHE A 74 -6.78 0.21 -10.87
CA PHE A 74 -5.55 -0.50 -10.54
C PHE A 74 -5.20 -1.45 -11.69
N ARG A 75 -3.95 -1.45 -12.17
CA ARG A 75 -3.52 -2.34 -13.26
C ARG A 75 -2.12 -2.84 -12.98
N GLU A 76 -1.69 -3.80 -13.77
CA GLU A 76 -0.34 -4.31 -13.75
C GLU A 76 0.56 -3.26 -14.37
N GLY A 77 1.57 -2.81 -13.64
CA GLY A 77 2.64 -1.96 -14.16
C GLY A 77 2.32 -0.47 -14.06
N GLN A 78 1.49 -0.08 -13.10
CA GLN A 78 1.23 1.30 -12.73
C GLN A 78 1.48 1.49 -11.24
N GLY A 79 1.45 2.75 -10.82
CA GLY A 79 1.79 3.20 -9.48
C GLY A 79 0.52 3.30 -8.65
N VAL A 80 0.53 2.69 -7.48
CA VAL A 80 -0.63 2.55 -6.61
C VAL A 80 -0.22 3.06 -5.22
N VAL A 81 -1.15 3.11 -4.28
CA VAL A 81 -0.96 3.41 -2.88
C VAL A 81 -1.61 2.30 -2.10
N VAL A 82 -0.98 1.85 -1.01
CA VAL A 82 -1.53 0.90 -0.09
C VAL A 82 -1.76 1.59 1.25
N GLN A 83 -2.55 0.93 2.09
CA GLN A 83 -2.83 1.28 3.47
C GLN A 83 -3.35 0.05 4.14
N GLY A 84 -2.99 -0.15 5.41
CA GLY A 84 -3.46 -1.19 6.28
C GLY A 84 -2.30 -1.46 7.23
N GLU A 85 -1.80 -2.68 7.34
CA GLU A 85 -0.99 -3.10 8.46
C GLU A 85 0.28 -3.75 7.95
N LEU A 86 1.32 -3.75 8.77
CA LEU A 86 2.56 -4.48 8.50
C LEU A 86 2.43 -5.92 9.04
N GLU A 87 2.89 -6.94 8.30
CA GLU A 87 2.91 -8.32 8.77
C GLU A 87 4.32 -8.66 9.25
N LYS A 88 5.21 -9.04 8.33
CA LYS A 88 6.55 -9.57 8.49
C LYS A 88 7.14 -9.69 7.09
N GLY A 89 8.45 -9.91 6.96
CA GLY A 89 9.05 -10.23 5.68
C GLY A 89 8.79 -9.18 4.61
N ASN A 90 8.52 -7.93 5.01
CA ASN A 90 8.17 -6.82 4.14
C ASN A 90 6.86 -7.09 3.39
N HIS A 91 5.78 -7.33 4.14
CA HIS A 91 4.45 -7.66 3.62
C HIS A 91 3.45 -6.76 4.32
N ILE A 92 2.64 -6.07 3.52
CA ILE A 92 1.58 -5.18 3.95
C ILE A 92 0.23 -5.88 3.79
N LEU A 93 -0.54 -5.93 4.87
CA LEU A 93 -1.96 -6.24 4.84
C LEU A 93 -2.64 -4.96 4.42
N ALA A 94 -2.72 -4.69 3.11
CA ALA A 94 -3.63 -3.68 2.64
C ALA A 94 -5.06 -3.89 3.15
N LYS A 95 -5.75 -2.78 3.34
CA LYS A 95 -7.11 -2.64 3.80
C LYS A 95 -7.97 -1.93 2.74
N GLU A 96 -7.38 -1.21 1.76
CA GLU A 96 -8.15 -0.47 0.76
C GLU A 96 -7.60 -0.52 -0.66
N VAL A 97 -6.31 -0.19 -0.84
CA VAL A 97 -5.60 -0.09 -2.11
C VAL A 97 -6.20 0.98 -3.03
N LEU A 98 -5.36 1.88 -3.56
CA LEU A 98 -5.78 3.01 -4.37
C LEU A 98 -4.85 3.10 -5.57
N ALA A 99 -5.35 3.52 -6.72
CA ALA A 99 -4.59 3.56 -7.97
C ALA A 99 -4.22 5.00 -8.33
N LYS A 100 -3.96 5.83 -7.31
CA LYS A 100 -3.49 7.21 -7.42
C LYS A 100 -4.11 8.01 -8.57
N HIS A 101 -5.45 8.07 -8.63
CA HIS A 101 -6.17 8.89 -9.61
C HIS A 101 -6.52 10.18 -8.91
N ASP A 102 -7.70 10.20 -8.30
CA ASP A 102 -8.28 11.23 -7.49
C ASP A 102 -9.18 10.44 -6.56
N GLU A 103 -8.89 10.51 -5.27
CA GLU A 103 -9.59 9.84 -4.18
C GLU A 103 -9.25 10.63 -2.91
N ASN A 104 -10.00 10.42 -1.82
CA ASN A 104 -10.03 11.36 -0.69
C ASN A 104 -9.90 10.69 0.67
N TYR A 105 -9.80 11.52 1.71
CA TYR A 105 -9.34 11.10 3.01
C TYR A 105 -10.40 11.33 4.09
N THR A 106 -10.80 10.22 4.70
CA THR A 106 -11.60 10.14 5.89
C THR A 106 -10.65 10.40 7.08
N PRO A 107 -10.94 11.40 7.95
CA PRO A 107 -10.17 11.76 9.14
C PRO A 107 -10.32 10.67 10.23
N PRO A 108 -9.72 10.82 11.43
CA PRO A 108 -9.96 9.89 12.53
C PRO A 108 -11.29 10.24 13.22
N GLU A 109 -11.58 9.44 14.25
CA GLU A 109 -12.79 9.38 15.05
C GLU A 109 -14.03 9.28 14.16
N VAL A 110 -14.10 8.17 13.43
CA VAL A 110 -15.19 7.80 12.53
C VAL A 110 -15.11 6.30 12.22
N GLU A 111 -13.91 5.74 12.14
CA GLU A 111 -13.59 4.40 11.62
C GLU A 111 -14.29 3.30 12.43
N LYS A 112 -13.85 3.09 13.67
CA LYS A 112 -14.41 2.16 14.64
C LYS A 112 -14.33 2.84 15.99
N ALA A 113 -15.26 2.52 16.90
CA ALA A 113 -15.34 3.01 18.28
C ALA A 113 -15.88 4.44 18.39
N MET A 114 -16.69 4.89 17.43
CA MET A 114 -17.70 5.92 17.69
C MET A 114 -18.66 5.36 18.74
N LEU A 1 14.26 16.76 6.28
CA LEU A 1 13.63 17.32 7.48
C LEU A 1 12.45 18.17 7.06
N ARG A 2 11.26 17.55 7.03
CA ARG A 2 9.93 18.15 6.86
C ARG A 2 8.92 17.14 7.44
N SER A 3 7.67 17.54 7.61
CA SER A 3 6.65 16.77 8.30
C SER A 3 5.27 17.11 7.70
N ASN A 4 4.19 16.59 8.30
CA ASN A 4 2.77 16.92 8.08
C ASN A 4 1.97 16.00 9.01
N ILE A 5 0.64 16.08 9.00
CA ILE A 5 -0.17 14.94 9.44
C ILE A 5 0.17 13.78 8.49
N ASP A 6 0.11 12.55 9.01
CA ASP A 6 0.26 11.28 8.33
C ASP A 6 1.66 10.99 7.80
N LEU A 7 2.07 9.74 7.97
CA LEU A 7 3.23 9.15 7.35
C LEU A 7 2.80 8.52 6.03
N PHE A 8 3.79 8.00 5.32
CA PHE A 8 3.70 7.33 4.02
C PHE A 8 5.10 6.80 3.73
N TYR A 9 5.22 5.56 3.25
CA TYR A 9 6.49 4.91 2.89
C TYR A 9 6.40 4.41 1.45
N THR A 10 7.49 3.85 0.94
CA THR A 10 7.57 3.19 -0.36
C THR A 10 8.37 1.88 -0.19
N PRO A 11 8.49 1.00 -1.21
CA PRO A 11 9.00 -0.35 -1.00
C PRO A 11 10.50 -0.37 -0.80
N GLY A 12 11.22 0.70 -1.09
CA GLY A 12 12.57 0.86 -0.57
C GLY A 12 12.51 1.38 0.86
N GLU A 13 11.69 2.39 1.18
CA GLU A 13 11.78 3.08 2.47
C GLU A 13 11.55 2.14 3.66
N ILE A 14 10.76 1.09 3.48
CA ILE A 14 10.45 0.15 4.56
C ILE A 14 11.65 -0.75 4.88
N LEU A 15 12.60 -0.93 3.97
CA LEU A 15 13.67 -1.93 4.07
C LEU A 15 15.06 -1.27 4.03
N TYR A 16 15.21 -0.20 3.25
CA TYR A 16 16.41 0.62 3.09
C TYR A 16 16.43 1.75 4.13
N GLY A 17 15.26 2.26 4.55
CA GLY A 17 15.10 3.29 5.57
C GLY A 17 14.27 4.48 5.04
N LYS A 18 13.54 5.14 5.94
CA LYS A 18 12.70 6.27 5.60
C LYS A 18 13.52 7.41 5.04
N ARG A 19 13.08 8.01 3.92
CA ARG A 19 13.92 8.39 2.78
C ARG A 19 15.42 8.47 3.06
N GLU A 20 15.81 9.45 3.86
CA GLU A 20 17.22 9.73 4.12
C GLU A 20 17.78 8.62 5.01
N THR A 21 17.16 8.45 6.17
CA THR A 21 17.21 7.31 7.09
C THR A 21 16.51 7.66 8.42
N GLN A 22 15.46 8.48 8.38
CA GLN A 22 14.98 9.21 9.55
C GLN A 22 14.09 8.37 10.49
N GLN A 23 14.09 7.03 10.32
CA GLN A 23 13.53 5.91 11.09
C GLN A 23 13.11 4.79 10.12
N MET A 24 12.73 3.61 10.65
CA MET A 24 12.07 2.53 9.92
C MET A 24 10.65 2.39 10.50
N PRO A 25 9.67 1.79 9.79
CA PRO A 25 8.37 1.52 10.41
C PRO A 25 8.51 0.44 11.48
N GLU A 26 7.57 0.40 12.42
CA GLU A 26 7.39 -0.75 13.31
C GLU A 26 6.64 -1.81 12.50
N VAL A 27 6.94 -3.09 12.74
CA VAL A 27 6.22 -4.21 12.14
C VAL A 27 4.94 -4.55 12.93
N GLY A 28 4.76 -3.91 14.08
CA GLY A 28 3.51 -3.87 14.81
C GLY A 28 2.84 -2.51 14.66
N GLN A 29 2.80 -1.90 13.46
CA GLN A 29 2.03 -0.68 13.29
C GLN A 29 1.31 -0.61 11.95
N ARG A 30 0.43 0.38 11.86
CA ARG A 30 -0.36 0.78 10.70
C ARG A 30 0.46 1.78 9.91
N LEU A 31 0.40 1.69 8.58
CA LEU A 31 1.07 2.60 7.69
C LEU A 31 0.36 2.65 6.34
N ARG A 32 0.96 3.37 5.39
CA ARG A 32 0.60 3.40 3.98
C ARG A 32 1.89 3.30 3.18
N VAL A 33 1.79 2.66 2.03
CA VAL A 33 2.90 2.35 1.14
C VAL A 33 2.45 2.73 -0.25
N GLY A 34 3.26 3.48 -0.99
CA GLY A 34 3.10 3.60 -2.42
C GLY A 34 4.08 2.65 -3.08
N GLY A 35 3.80 2.27 -4.31
CA GLY A 35 4.72 1.53 -5.15
C GLY A 35 4.06 1.18 -6.47
N MET A 36 4.86 0.63 -7.39
CA MET A 36 4.41 0.26 -8.71
C MET A 36 4.14 -1.23 -8.73
N VAL A 37 2.94 -1.67 -9.12
CA VAL A 37 2.53 -3.07 -9.12
C VAL A 37 3.49 -3.83 -10.03
N MET A 38 4.18 -4.82 -9.47
CA MET A 38 4.98 -5.76 -10.23
C MET A 38 4.03 -6.55 -11.14
N PRO A 39 4.31 -6.58 -12.45
CA PRO A 39 3.58 -7.42 -13.37
C PRO A 39 3.85 -8.88 -13.01
N GLY A 40 2.91 -9.76 -13.36
CA GLY A 40 2.97 -11.17 -13.03
C GLY A 40 3.15 -11.42 -11.53
N SER A 41 2.41 -10.71 -10.66
CA SER A 41 2.32 -11.01 -9.23
C SER A 41 0.88 -11.02 -8.71
N VAL A 42 0.01 -10.12 -9.17
CA VAL A 42 -1.34 -9.92 -8.62
C VAL A 42 -2.22 -11.17 -8.83
N GLN A 43 -2.23 -12.04 -7.82
CA GLN A 43 -3.08 -13.20 -7.66
C GLN A 43 -4.42 -12.73 -7.09
N ARG A 44 -5.35 -12.31 -7.93
CA ARG A 44 -6.72 -12.10 -7.47
C ARG A 44 -7.35 -13.47 -7.32
N ASP A 45 -8.18 -13.68 -6.31
CA ASP A 45 -9.00 -14.87 -6.24
C ASP A 45 -10.13 -14.63 -7.24
N PRO A 46 -10.21 -15.29 -8.41
CA PRO A 46 -11.30 -15.01 -9.35
C PRO A 46 -12.64 -15.50 -8.80
N ASN A 47 -12.65 -16.16 -7.64
CA ASN A 47 -13.79 -16.72 -6.94
C ASN A 47 -13.91 -16.10 -5.54
N SER A 48 -13.21 -15.01 -5.23
CA SER A 48 -13.31 -14.32 -3.96
C SER A 48 -12.88 -12.86 -4.15
N LEU A 49 -12.53 -12.18 -3.06
CA LEU A 49 -12.07 -10.79 -3.08
C LEU A 49 -10.69 -10.67 -2.46
N LYS A 50 -10.16 -11.73 -1.85
CA LYS A 50 -8.75 -11.80 -1.54
C LYS A 50 -7.99 -11.59 -2.84
N VAL A 51 -7.02 -10.70 -2.81
CA VAL A 51 -6.14 -10.47 -3.93
C VAL A 51 -4.81 -10.10 -3.32
N THR A 52 -3.77 -10.75 -3.78
CA THR A 52 -2.46 -10.63 -3.18
C THR A 52 -1.52 -10.25 -4.33
N PHE A 53 -0.65 -9.28 -4.14
CA PHE A 53 0.22 -8.75 -5.19
C PHE A 53 1.52 -8.26 -4.60
N THR A 54 2.42 -7.83 -5.48
CA THR A 54 3.72 -7.28 -5.11
C THR A 54 3.79 -5.88 -5.72
N ILE A 55 4.45 -4.95 -5.02
CA ILE A 55 4.69 -3.60 -5.47
C ILE A 55 6.19 -3.36 -5.26
N TYR A 56 6.81 -2.63 -6.19
CA TYR A 56 8.24 -2.43 -6.24
C TYR A 56 8.53 -0.98 -6.59
N ASP A 57 9.80 -0.62 -6.51
CA ASP A 57 10.37 0.63 -7.01
C ASP A 57 11.83 0.35 -7.37
N ALA A 58 12.63 1.38 -7.66
CA ALA A 58 14.03 1.29 -8.06
C ALA A 58 14.98 0.79 -6.96
N GLU A 59 14.48 0.30 -5.84
CA GLU A 59 15.27 -0.12 -4.68
C GLU A 59 14.85 -1.52 -4.25
N GLY A 60 13.62 -1.67 -3.75
CA GLY A 60 13.13 -2.93 -3.21
C GLY A 60 11.70 -3.18 -3.65
N SER A 61 11.13 -4.26 -3.12
CA SER A 61 9.75 -4.65 -3.36
C SER A 61 9.15 -5.25 -2.08
N VAL A 62 7.83 -5.23 -1.99
CA VAL A 62 7.07 -5.58 -0.79
C VAL A 62 5.82 -6.36 -1.19
N ASP A 63 5.40 -7.26 -0.30
CA ASP A 63 4.24 -8.12 -0.46
C ASP A 63 3.02 -7.34 0.01
N VAL A 64 1.86 -7.60 -0.60
CA VAL A 64 0.59 -7.02 -0.20
C VAL A 64 -0.48 -8.11 -0.26
N SER A 65 -1.12 -8.41 0.87
CA SER A 65 -2.40 -9.09 0.90
C SER A 65 -3.44 -7.98 0.94
N TYR A 66 -4.42 -8.04 0.06
CA TYR A 66 -5.64 -7.25 0.12
C TYR A 66 -6.83 -8.20 0.10
N GLU A 67 -8.00 -7.68 0.49
CA GLU A 67 -9.26 -8.36 0.37
C GLU A 67 -10.28 -7.26 0.06
N GLY A 68 -10.65 -7.15 -1.21
CA GLY A 68 -11.66 -6.24 -1.72
C GLY A 68 -11.63 -6.27 -3.24
N ILE A 69 -12.49 -5.47 -3.88
CA ILE A 69 -12.86 -5.74 -5.27
C ILE A 69 -11.71 -5.44 -6.24
N LEU A 70 -10.81 -4.55 -5.80
CA LEU A 70 -9.78 -3.87 -6.55
C LEU A 70 -10.40 -2.92 -7.59
N PRO A 71 -9.98 -1.65 -7.64
CA PRO A 71 -10.65 -0.59 -8.40
C PRO A 71 -10.56 -0.86 -9.90
N ASP A 72 -11.31 -0.09 -10.67
CA ASP A 72 -11.28 -0.16 -12.12
C ASP A 72 -9.89 0.18 -12.64
N LEU A 73 -9.24 1.13 -11.96
CA LEU A 73 -7.99 1.79 -12.29
C LEU A 73 -6.75 0.90 -12.07
N PHE A 74 -6.74 0.03 -11.05
CA PHE A 74 -5.55 -0.69 -10.63
C PHE A 74 -5.09 -1.61 -11.77
N ARG A 75 -3.81 -1.61 -12.13
CA ARG A 75 -3.25 -2.48 -13.16
C ARG A 75 -1.85 -2.93 -12.80
N GLU A 76 -1.42 -4.02 -13.45
CA GLU A 76 -0.02 -4.36 -13.59
C GLU A 76 0.61 -3.24 -14.42
N GLY A 77 1.57 -2.51 -13.84
CA GLY A 77 2.36 -1.52 -14.56
C GLY A 77 2.19 -0.07 -14.07
N GLN A 78 1.43 0.16 -12.99
CA GLN A 78 1.14 1.50 -12.50
C GLN A 78 1.37 1.63 -10.99
N GLY A 79 1.38 2.87 -10.52
CA GLY A 79 1.56 3.25 -9.15
C GLY A 79 0.24 3.20 -8.41
N VAL A 80 0.27 2.66 -7.20
CA VAL A 80 -0.88 2.50 -6.31
C VAL A 80 -0.42 2.93 -4.91
N VAL A 81 -1.36 3.09 -3.98
CA VAL A 81 -1.18 3.42 -2.58
C VAL A 81 -1.91 2.35 -1.79
N VAL A 82 -1.18 1.47 -1.12
CA VAL A 82 -1.68 0.63 -0.05
C VAL A 82 -1.71 1.46 1.24
N GLN A 83 -2.53 1.00 2.18
CA GLN A 83 -2.70 1.44 3.55
C GLN A 83 -3.30 0.26 4.29
N GLY A 84 -2.97 0.09 5.57
CA GLY A 84 -3.45 -1.01 6.40
C GLY A 84 -2.43 -1.23 7.51
N GLU A 85 -1.72 -2.35 7.54
CA GLU A 85 -0.82 -2.69 8.64
C GLU A 85 0.37 -3.48 8.13
N LEU A 86 1.46 -3.50 8.90
CA LEU A 86 2.63 -4.33 8.63
C LEU A 86 2.41 -5.71 9.26
N GLU A 87 2.86 -6.76 8.58
CA GLU A 87 2.68 -8.15 8.98
C GLU A 87 4.00 -8.66 9.57
N LYS A 88 4.91 -9.11 8.70
CA LYS A 88 6.29 -9.52 8.96
C LYS A 88 6.98 -9.62 7.59
N GLY A 89 8.29 -9.48 7.54
CA GLY A 89 9.06 -9.74 6.33
C GLY A 89 8.63 -8.82 5.20
N ASN A 90 8.43 -7.54 5.51
CA ASN A 90 8.02 -6.50 4.56
C ASN A 90 6.71 -6.85 3.84
N HIS A 91 5.74 -7.42 4.54
CA HIS A 91 4.43 -7.77 4.00
C HIS A 91 3.43 -6.83 4.61
N ILE A 92 2.68 -6.12 3.77
CA ILE A 92 1.63 -5.22 4.15
C ILE A 92 0.30 -5.97 4.06
N LEU A 93 -0.51 -5.88 5.11
CA LEU A 93 -1.94 -6.05 4.98
C LEU A 93 -2.42 -4.72 4.43
N ALA A 94 -2.92 -4.73 3.22
CA ALA A 94 -3.75 -3.65 2.74
C ALA A 94 -5.13 -3.77 3.40
N LYS A 95 -5.75 -2.62 3.60
CA LYS A 95 -7.13 -2.50 4.08
C LYS A 95 -8.05 -1.94 3.01
N GLU A 96 -7.51 -1.25 2.00
CA GLU A 96 -8.30 -0.57 1.00
C GLU A 96 -7.64 -0.58 -0.37
N VAL A 97 -6.34 -0.24 -0.46
CA VAL A 97 -5.60 0.05 -1.68
C VAL A 97 -6.27 1.24 -2.40
N LEU A 98 -5.51 2.04 -3.15
CA LEU A 98 -6.00 3.13 -3.99
C LEU A 98 -5.04 3.22 -5.18
N ALA A 99 -5.49 3.67 -6.35
CA ALA A 99 -4.63 3.68 -7.55
C ALA A 99 -4.17 5.09 -7.95
N LYS A 100 -3.94 5.99 -6.98
CA LYS A 100 -3.58 7.40 -7.24
C LYS A 100 -4.56 8.17 -8.13
N HIS A 101 -5.87 7.88 -8.15
CA HIS A 101 -6.93 8.73 -8.67
C HIS A 101 -7.18 9.95 -7.76
N ASP A 102 -6.11 10.63 -7.33
CA ASP A 102 -6.18 11.96 -6.73
C ASP A 102 -7.13 12.01 -5.52
N GLU A 103 -7.00 11.03 -4.65
CA GLU A 103 -7.95 10.75 -3.59
C GLU A 103 -7.61 11.52 -2.31
N ASN A 104 -6.37 11.33 -1.84
CA ASN A 104 -5.86 11.62 -0.50
C ASN A 104 -6.86 11.28 0.63
N TYR A 105 -6.59 11.77 1.84
CA TYR A 105 -7.34 11.40 3.04
C TYR A 105 -8.81 11.77 2.84
N THR A 106 -9.69 10.82 3.09
CA THR A 106 -11.12 10.97 2.91
C THR A 106 -11.80 10.56 4.24
N PRO A 107 -12.78 11.34 4.75
CA PRO A 107 -13.50 11.03 6.00
C PRO A 107 -14.37 9.77 5.85
N PRO A 108 -15.05 9.28 6.90
CA PRO A 108 -16.12 8.31 6.76
C PRO A 108 -17.41 8.98 6.25
N GLU A 109 -18.50 8.20 6.21
CA GLU A 109 -19.82 8.58 5.70
C GLU A 109 -19.76 8.95 4.20
N VAL A 110 -18.87 8.33 3.41
CA VAL A 110 -18.64 8.71 2.03
C VAL A 110 -18.30 7.42 1.25
N GLU A 111 -17.37 7.52 0.30
CA GLU A 111 -16.83 6.49 -0.56
C GLU A 111 -17.85 6.08 -1.61
N LYS A 112 -18.86 5.33 -1.19
CA LYS A 112 -19.78 4.62 -2.05
C LYS A 112 -21.05 4.19 -1.32
N ALA A 113 -20.91 3.75 -0.07
CA ALA A 113 -22.01 3.32 0.79
C ALA A 113 -22.76 4.57 1.28
N MET A 114 -23.42 5.28 0.36
CA MET A 114 -23.89 6.65 0.49
C MET A 114 -25.30 6.75 -0.07
N LEU A 1 -0.74 24.04 8.28
CA LEU A 1 -0.72 23.63 9.68
C LEU A 1 -2.09 23.91 10.28
N ARG A 2 -2.83 22.88 10.70
CA ARG A 2 -3.92 22.98 11.67
C ARG A 2 -4.24 21.57 12.11
N SER A 3 -4.95 20.81 11.26
CA SER A 3 -4.88 19.36 11.31
C SER A 3 -3.41 18.94 11.20
N ASN A 4 -3.12 17.75 11.71
CA ASN A 4 -1.83 17.08 11.59
C ASN A 4 -1.72 16.42 10.21
N ILE A 5 -0.81 15.47 10.02
CA ILE A 5 -0.71 14.66 8.80
C ILE A 5 -0.31 13.25 9.26
N ASP A 6 -0.81 12.23 8.56
CA ASP A 6 -0.37 10.85 8.64
C ASP A 6 1.00 10.67 7.96
N LEU A 7 1.47 9.44 7.70
CA LEU A 7 2.79 9.14 7.21
C LEU A 7 2.67 8.35 5.89
N PHE A 8 3.78 7.82 5.37
CA PHE A 8 3.85 7.20 4.03
C PHE A 8 5.20 6.49 3.86
N TYR A 9 5.30 5.47 2.98
CA TYR A 9 6.58 4.86 2.59
C TYR A 9 6.64 4.69 1.07
N THR A 10 7.63 3.99 0.53
CA THR A 10 7.56 3.40 -0.81
C THR A 10 8.24 2.03 -0.75
N PRO A 11 8.17 1.18 -1.79
CA PRO A 11 8.42 -0.24 -1.62
C PRO A 11 9.91 -0.58 -1.59
N GLY A 12 10.81 0.39 -1.74
CA GLY A 12 12.22 0.30 -1.47
C GLY A 12 12.56 1.00 -0.15
N GLU A 13 11.61 1.71 0.46
CA GLU A 13 11.81 2.50 1.65
C GLU A 13 11.16 1.79 2.86
N ILE A 14 10.88 0.48 2.74
CA ILE A 14 10.44 -0.30 3.88
C ILE A 14 11.56 -1.27 4.27
N LEU A 15 12.48 -1.62 3.36
CA LEU A 15 13.62 -2.50 3.55
C LEU A 15 14.88 -1.72 3.88
N TYR A 16 15.16 -0.72 3.06
CA TYR A 16 16.39 0.06 3.12
C TYR A 16 16.27 0.96 4.33
N GLY A 17 15.31 1.88 4.31
CA GLY A 17 14.92 2.68 5.45
C GLY A 17 13.97 3.77 4.99
N LYS A 18 13.45 4.56 5.94
CA LYS A 18 12.89 5.87 5.64
C LYS A 18 14.04 6.81 5.28
N ARG A 19 14.04 7.49 4.14
CA ARG A 19 15.21 8.31 3.78
C ARG A 19 15.49 9.48 4.72
N GLU A 20 14.49 10.01 5.45
CA GLU A 20 14.70 11.15 6.35
C GLU A 20 15.83 10.90 7.36
N THR A 21 15.59 9.97 8.30
CA THR A 21 16.51 9.68 9.40
C THR A 21 16.44 8.18 9.76
N GLN A 22 16.22 7.35 8.73
CA GLN A 22 16.29 5.89 8.75
C GLN A 22 15.51 5.31 9.92
N GLN A 23 14.21 5.56 9.83
CA GLN A 23 13.28 5.35 10.92
C GLN A 23 12.79 3.90 10.89
N MET A 24 12.01 3.56 9.86
CA MET A 24 11.49 2.23 9.48
C MET A 24 10.16 1.99 10.21
N PRO A 25 9.07 1.67 9.48
CA PRO A 25 7.77 1.47 10.10
C PRO A 25 7.83 0.24 11.00
N GLU A 26 7.07 0.29 12.09
CA GLU A 26 7.09 -0.79 13.06
C GLU A 26 6.24 -1.95 12.56
N VAL A 27 6.65 -3.17 12.92
CA VAL A 27 5.99 -4.43 12.56
C VAL A 27 4.66 -4.60 13.30
N GLY A 28 4.36 -3.73 14.27
CA GLY A 28 3.11 -3.67 14.98
C GLY A 28 2.51 -2.29 14.89
N GLN A 29 2.56 -1.62 13.74
CA GLN A 29 1.81 -0.38 13.55
C GLN A 29 1.08 -0.34 12.21
N ARG A 30 0.21 0.67 12.05
CA ARG A 30 -0.41 0.97 10.77
C ARG A 30 0.45 1.93 9.97
N LEU A 31 0.37 1.88 8.63
CA LEU A 31 1.01 2.82 7.74
C LEU A 31 0.31 2.90 6.38
N ARG A 32 0.79 3.80 5.50
CA ARG A 32 0.40 3.98 4.09
C ARG A 32 1.68 3.88 3.27
N VAL A 33 1.64 3.39 2.03
CA VAL A 33 2.78 3.41 1.12
C VAL A 33 2.32 3.55 -0.33
N GLY A 34 3.21 3.84 -1.29
CA GLY A 34 2.89 3.77 -2.71
C GLY A 34 4.05 3.24 -3.51
N GLY A 35 3.77 2.67 -4.68
CA GLY A 35 4.75 2.01 -5.54
C GLY A 35 4.11 1.33 -6.76
N MET A 36 4.93 0.63 -7.57
CA MET A 36 4.56 0.07 -8.88
C MET A 36 4.31 -1.43 -8.78
N VAL A 37 3.13 -1.93 -9.17
CA VAL A 37 2.78 -3.36 -9.06
C VAL A 37 3.58 -4.16 -10.10
N MET A 38 4.25 -5.25 -9.68
CA MET A 38 4.95 -6.15 -10.61
C MET A 38 3.98 -6.85 -11.59
N PRO A 39 4.45 -7.22 -12.80
CA PRO A 39 3.69 -8.06 -13.72
C PRO A 39 3.24 -9.34 -13.04
N GLY A 40 2.02 -9.80 -13.33
CA GLY A 40 1.45 -11.07 -12.88
C GLY A 40 1.39 -11.25 -11.36
N SER A 41 1.77 -10.25 -10.56
CA SER A 41 1.90 -10.45 -9.12
C SER A 41 0.55 -10.59 -8.42
N VAL A 42 -0.48 -9.98 -9.00
CA VAL A 42 -1.81 -9.90 -8.44
C VAL A 42 -2.44 -11.30 -8.38
N GLN A 43 -2.49 -11.89 -7.19
CA GLN A 43 -3.10 -13.18 -6.83
C GLN A 43 -4.57 -13.01 -6.49
N ARG A 44 -5.21 -12.02 -7.11
CA ARG A 44 -6.66 -11.84 -7.06
C ARG A 44 -7.33 -13.13 -7.46
N ASP A 45 -8.27 -13.54 -6.62
CA ASP A 45 -9.14 -14.66 -6.88
C ASP A 45 -10.20 -14.12 -7.84
N PRO A 46 -10.36 -14.64 -9.06
CA PRO A 46 -11.39 -14.18 -9.98
C PRO A 46 -12.81 -14.57 -9.54
N ASN A 47 -12.94 -15.39 -8.48
CA ASN A 47 -14.21 -15.85 -7.91
C ASN A 47 -14.39 -15.38 -6.47
N SER A 48 -13.50 -14.53 -5.94
CA SER A 48 -13.49 -14.11 -4.54
C SER A 48 -12.94 -12.68 -4.49
N LEU A 49 -12.59 -12.20 -3.30
CA LEU A 49 -12.03 -10.87 -3.08
C LEU A 49 -10.66 -10.92 -2.42
N LYS A 50 -10.16 -12.10 -2.06
CA LYS A 50 -8.77 -12.24 -1.69
C LYS A 50 -7.93 -11.84 -2.90
N VAL A 51 -6.89 -11.07 -2.62
CA VAL A 51 -5.93 -10.63 -3.61
C VAL A 51 -4.65 -10.30 -2.86
N THR A 52 -3.51 -10.75 -3.37
CA THR A 52 -2.22 -10.29 -2.89
C THR A 52 -1.48 -9.76 -4.12
N PHE A 53 -0.44 -8.96 -3.98
CA PHE A 53 0.42 -8.55 -5.09
C PHE A 53 1.83 -8.25 -4.57
N THR A 54 2.74 -7.88 -5.46
CA THR A 54 4.03 -7.31 -5.13
C THR A 54 4.04 -5.88 -5.65
N ILE A 55 4.69 -4.96 -4.97
CA ILE A 55 4.91 -3.60 -5.41
C ILE A 55 6.39 -3.31 -5.27
N TYR A 56 6.99 -2.63 -6.24
CA TYR A 56 8.41 -2.36 -6.35
C TYR A 56 8.64 -0.93 -6.82
N ASP A 57 9.89 -0.48 -6.77
CA ASP A 57 10.37 0.77 -7.36
C ASP A 57 11.90 0.64 -7.50
N ALA A 58 12.65 1.75 -7.50
CA ALA A 58 14.04 1.80 -7.94
C ALA A 58 14.99 1.11 -6.96
N GLU A 59 14.59 0.96 -5.71
CA GLU A 59 15.37 0.41 -4.63
C GLU A 59 14.94 -1.05 -4.55
N GLY A 60 13.76 -1.34 -3.99
CA GLY A 60 13.33 -2.69 -3.66
C GLY A 60 11.83 -2.87 -3.80
N SER A 61 11.31 -3.98 -3.27
CA SER A 61 9.92 -4.37 -3.41
C SER A 61 9.35 -4.97 -2.13
N VAL A 62 8.02 -5.00 -1.99
CA VAL A 62 7.31 -5.56 -0.85
C VAL A 62 6.14 -6.38 -1.33
N ASP A 63 5.76 -7.34 -0.49
CA ASP A 63 4.49 -8.04 -0.61
C ASP A 63 3.39 -7.12 -0.11
N VAL A 64 2.19 -7.27 -0.65
CA VAL A 64 0.96 -6.87 0.01
C VAL A 64 0.10 -8.12 0.23
N SER A 65 -0.85 -8.04 1.16
CA SER A 65 -2.03 -8.89 1.24
C SER A 65 -3.23 -7.96 1.38
N TYR A 66 -4.25 -8.12 0.53
CA TYR A 66 -5.51 -7.42 0.58
C TYR A 66 -6.64 -8.46 0.55
N GLU A 67 -7.85 -8.01 0.82
CA GLU A 67 -9.05 -8.82 0.78
C GLU A 67 -10.19 -7.83 0.61
N GLY A 68 -10.55 -7.56 -0.63
CA GLY A 68 -11.54 -6.54 -0.90
C GLY A 68 -11.66 -6.27 -2.39
N ILE A 69 -12.50 -5.29 -2.71
CA ILE A 69 -12.76 -4.91 -4.07
C ILE A 69 -11.57 -4.10 -4.53
N LEU A 70 -10.85 -4.66 -5.48
CA LEU A 70 -9.73 -3.97 -6.08
C LEU A 70 -10.31 -2.95 -7.06
N PRO A 71 -9.73 -1.75 -7.21
CA PRO A 71 -10.21 -0.80 -8.18
C PRO A 71 -10.15 -1.43 -9.58
N ASP A 72 -11.09 -1.09 -10.47
CA ASP A 72 -10.93 -1.46 -11.88
C ASP A 72 -9.69 -0.73 -12.44
N LEU A 73 -9.42 0.45 -11.89
CA LEU A 73 -8.35 1.36 -12.26
C LEU A 73 -6.98 0.75 -11.97
N PHE A 74 -6.86 0.00 -10.87
CA PHE A 74 -5.65 -0.71 -10.46
C PHE A 74 -5.21 -1.64 -11.58
N ARG A 75 -3.92 -1.67 -11.95
CA ARG A 75 -3.42 -2.54 -13.02
C ARG A 75 -2.14 -3.27 -12.62
N GLU A 76 -1.73 -4.28 -13.37
CA GLU A 76 -0.37 -4.77 -13.32
C GLU A 76 0.52 -3.76 -14.06
N GLY A 77 1.41 -3.06 -13.36
CA GLY A 77 2.28 -2.07 -13.97
C GLY A 77 1.57 -0.73 -14.18
N GLN A 78 0.91 -0.22 -13.14
CA GLN A 78 0.83 1.21 -12.88
C GLN A 78 1.46 1.53 -11.51
N GLY A 79 1.29 2.76 -11.03
CA GLY A 79 1.66 3.15 -9.68
C GLY A 79 0.39 3.24 -8.84
N VAL A 80 0.46 2.80 -7.60
CA VAL A 80 -0.67 2.56 -6.70
C VAL A 80 -0.23 2.95 -5.28
N VAL A 81 -1.15 2.86 -4.31
CA VAL A 81 -0.88 3.09 -2.89
C VAL A 81 -1.47 1.92 -2.14
N VAL A 82 -0.77 1.49 -1.08
CA VAL A 82 -1.35 0.67 -0.06
C VAL A 82 -1.54 1.48 1.21
N GLN A 83 -2.34 0.96 2.11
CA GLN A 83 -2.53 1.42 3.48
C GLN A 83 -3.06 0.26 4.27
N GLY A 84 -2.68 0.10 5.53
CA GLY A 84 -3.21 -0.86 6.48
C GLY A 84 -2.19 -1.06 7.57
N GLU A 85 -1.51 -2.21 7.66
CA GLU A 85 -0.59 -2.53 8.76
C GLU A 85 0.63 -3.25 8.21
N LEU A 86 1.70 -3.30 9.00
CA LEU A 86 2.88 -4.09 8.69
C LEU A 86 2.73 -5.50 9.27
N GLU A 87 3.18 -6.51 8.54
CA GLU A 87 3.00 -7.93 8.89
C GLU A 87 4.29 -8.45 9.51
N LYS A 88 5.30 -8.74 8.68
CA LYS A 88 6.65 -9.26 8.94
C LYS A 88 7.35 -9.25 7.58
N GLY A 89 8.67 -9.42 7.51
CA GLY A 89 9.36 -9.54 6.22
C GLY A 89 9.07 -8.41 5.25
N ASN A 90 8.76 -7.22 5.77
CA ASN A 90 8.43 -6.00 5.02
C ASN A 90 7.06 -6.04 4.31
N HIS A 91 6.28 -7.10 4.51
CA HIS A 91 4.96 -7.32 3.94
C HIS A 91 3.94 -6.38 4.60
N ILE A 92 3.03 -5.83 3.81
CA ILE A 92 1.95 -4.95 4.21
C ILE A 92 0.61 -5.69 4.15
N LEU A 93 -0.21 -5.56 5.18
CA LEU A 93 -1.65 -5.74 5.03
C LEU A 93 -2.13 -4.45 4.42
N ALA A 94 -2.49 -4.50 3.15
CA ALA A 94 -3.44 -3.59 2.56
C ALA A 94 -4.81 -3.74 3.26
N LYS A 95 -5.45 -2.62 3.54
CA LYS A 95 -6.79 -2.47 4.09
C LYS A 95 -7.73 -1.80 3.08
N GLU A 96 -7.19 -1.24 1.99
CA GLU A 96 -8.01 -0.59 0.97
C GLU A 96 -7.45 -0.71 -0.44
N VAL A 97 -6.15 -0.45 -0.64
CA VAL A 97 -5.50 -0.21 -1.93
C VAL A 97 -6.16 0.97 -2.66
N LEU A 98 -5.32 1.77 -3.32
CA LEU A 98 -5.74 2.89 -4.17
C LEU A 98 -4.85 2.88 -5.40
N ALA A 99 -5.24 3.55 -6.49
CA ALA A 99 -4.50 3.59 -7.75
C ALA A 99 -4.20 5.04 -8.21
N LYS A 100 -4.06 5.97 -7.27
CA LYS A 100 -3.63 7.36 -7.47
C LYS A 100 -4.39 8.12 -8.56
N HIS A 101 -5.70 7.98 -8.61
CA HIS A 101 -6.59 8.69 -9.53
C HIS A 101 -7.09 9.98 -8.87
N ASP A 102 -6.22 10.62 -8.07
CA ASP A 102 -6.46 11.86 -7.34
C ASP A 102 -7.61 11.69 -6.33
N GLU A 103 -7.22 11.27 -5.13
CA GLU A 103 -8.07 11.14 -3.96
C GLU A 103 -7.38 11.81 -2.76
N ASN A 104 -8.13 12.16 -1.71
CA ASN A 104 -7.66 12.91 -0.54
C ASN A 104 -7.95 12.10 0.71
N TYR A 105 -6.91 11.83 1.49
CA TYR A 105 -6.92 10.83 2.55
C TYR A 105 -7.94 11.13 3.66
N THR A 106 -8.20 10.12 4.49
CA THR A 106 -9.08 10.19 5.64
C THR A 106 -8.23 9.94 6.90
N PRO A 107 -8.37 10.77 7.95
CA PRO A 107 -7.61 10.63 9.20
C PRO A 107 -8.02 9.36 9.99
N PRO A 108 -7.44 9.08 11.17
CA PRO A 108 -7.88 7.97 12.00
C PRO A 108 -9.16 8.22 12.78
N GLU A 109 -9.34 9.41 13.32
CA GLU A 109 -10.51 9.82 14.10
C GLU A 109 -11.72 10.00 13.17
N VAL A 110 -12.17 8.87 12.62
CA VAL A 110 -13.30 8.75 11.73
C VAL A 110 -13.55 7.25 11.50
N GLU A 111 -12.56 6.54 10.93
CA GLU A 111 -12.71 5.20 10.38
C GLU A 111 -13.01 4.19 11.50
N LYS A 112 -12.02 3.81 12.30
CA LYS A 112 -12.15 2.85 13.40
C LYS A 112 -11.14 3.17 14.50
N ALA A 113 -11.15 4.41 14.96
CA ALA A 113 -10.36 4.86 16.10
C ALA A 113 -11.04 5.95 16.93
N MET A 114 -12.27 6.37 16.59
CA MET A 114 -13.00 7.39 17.32
C MET A 114 -13.23 6.94 18.74
N LEU A 1 14.07 18.58 7.26
CA LEU A 1 13.32 17.61 8.09
C LEU A 1 12.02 18.24 8.54
N ARG A 2 10.87 17.71 8.11
CA ARG A 2 9.56 18.32 8.35
C ARG A 2 8.54 17.26 8.76
N SER A 3 7.43 17.67 9.37
CA SER A 3 6.25 16.86 9.66
C SER A 3 5.03 17.77 9.57
N ASN A 4 4.01 17.37 8.81
CA ASN A 4 2.75 18.13 8.75
C ASN A 4 1.53 17.26 8.44
N ILE A 5 1.71 16.13 7.75
CA ILE A 5 0.64 15.23 7.30
C ILE A 5 0.91 13.85 7.92
N ASP A 6 0.08 12.87 7.62
CA ASP A 6 0.34 11.45 7.92
C ASP A 6 1.58 10.97 7.18
N LEU A 7 2.22 9.90 7.65
CA LEU A 7 3.36 9.26 7.01
C LEU A 7 2.93 8.47 5.78
N PHE A 8 3.93 7.91 5.12
CA PHE A 8 3.89 7.26 3.82
C PHE A 8 5.27 6.65 3.60
N TYR A 9 5.36 5.42 3.09
CA TYR A 9 6.59 4.67 2.86
C TYR A 9 6.57 4.09 1.43
N THR A 10 7.58 3.29 1.07
CA THR A 10 7.72 2.68 -0.24
C THR A 10 8.28 1.26 -0.19
N PRO A 11 8.24 0.52 -1.31
CA PRO A 11 9.10 -0.62 -1.53
C PRO A 11 10.58 -0.17 -1.67
N GLY A 12 11.13 0.21 -0.52
CA GLY A 12 12.44 0.77 -0.31
C GLY A 12 12.49 1.27 1.11
N GLU A 13 11.57 2.16 1.49
CA GLU A 13 11.62 2.79 2.81
C GLU A 13 11.35 1.83 3.97
N ILE A 14 10.91 0.62 3.68
CA ILE A 14 10.56 -0.40 4.64
C ILE A 14 11.69 -1.45 4.67
N LEU A 15 12.49 -1.54 3.60
CA LEU A 15 13.54 -2.52 3.35
C LEU A 15 14.91 -1.97 3.75
N TYR A 16 15.19 -0.75 3.30
CA TYR A 16 16.44 -0.02 3.49
C TYR A 16 16.27 0.86 4.73
N GLY A 17 15.36 1.83 4.69
CA GLY A 17 15.09 2.79 5.75
C GLY A 17 14.30 3.96 5.19
N LYS A 18 13.68 4.78 6.05
CA LYS A 18 12.88 5.97 5.71
C LYS A 18 13.64 6.90 4.73
N ARG A 19 13.01 7.97 4.21
CA ARG A 19 13.57 8.79 3.13
C ARG A 19 15.03 9.24 3.26
N GLU A 20 15.65 9.26 4.44
CA GLU A 20 17.07 8.96 4.56
C GLU A 20 17.28 7.77 5.50
N THR A 21 16.71 7.84 6.71
CA THR A 21 16.77 6.77 7.72
C THR A 21 15.65 7.00 8.74
N GLN A 22 15.56 8.20 9.31
CA GLN A 22 14.69 8.66 10.38
C GLN A 22 14.53 7.71 11.58
N GLN A 23 13.83 6.57 11.42
CA GLN A 23 13.39 5.63 12.47
C GLN A 23 12.61 4.40 11.92
N MET A 24 12.65 4.13 10.61
CA MET A 24 11.99 2.97 9.96
C MET A 24 10.44 3.03 10.09
N PRO A 25 9.65 2.06 9.60
CA PRO A 25 8.35 1.73 10.19
C PRO A 25 8.55 0.77 11.37
N GLU A 26 7.62 0.73 12.32
CA GLU A 26 7.51 -0.43 13.19
C GLU A 26 6.70 -1.50 12.49
N VAL A 27 7.07 -2.76 12.69
CA VAL A 27 6.32 -3.90 12.16
C VAL A 27 5.01 -4.12 12.92
N GLY A 28 4.85 -3.51 14.10
CA GLY A 28 3.61 -3.50 14.83
C GLY A 28 2.89 -2.15 14.71
N GLN A 29 2.92 -1.46 13.55
CA GLN A 29 2.15 -0.24 13.38
C GLN A 29 1.43 -0.17 12.04
N ARG A 30 0.61 0.87 11.88
CA ARG A 30 -0.21 1.13 10.69
C ARG A 30 0.37 2.29 9.89
N LEU A 31 0.37 2.17 8.56
CA LEU A 31 1.05 3.07 7.65
C LEU A 31 0.44 3.03 6.25
N ARG A 32 0.82 4.00 5.42
CA ARG A 32 0.64 4.03 3.97
C ARG A 32 1.92 3.62 3.28
N VAL A 33 1.80 3.02 2.10
CA VAL A 33 2.86 2.75 1.14
C VAL A 33 2.39 3.27 -0.21
N GLY A 34 3.30 3.62 -1.11
CA GLY A 34 3.00 3.61 -2.54
C GLY A 34 4.15 3.01 -3.30
N GLY A 35 3.86 2.43 -4.46
CA GLY A 35 4.83 1.77 -5.32
C GLY A 35 4.13 1.29 -6.59
N MET A 36 4.89 0.67 -7.49
CA MET A 36 4.39 0.22 -8.79
C MET A 36 4.13 -1.28 -8.75
N VAL A 37 2.96 -1.76 -9.18
CA VAL A 37 2.61 -3.18 -9.10
C VAL A 37 3.50 -3.96 -10.08
N MET A 38 4.22 -4.99 -9.62
CA MET A 38 5.02 -5.82 -10.51
C MET A 38 4.14 -6.45 -11.60
N PRO A 39 4.64 -6.50 -12.84
CA PRO A 39 3.94 -7.12 -13.94
C PRO A 39 3.96 -8.64 -13.71
N GLY A 40 2.78 -9.27 -13.70
CA GLY A 40 2.66 -10.64 -13.25
C GLY A 40 3.08 -10.76 -11.79
N SER A 41 2.33 -10.13 -10.88
CA SER A 41 2.45 -10.37 -9.44
C SER A 41 1.09 -10.51 -8.77
N VAL A 42 0.08 -9.79 -9.22
CA VAL A 42 -1.22 -9.75 -8.58
C VAL A 42 -1.95 -11.09 -8.79
N GLN A 43 -2.04 -11.87 -7.70
CA GLN A 43 -2.70 -13.13 -7.46
C GLN A 43 -4.11 -12.85 -6.92
N ARG A 44 -4.94 -12.14 -7.70
CA ARG A 44 -6.34 -11.88 -7.36
C ARG A 44 -7.19 -13.13 -7.58
N ASP A 45 -8.42 -13.14 -7.07
CA ASP A 45 -9.36 -14.22 -7.30
C ASP A 45 -10.76 -13.65 -7.53
N PRO A 46 -11.35 -13.78 -8.73
CA PRO A 46 -12.68 -13.23 -8.99
C PRO A 46 -13.76 -14.00 -8.23
N ASN A 47 -13.46 -15.18 -7.71
CA ASN A 47 -14.40 -16.03 -7.01
C ASN A 47 -14.22 -15.89 -5.51
N SER A 48 -13.07 -15.41 -5.01
CA SER A 48 -12.75 -15.49 -3.57
C SER A 48 -12.27 -14.19 -2.94
N LEU A 49 -12.11 -13.14 -3.76
CA LEU A 49 -11.80 -11.75 -3.49
C LEU A 49 -10.43 -11.52 -2.85
N LYS A 50 -9.87 -12.50 -2.14
CA LYS A 50 -8.50 -12.49 -1.68
C LYS A 50 -7.59 -12.23 -2.86
N VAL A 51 -6.73 -11.24 -2.75
CA VAL A 51 -5.79 -10.87 -3.77
C VAL A 51 -4.45 -10.72 -3.06
N THR A 52 -3.36 -11.04 -3.74
CA THR A 52 -2.04 -10.86 -3.17
C THR A 52 -1.18 -10.22 -4.26
N PHE A 53 -0.56 -9.06 -4.05
CA PHE A 53 0.30 -8.50 -5.11
C PHE A 53 1.63 -8.09 -4.53
N THR A 54 2.55 -7.68 -5.40
CA THR A 54 3.82 -7.13 -4.97
C THR A 54 3.98 -5.79 -5.68
N ILE A 55 4.53 -4.81 -4.98
CA ILE A 55 4.74 -3.44 -5.44
C ILE A 55 6.24 -3.17 -5.31
N TYR A 56 6.86 -2.49 -6.26
CA TYR A 56 8.31 -2.33 -6.38
C TYR A 56 8.68 -0.90 -6.78
N ASP A 57 9.98 -0.63 -6.75
CA ASP A 57 10.61 0.63 -7.13
C ASP A 57 12.08 0.37 -7.50
N ALA A 58 12.90 1.42 -7.61
CA ALA A 58 14.33 1.35 -7.88
C ALA A 58 15.14 0.71 -6.74
N GLU A 59 14.55 0.54 -5.55
CA GLU A 59 15.24 0.10 -4.35
C GLU A 59 14.94 -1.38 -4.18
N GLY A 60 13.68 -1.71 -3.88
CA GLY A 60 13.30 -3.08 -3.54
C GLY A 60 11.89 -3.41 -4.00
N SER A 61 11.23 -4.33 -3.31
CA SER A 61 9.80 -4.57 -3.45
C SER A 61 9.17 -4.82 -2.09
N VAL A 62 7.84 -4.81 -2.00
CA VAL A 62 7.09 -5.14 -0.81
C VAL A 62 5.86 -5.90 -1.27
N ASP A 63 5.50 -6.87 -0.45
CA ASP A 63 4.35 -7.73 -0.68
C ASP A 63 3.13 -7.04 -0.09
N VAL A 64 1.94 -7.31 -0.63
CA VAL A 64 0.70 -6.86 -0.03
C VAL A 64 -0.36 -7.96 -0.08
N SER A 65 -1.10 -8.12 1.01
CA SER A 65 -2.34 -8.86 1.07
C SER A 65 -3.47 -7.84 1.02
N TYR A 66 -4.50 -8.12 0.24
CA TYR A 66 -5.76 -7.41 0.23
C TYR A 66 -6.86 -8.44 0.03
N GLU A 67 -8.10 -8.07 0.30
CA GLU A 67 -9.23 -8.95 0.10
C GLU A 67 -10.40 -8.02 -0.18
N GLY A 68 -10.87 -8.04 -1.41
CA GLY A 68 -11.82 -7.06 -1.92
C GLY A 68 -11.86 -7.16 -3.43
N ILE A 69 -12.60 -6.26 -4.09
CA ILE A 69 -12.80 -6.37 -5.53
C ILE A 69 -11.70 -5.67 -6.33
N LEU A 70 -11.02 -4.72 -5.68
CA LEU A 70 -9.94 -3.88 -6.18
C LEU A 70 -10.54 -2.71 -6.98
N PRO A 71 -9.85 -1.55 -7.06
CA PRO A 71 -10.30 -0.46 -7.90
C PRO A 71 -10.35 -0.93 -9.35
N ASP A 72 -11.36 -0.49 -10.09
CA ASP A 72 -11.48 -0.71 -11.54
C ASP A 72 -10.23 -0.15 -12.24
N LEU A 73 -9.66 0.90 -11.65
CA LEU A 73 -8.43 1.55 -12.04
C LEU A 73 -7.22 0.64 -11.93
N PHE A 74 -7.12 -0.17 -10.87
CA PHE A 74 -5.89 -0.85 -10.49
C PHE A 74 -5.49 -1.88 -11.55
N ARG A 75 -4.20 -1.97 -11.92
CA ARG A 75 -3.68 -2.95 -12.87
C ARG A 75 -2.31 -3.41 -12.41
N GLU A 76 -1.78 -4.39 -13.11
CA GLU A 76 -0.34 -4.55 -13.21
C GLU A 76 0.26 -3.28 -13.81
N GLY A 77 1.36 -2.81 -13.23
CA GLY A 77 2.33 -1.95 -13.91
C GLY A 77 2.04 -0.47 -13.78
N GLN A 78 1.03 -0.10 -12.98
CA GLN A 78 0.75 1.27 -12.62
C GLN A 78 1.24 1.52 -11.20
N GLY A 79 1.17 2.79 -10.79
CA GLY A 79 1.53 3.27 -9.47
C GLY A 79 0.28 3.30 -8.61
N VAL A 80 0.35 2.70 -7.43
CA VAL A 80 -0.77 2.54 -6.53
C VAL A 80 -0.32 3.04 -5.15
N VAL A 81 -1.24 3.12 -4.21
CA VAL A 81 -1.00 3.40 -2.82
C VAL A 81 -1.70 2.27 -2.06
N VAL A 82 -0.99 1.59 -1.18
CA VAL A 82 -1.59 0.71 -0.20
C VAL A 82 -1.59 1.46 1.14
N GLN A 83 -2.46 1.00 2.02
CA GLN A 83 -2.70 1.58 3.32
C GLN A 83 -3.28 0.50 4.19
N GLY A 84 -2.78 0.37 5.42
CA GLY A 84 -3.22 -0.62 6.37
C GLY A 84 -2.07 -0.82 7.34
N GLU A 85 -1.51 -2.01 7.46
CA GLU A 85 -0.67 -2.36 8.60
C GLU A 85 0.49 -3.23 8.15
N LEU A 86 1.58 -3.18 8.91
CA LEU A 86 2.79 -3.94 8.61
C LEU A 86 2.61 -5.37 9.13
N GLU A 87 2.98 -6.38 8.32
CA GLU A 87 2.83 -7.78 8.69
C GLU A 87 4.13 -8.22 9.38
N LYS A 88 5.12 -8.63 8.59
CA LYS A 88 6.49 -8.87 8.99
C LYS A 88 7.41 -8.62 7.80
N GLY A 89 7.65 -9.67 6.99
CA GLY A 89 8.77 -9.77 6.07
C GLY A 89 8.47 -8.93 4.86
N ASN A 90 8.74 -7.62 4.98
CA ASN A 90 8.36 -6.53 4.09
C ASN A 90 7.04 -6.86 3.37
N HIS A 91 5.96 -6.91 4.14
CA HIS A 91 4.62 -7.28 3.69
C HIS A 91 3.62 -6.39 4.40
N ILE A 92 2.70 -5.79 3.66
CA ILE A 92 1.64 -4.93 4.14
C ILE A 92 0.31 -5.68 4.08
N LEU A 93 -0.49 -5.59 5.13
CA LEU A 93 -1.92 -5.80 5.07
C LEU A 93 -2.45 -4.52 4.49
N ALA A 94 -2.84 -4.54 3.23
CA ALA A 94 -3.67 -3.49 2.71
C ALA A 94 -5.05 -3.61 3.38
N LYS A 95 -5.70 -2.46 3.56
CA LYS A 95 -7.07 -2.36 4.00
C LYS A 95 -7.94 -1.87 2.84
N GLU A 96 -7.38 -1.15 1.85
CA GLU A 96 -8.22 -0.49 0.85
C GLU A 96 -7.68 -0.34 -0.57
N VAL A 97 -6.38 -0.51 -0.80
CA VAL A 97 -5.69 -0.45 -2.12
C VAL A 97 -6.21 0.64 -3.05
N LEU A 98 -5.48 1.75 -3.14
CA LEU A 98 -5.87 2.93 -3.86
C LEU A 98 -5.02 3.00 -5.12
N ALA A 99 -5.57 3.49 -6.23
CA ALA A 99 -4.90 3.45 -7.53
C ALA A 99 -4.44 4.85 -7.97
N LYS A 100 -4.09 5.73 -7.02
CA LYS A 100 -3.74 7.13 -7.32
C LYS A 100 -4.84 7.80 -8.19
N HIS A 101 -6.09 7.61 -7.77
CA HIS A 101 -7.24 8.36 -8.25
C HIS A 101 -7.25 9.67 -7.45
N ASP A 102 -8.17 9.80 -6.50
CA ASP A 102 -8.41 10.95 -5.67
C ASP A 102 -8.93 10.39 -4.36
N GLU A 103 -8.14 10.52 -3.32
CA GLU A 103 -8.35 9.91 -2.02
C GLU A 103 -7.65 10.85 -1.04
N ASN A 104 -8.30 11.26 0.04
CA ASN A 104 -7.66 12.08 1.06
C ASN A 104 -8.37 12.06 2.42
N TYR A 105 -9.69 11.89 2.44
CA TYR A 105 -10.52 11.97 3.63
C TYR A 105 -11.71 11.02 3.45
N THR A 106 -12.01 10.21 4.45
CA THR A 106 -13.11 9.26 4.39
C THR A 106 -14.09 9.60 5.52
N PRO A 107 -15.26 10.20 5.21
CA PRO A 107 -16.32 10.46 6.17
C PRO A 107 -17.04 9.17 6.56
N PRO A 108 -18.04 9.21 7.46
CA PRO A 108 -18.85 8.04 7.76
C PRO A 108 -19.83 7.65 6.67
N GLU A 109 -20.49 8.63 6.04
CA GLU A 109 -21.61 8.40 5.14
C GLU A 109 -21.14 7.92 3.76
N VAL A 110 -20.42 6.81 3.75
CA VAL A 110 -19.80 6.11 2.64
C VAL A 110 -19.46 4.71 3.16
N GLU A 111 -18.84 4.65 4.35
CA GLU A 111 -18.35 3.45 5.00
C GLU A 111 -19.50 2.46 5.16
N LYS A 112 -20.61 2.88 5.76
CA LYS A 112 -21.82 2.09 5.87
C LYS A 112 -23.00 3.04 5.73
N ALA A 113 -23.39 3.38 4.50
CA ALA A 113 -24.50 4.29 4.24
C ALA A 113 -25.03 4.13 2.82
N MET A 114 -24.14 4.25 1.85
CA MET A 114 -24.44 4.18 0.42
C MET A 114 -24.70 2.73 0.03
N LEU A 1 12.72 16.85 6.74
CA LEU A 1 11.39 17.40 6.41
C LEU A 1 10.46 17.24 7.60
N ARG A 2 9.71 18.29 7.94
CA ARG A 2 8.53 18.13 8.78
C ARG A 2 7.53 17.18 8.13
N SER A 3 6.55 16.70 8.88
CA SER A 3 5.37 16.00 8.40
C SER A 3 4.35 16.10 9.51
N ASN A 4 3.09 16.44 9.19
CA ASN A 4 2.08 16.67 10.23
C ASN A 4 0.71 16.08 9.91
N ILE A 5 0.59 15.36 8.81
CA ILE A 5 -0.58 14.55 8.46
C ILE A 5 -0.22 13.12 8.92
N ASP A 6 -0.58 12.11 8.15
CA ASP A 6 -0.14 10.74 8.39
C ASP A 6 1.26 10.52 7.83
N LEU A 7 1.89 9.37 8.07
CA LEU A 7 3.13 8.97 7.45
C LEU A 7 2.86 8.16 6.19
N PHE A 8 3.94 7.75 5.53
CA PHE A 8 3.96 7.15 4.20
C PHE A 8 5.37 6.60 3.96
N TYR A 9 5.51 5.49 3.25
CA TYR A 9 6.75 4.82 2.87
C TYR A 9 6.59 4.27 1.43
N THR A 10 7.57 3.51 0.94
CA THR A 10 7.55 2.91 -0.39
C THR A 10 8.02 1.45 -0.30
N PRO A 11 7.91 0.66 -1.37
CA PRO A 11 8.53 -0.66 -1.45
C PRO A 11 10.04 -0.48 -1.65
N GLY A 12 10.69 -0.03 -0.59
CA GLY A 12 12.04 0.47 -0.51
C GLY A 12 12.20 0.96 0.90
N GLU A 13 11.46 2.02 1.22
CA GLU A 13 11.59 2.75 2.47
C GLU A 13 11.08 1.96 3.66
N ILE A 14 10.50 0.78 3.48
CA ILE A 14 10.06 -0.04 4.58
C ILE A 14 11.23 -0.96 4.93
N LEU A 15 11.90 -1.49 3.92
CA LEU A 15 12.81 -2.59 4.06
C LEU A 15 14.19 -2.07 4.44
N TYR A 16 14.60 -1.00 3.76
CA TYR A 16 15.96 -0.48 3.76
C TYR A 16 16.12 0.76 4.66
N GLY A 17 15.07 1.18 5.36
CA GLY A 17 15.03 2.43 6.12
C GLY A 17 14.48 3.56 5.27
N LYS A 18 14.12 4.69 5.90
CA LYS A 18 13.69 5.90 5.22
C LYS A 18 14.85 6.52 4.44
N ARG A 19 14.53 7.42 3.51
CA ARG A 19 15.43 7.94 2.45
C ARG A 19 16.74 8.57 2.92
N GLU A 20 16.91 8.89 4.22
CA GLU A 20 18.23 8.84 4.82
C GLU A 20 18.24 7.91 6.04
N THR A 21 17.68 8.38 7.16
CA THR A 21 17.74 7.71 8.46
C THR A 21 16.59 8.21 9.36
N GLN A 22 15.49 8.67 8.74
CA GLN A 22 14.45 9.43 9.41
C GLN A 22 13.77 8.58 10.48
N GLN A 23 13.41 7.32 10.16
CA GLN A 23 12.85 6.28 11.03
C GLN A 23 12.27 5.12 10.20
N MET A 24 12.39 3.89 10.70
CA MET A 24 11.67 2.72 10.16
C MET A 24 10.19 2.78 10.58
N PRO A 25 9.27 2.04 9.92
CA PRO A 25 7.99 1.70 10.52
C PRO A 25 8.16 0.57 11.54
N GLU A 26 7.22 0.44 12.46
CA GLU A 26 7.08 -0.76 13.28
C GLU A 26 6.36 -1.81 12.44
N VAL A 27 6.53 -3.07 12.80
CA VAL A 27 5.94 -4.19 12.06
C VAL A 27 4.58 -4.61 12.64
N GLY A 28 4.13 -3.93 13.69
CA GLY A 28 2.76 -3.91 14.17
C GLY A 28 2.25 -2.47 14.21
N GLN A 29 2.29 -1.73 13.08
CA GLN A 29 1.62 -0.43 13.04
C GLN A 29 1.02 -0.13 11.67
N ARG A 30 0.19 0.91 11.58
CA ARG A 30 -0.43 1.27 10.31
C ARG A 30 0.45 2.25 9.58
N LEU A 31 0.69 1.94 8.32
CA LEU A 31 1.37 2.81 7.38
C LEU A 31 0.68 2.82 6.03
N ARG A 32 1.28 3.55 5.09
CA ARG A 32 0.90 3.70 3.70
C ARG A 32 2.14 3.39 2.88
N VAL A 33 1.96 2.73 1.74
CA VAL A 33 3.02 2.40 0.81
C VAL A 33 2.57 2.88 -0.55
N GLY A 34 3.36 3.71 -1.22
CA GLY A 34 3.18 3.99 -2.64
C GLY A 34 4.31 3.37 -3.42
N GLY A 35 3.99 2.71 -4.53
CA GLY A 35 4.92 1.98 -5.37
C GLY A 35 4.21 1.38 -6.57
N MET A 36 4.98 0.77 -7.49
CA MET A 36 4.51 0.25 -8.76
C MET A 36 4.21 -1.24 -8.66
N VAL A 37 3.00 -1.66 -9.05
CA VAL A 37 2.58 -3.05 -9.04
C VAL A 37 3.44 -3.85 -10.02
N MET A 38 4.05 -4.95 -9.55
CA MET A 38 4.74 -5.89 -10.43
C MET A 38 3.79 -6.46 -11.48
N PRO A 39 4.14 -6.39 -12.77
CA PRO A 39 3.32 -6.83 -13.87
C PRO A 39 3.12 -8.35 -13.81
N GLY A 40 1.89 -8.79 -13.58
CA GLY A 40 1.48 -10.17 -13.44
C GLY A 40 1.21 -10.62 -12.01
N SER A 41 1.68 -9.87 -11.01
CA SER A 41 1.75 -10.37 -9.64
C SER A 41 0.38 -10.55 -8.98
N VAL A 42 -0.67 -9.90 -9.48
CA VAL A 42 -1.95 -9.76 -8.84
C VAL A 42 -2.74 -11.07 -8.97
N GLN A 43 -2.48 -12.01 -8.06
CA GLN A 43 -2.88 -13.42 -8.10
C GLN A 43 -4.41 -13.55 -8.14
N ARG A 44 -5.08 -13.00 -7.12
CA ARG A 44 -6.52 -12.97 -6.85
C ARG A 44 -7.05 -14.38 -6.55
N ASP A 45 -7.79 -14.53 -5.46
CA ASP A 45 -8.36 -15.81 -5.05
C ASP A 45 -9.45 -16.17 -6.05
N PRO A 46 -9.37 -17.27 -6.81
CA PRO A 46 -10.43 -17.63 -7.74
C PRO A 46 -11.77 -17.89 -7.04
N ASN A 47 -11.78 -18.04 -5.72
CA ASN A 47 -12.99 -18.32 -4.91
C ASN A 47 -13.41 -17.12 -4.08
N SER A 48 -12.61 -16.05 -4.00
CA SER A 48 -12.81 -14.96 -3.05
C SER A 48 -12.59 -13.63 -3.76
N LEU A 49 -12.26 -12.61 -2.97
CA LEU A 49 -11.80 -11.30 -3.41
C LEU A 49 -10.51 -10.96 -2.66
N LYS A 50 -9.94 -11.88 -1.87
CA LYS A 50 -8.59 -11.76 -1.42
C LYS A 50 -7.71 -11.61 -2.66
N VAL A 51 -6.70 -10.75 -2.54
CA VAL A 51 -5.65 -10.62 -3.52
C VAL A 51 -4.34 -10.80 -2.79
N THR A 52 -3.34 -11.19 -3.55
CA THR A 52 -1.96 -10.88 -3.26
C THR A 52 -1.40 -10.22 -4.51
N PHE A 53 -0.56 -9.19 -4.37
CA PHE A 53 0.28 -8.66 -5.43
C PHE A 53 1.61 -8.24 -4.81
N THR A 54 2.59 -7.90 -5.65
CA THR A 54 3.85 -7.32 -5.20
C THR A 54 3.88 -5.89 -5.73
N ILE A 55 4.44 -4.96 -4.97
CA ILE A 55 4.75 -3.61 -5.41
C ILE A 55 6.24 -3.44 -5.23
N TYR A 56 6.86 -2.72 -6.15
CA TYR A 56 8.27 -2.44 -6.22
C TYR A 56 8.45 -0.98 -6.60
N ASP A 57 9.68 -0.50 -6.57
CA ASP A 57 10.06 0.80 -7.13
C ASP A 57 11.54 0.74 -7.49
N ALA A 58 12.19 1.89 -7.67
CA ALA A 58 13.62 2.05 -7.94
C ALA A 58 14.53 1.60 -6.77
N GLU A 59 13.99 0.89 -5.78
CA GLU A 59 14.68 0.54 -4.55
C GLU A 59 14.60 -0.98 -4.38
N GLY A 60 13.45 -1.49 -3.97
CA GLY A 60 13.25 -2.90 -3.61
C GLY A 60 11.82 -3.31 -3.93
N SER A 61 11.27 -4.28 -3.19
CA SER A 61 9.87 -4.63 -3.32
C SER A 61 9.25 -5.07 -1.99
N VAL A 62 7.92 -5.16 -1.93
CA VAL A 62 7.13 -5.58 -0.79
C VAL A 62 5.89 -6.32 -1.28
N ASP A 63 5.35 -7.13 -0.40
CA ASP A 63 4.20 -8.01 -0.63
C ASP A 63 2.94 -7.27 -0.17
N VAL A 64 1.77 -7.56 -0.76
CA VAL A 64 0.51 -6.92 -0.41
C VAL A 64 -0.66 -7.92 -0.48
N SER A 65 -1.13 -8.40 0.67
CA SER A 65 -2.45 -9.03 0.82
C SER A 65 -3.53 -7.95 0.88
N TYR A 66 -4.50 -7.94 -0.02
CA TYR A 66 -5.72 -7.13 0.05
C TYR A 66 -6.92 -8.08 0.15
N GLU A 67 -8.11 -7.55 0.40
CA GLU A 67 -9.36 -8.25 0.25
C GLU A 67 -10.35 -7.26 -0.32
N GLY A 68 -10.60 -7.35 -1.63
CA GLY A 68 -11.50 -6.45 -2.33
C GLY A 68 -11.28 -6.50 -3.83
N ILE A 69 -12.20 -5.87 -4.56
CA ILE A 69 -12.29 -6.03 -6.02
C ILE A 69 -11.15 -5.30 -6.73
N LEU A 70 -10.64 -4.26 -6.07
CA LEU A 70 -9.63 -3.28 -6.44
C LEU A 70 -10.29 -2.10 -7.17
N PRO A 71 -9.65 -0.92 -7.16
CA PRO A 71 -10.08 0.18 -8.02
C PRO A 71 -10.08 -0.35 -9.45
N ASP A 72 -11.03 0.07 -10.30
CA ASP A 72 -10.93 -0.33 -11.70
C ASP A 72 -9.65 0.25 -12.28
N LEU A 73 -9.29 1.47 -11.87
CA LEU A 73 -8.07 2.19 -12.24
C LEU A 73 -6.76 1.50 -11.83
N PHE A 74 -6.77 0.59 -10.87
CA PHE A 74 -5.58 -0.16 -10.50
C PHE A 74 -5.13 -1.03 -11.68
N ARG A 75 -3.87 -0.89 -12.11
CA ARG A 75 -3.28 -1.69 -13.18
C ARG A 75 -1.98 -2.32 -12.72
N GLU A 76 -1.60 -3.36 -13.44
CA GLU A 76 -0.31 -4.00 -13.39
C GLU A 76 0.65 -3.16 -14.23
N GLY A 77 1.53 -2.40 -13.56
CA GLY A 77 2.53 -1.55 -14.22
C GLY A 77 2.41 -0.06 -13.87
N GLN A 78 1.63 0.29 -12.84
CA GLN A 78 1.46 1.68 -12.39
C GLN A 78 1.66 1.82 -10.90
N GLY A 79 1.79 3.08 -10.48
CA GLY A 79 1.86 3.48 -9.10
C GLY A 79 0.47 3.33 -8.48
N VAL A 80 0.43 2.85 -7.26
CA VAL A 80 -0.78 2.73 -6.44
C VAL A 80 -0.38 3.20 -5.03
N VAL A 81 -1.34 3.39 -4.13
CA VAL A 81 -1.10 3.69 -2.73
C VAL A 81 -1.88 2.63 -1.94
N VAL A 82 -1.16 1.70 -1.31
CA VAL A 82 -1.66 0.83 -0.27
C VAL A 82 -1.65 1.60 1.07
N GLN A 83 -2.47 1.12 1.99
CA GLN A 83 -2.57 1.44 3.40
C GLN A 83 -3.13 0.22 4.09
N GLY A 84 -2.81 0.03 5.35
CA GLY A 84 -3.43 -0.92 6.26
C GLY A 84 -2.40 -1.14 7.35
N GLU A 85 -1.79 -2.34 7.44
CA GLU A 85 -0.80 -2.61 8.46
C GLU A 85 0.42 -3.22 7.82
N LEU A 86 1.53 -3.17 8.54
CA LEU A 86 2.66 -4.04 8.30
C LEU A 86 2.30 -5.43 8.85
N GLU A 87 2.71 -6.51 8.19
CA GLU A 87 2.54 -7.89 8.64
C GLU A 87 3.85 -8.36 9.26
N LYS A 88 4.75 -8.91 8.45
CA LYS A 88 6.08 -9.42 8.77
C LYS A 88 6.79 -9.75 7.45
N GLY A 89 8.12 -9.77 7.45
CA GLY A 89 8.90 -10.18 6.29
C GLY A 89 8.81 -9.21 5.11
N ASN A 90 8.52 -7.94 5.36
CA ASN A 90 8.14 -6.90 4.39
C ASN A 90 6.89 -7.32 3.62
N HIS A 91 5.74 -7.32 4.29
CA HIS A 91 4.44 -7.60 3.71
C HIS A 91 3.45 -6.64 4.35
N ILE A 92 2.56 -6.06 3.55
CA ILE A 92 1.52 -5.13 3.94
C ILE A 92 0.18 -5.86 3.88
N LEU A 93 -0.59 -5.76 4.96
CA LEU A 93 -2.03 -5.95 4.89
C LEU A 93 -2.57 -4.66 4.33
N ALA A 94 -3.08 -4.72 3.12
CA ALA A 94 -3.81 -3.68 2.44
C ALA A 94 -5.23 -3.67 2.98
N LYS A 95 -5.74 -2.49 3.29
CA LYS A 95 -7.04 -2.25 3.88
C LYS A 95 -7.98 -1.55 2.92
N GLU A 96 -7.47 -0.81 1.92
CA GLU A 96 -8.30 -0.12 0.95
C GLU A 96 -7.74 -0.12 -0.47
N VAL A 97 -6.46 0.20 -0.70
CA VAL A 97 -5.81 0.35 -2.00
C VAL A 97 -6.47 1.47 -2.81
N LEU A 98 -5.60 2.33 -3.31
CA LEU A 98 -5.95 3.50 -4.08
C LEU A 98 -5.00 3.50 -5.28
N ALA A 99 -5.35 4.20 -6.36
CA ALA A 99 -4.52 4.25 -7.55
C ALA A 99 -4.23 5.69 -7.94
N LYS A 100 -3.68 6.47 -6.99
CA LYS A 100 -3.25 7.86 -7.17
C LYS A 100 -4.29 8.81 -7.80
N HIS A 101 -5.55 8.42 -7.86
CA HIS A 101 -6.71 9.07 -8.44
C HIS A 101 -7.21 10.19 -7.52
N ASP A 102 -6.31 11.15 -7.30
CA ASP A 102 -6.62 12.47 -6.76
C ASP A 102 -7.17 12.38 -5.33
N GLU A 103 -6.82 11.29 -4.65
CA GLU A 103 -7.09 11.02 -3.25
C GLU A 103 -6.04 11.77 -2.44
N ASN A 104 -6.46 12.75 -1.64
CA ASN A 104 -5.59 13.45 -0.69
C ASN A 104 -6.26 13.60 0.66
N TYR A 105 -7.53 14.01 0.68
CA TYR A 105 -8.34 14.12 1.88
C TYR A 105 -9.76 13.76 1.45
N THR A 106 -10.29 12.63 1.88
CA THR A 106 -11.66 12.23 1.59
C THR A 106 -12.51 12.67 2.80
N PRO A 107 -13.65 13.35 2.61
CA PRO A 107 -14.52 13.83 3.70
C PRO A 107 -15.12 12.66 4.52
N PRO A 108 -15.90 12.91 5.57
CA PRO A 108 -16.63 11.88 6.30
C PRO A 108 -17.87 11.41 5.53
N GLU A 109 -18.66 10.56 6.18
CA GLU A 109 -19.83 9.88 5.63
C GLU A 109 -19.52 9.25 4.27
N VAL A 110 -18.49 8.39 4.25
CA VAL A 110 -18.08 7.62 3.09
C VAL A 110 -17.28 6.43 3.56
N GLU A 111 -16.43 6.63 4.58
CA GLU A 111 -15.45 5.66 5.06
C GLU A 111 -16.14 4.34 5.34
N LYS A 112 -17.18 4.36 6.19
CA LYS A 112 -18.11 3.28 6.44
C LYS A 112 -19.40 3.94 6.87
N ALA A 113 -20.22 4.38 5.91
CA ALA A 113 -21.48 5.07 6.18
C ALA A 113 -22.44 5.05 4.99
N MET A 114 -21.92 5.10 3.76
CA MET A 114 -22.72 5.04 2.54
C MET A 114 -23.20 3.63 2.26
N LEU A 1 11.67 20.00 12.01
CA LEU A 1 10.58 20.32 11.08
C LEU A 1 9.25 20.04 11.76
N ARG A 2 8.20 20.78 11.43
CA ARG A 2 6.85 20.43 11.87
C ARG A 2 6.54 19.01 11.41
N SER A 3 5.76 18.25 12.19
CA SER A 3 5.30 16.95 11.79
C SER A 3 3.93 16.76 12.44
N ASN A 4 2.95 16.30 11.68
CA ASN A 4 1.57 16.13 12.11
C ASN A 4 0.83 15.21 11.16
N ILE A 5 1.01 15.44 9.86
CA ILE A 5 0.38 14.69 8.80
C ILE A 5 0.86 13.23 8.88
N ASP A 6 0.01 12.36 8.33
CA ASP A 6 0.19 10.91 8.27
C ASP A 6 1.44 10.56 7.47
N LEU A 7 2.11 9.48 7.80
CA LEU A 7 3.33 9.05 7.12
C LEU A 7 2.98 8.30 5.83
N PHE A 8 4.02 7.76 5.21
CA PHE A 8 4.05 7.11 3.91
C PHE A 8 5.43 6.43 3.82
N TYR A 9 5.53 5.39 3.01
CA TYR A 9 6.73 4.62 2.71
C TYR A 9 6.73 4.23 1.23
N THR A 10 7.81 3.64 0.74
CA THR A 10 7.86 3.01 -0.58
C THR A 10 8.57 1.65 -0.46
N PRO A 11 8.45 0.74 -1.46
CA PRO A 11 9.17 -0.52 -1.50
C PRO A 11 10.67 -0.26 -1.78
N GLY A 12 11.33 0.26 -0.76
CA GLY A 12 12.64 0.83 -0.80
C GLY A 12 12.89 1.34 0.59
N GLU A 13 12.10 2.31 1.06
CA GLU A 13 12.16 2.79 2.44
C GLU A 13 12.14 1.59 3.40
N ILE A 14 11.21 0.67 3.18
CA ILE A 14 10.89 -0.48 4.03
C ILE A 14 12.04 -1.50 4.11
N LEU A 15 13.02 -1.43 3.19
CA LEU A 15 14.03 -2.47 2.95
C LEU A 15 15.44 -1.90 3.09
N TYR A 16 15.62 -0.63 2.72
CA TYR A 16 16.85 0.14 2.76
C TYR A 16 16.89 0.95 4.06
N GLY A 17 15.89 1.83 4.27
CA GLY A 17 15.77 2.69 5.44
C GLY A 17 14.95 3.94 5.10
N LYS A 18 14.00 4.34 5.97
CA LYS A 18 13.12 5.49 5.78
C LYS A 18 13.92 6.76 5.52
N ARG A 19 13.80 7.40 4.35
CA ARG A 19 14.67 8.52 4.01
C ARG A 19 14.61 9.70 4.99
N GLU A 20 13.49 9.87 5.73
CA GLU A 20 13.34 10.84 6.80
C GLU A 20 14.50 10.74 7.81
N THR A 21 14.58 9.66 8.58
CA THR A 21 15.56 9.49 9.67
C THR A 21 15.91 8.02 9.92
N GLN A 22 15.69 7.17 8.91
CA GLN A 22 15.97 5.74 8.89
C GLN A 22 15.21 4.98 10.00
N GLN A 23 14.05 5.50 10.41
CA GLN A 23 13.27 5.04 11.57
C GLN A 23 12.67 3.65 11.44
N MET A 24 12.50 3.16 10.20
CA MET A 24 11.66 2.04 9.81
C MET A 24 10.19 2.19 10.26
N PRO A 25 9.24 1.47 9.65
CA PRO A 25 7.90 1.33 10.20
C PRO A 25 7.94 0.37 11.39
N GLU A 26 6.98 0.49 12.31
CA GLU A 26 6.78 -0.49 13.37
C GLU A 26 6.03 -1.67 12.75
N VAL A 27 6.49 -2.90 13.01
CA VAL A 27 5.71 -4.11 12.70
C VAL A 27 4.48 -4.27 13.60
N GLY A 28 4.29 -3.31 14.50
CA GLY A 28 3.16 -3.14 15.37
C GLY A 28 2.32 -1.91 15.03
N GLN A 29 2.36 -1.38 13.80
CA GLN A 29 1.58 -0.17 13.49
C GLN A 29 0.86 -0.26 12.14
N ARG A 30 0.12 0.81 11.86
CA ARG A 30 -0.44 1.10 10.54
C ARG A 30 0.53 2.01 9.81
N LEU A 31 0.57 1.92 8.49
CA LEU A 31 1.30 2.84 7.64
C LEU A 31 0.69 2.84 6.24
N ARG A 32 1.23 3.67 5.36
CA ARG A 32 0.93 3.74 3.93
C ARG A 32 2.17 3.37 3.15
N VAL A 33 2.02 2.80 1.95
CA VAL A 33 3.07 2.58 0.98
C VAL A 33 2.62 3.21 -0.34
N GLY A 34 3.57 3.59 -1.19
CA GLY A 34 3.33 3.80 -2.61
C GLY A 34 4.40 3.06 -3.40
N GLY A 35 4.04 2.47 -4.54
CA GLY A 35 4.99 1.87 -5.48
C GLY A 35 4.26 1.43 -6.76
N MET A 36 5.01 0.87 -7.71
CA MET A 36 4.55 0.31 -8.96
C MET A 36 4.28 -1.19 -8.82
N VAL A 37 3.05 -1.64 -9.04
CA VAL A 37 2.67 -3.06 -8.94
C VAL A 37 3.44 -3.86 -10.01
N MET A 38 4.12 -4.94 -9.63
CA MET A 38 4.81 -5.84 -10.55
C MET A 38 3.88 -6.47 -11.59
N PRO A 39 4.36 -6.61 -12.83
CA PRO A 39 3.68 -7.30 -13.91
C PRO A 39 3.51 -8.78 -13.53
N GLY A 40 2.31 -9.34 -13.74
CA GLY A 40 2.03 -10.76 -13.52
C GLY A 40 1.91 -11.15 -12.05
N SER A 41 2.13 -10.25 -11.09
CA SER A 41 2.18 -10.62 -9.68
C SER A 41 0.79 -10.92 -9.11
N VAL A 42 -0.18 -10.07 -9.46
CA VAL A 42 -1.52 -10.03 -8.90
C VAL A 42 -2.30 -11.29 -9.28
N GLN A 43 -2.52 -12.18 -8.32
CA GLN A 43 -3.28 -13.44 -8.45
C GLN A 43 -4.79 -13.17 -8.51
N ARG A 44 -5.28 -12.47 -7.48
CA ARG A 44 -6.70 -12.31 -7.12
C ARG A 44 -7.30 -13.63 -6.67
N ASP A 45 -8.57 -13.62 -6.25
CA ASP A 45 -9.35 -14.83 -6.15
C ASP A 45 -10.69 -14.58 -6.82
N PRO A 46 -11.12 -15.37 -7.81
CA PRO A 46 -12.50 -15.30 -8.29
C PRO A 46 -13.49 -15.91 -7.30
N ASN A 47 -13.01 -16.77 -6.39
CA ASN A 47 -13.87 -17.43 -5.42
C ASN A 47 -14.30 -16.44 -4.36
N SER A 48 -13.40 -15.51 -4.03
CA SER A 48 -13.56 -14.54 -2.97
C SER A 48 -13.22 -13.21 -3.65
N LEU A 49 -12.36 -12.40 -3.06
CA LEU A 49 -11.72 -11.23 -3.64
C LEU A 49 -10.36 -10.99 -2.98
N LYS A 50 -9.83 -11.98 -2.26
CA LYS A 50 -8.50 -11.94 -1.65
C LYS A 50 -7.48 -11.81 -2.76
N VAL A 51 -6.75 -10.70 -2.77
CA VAL A 51 -5.67 -10.46 -3.68
C VAL A 51 -4.34 -10.69 -2.98
N THR A 52 -3.37 -11.03 -3.80
CA THR A 52 -1.98 -11.08 -3.48
C THR A 52 -1.27 -10.54 -4.73
N PHE A 53 -0.60 -9.40 -4.59
CA PHE A 53 0.28 -8.80 -5.59
C PHE A 53 1.68 -8.52 -5.02
N THR A 54 2.58 -8.00 -5.86
CA THR A 54 3.89 -7.45 -5.45
C THR A 54 3.95 -6.01 -5.97
N ILE A 55 4.59 -5.10 -5.23
CA ILE A 55 4.88 -3.72 -5.63
C ILE A 55 6.39 -3.58 -5.60
N TYR A 56 6.94 -2.75 -6.46
CA TYR A 56 8.35 -2.41 -6.54
C TYR A 56 8.46 -0.92 -6.82
N ASP A 57 9.70 -0.43 -6.89
CA ASP A 57 10.02 0.97 -7.20
C ASP A 57 11.50 1.01 -7.64
N ALA A 58 12.21 2.13 -7.49
CA ALA A 58 13.59 2.29 -7.93
C ALA A 58 14.58 1.45 -7.13
N GLU A 59 14.21 0.97 -5.94
CA GLU A 59 15.13 0.48 -4.92
C GLU A 59 14.87 -1.03 -4.79
N GLY A 60 13.67 -1.40 -4.37
CA GLY A 60 13.33 -2.78 -4.05
C GLY A 60 11.88 -3.12 -4.33
N SER A 61 11.36 -4.16 -3.67
CA SER A 61 10.00 -4.63 -3.83
C SER A 61 9.42 -5.28 -2.56
N VAL A 62 8.08 -5.36 -2.45
CA VAL A 62 7.34 -5.70 -1.24
C VAL A 62 6.07 -6.49 -1.56
N ASP A 63 5.67 -7.28 -0.58
CA ASP A 63 4.44 -8.08 -0.62
C ASP A 63 3.24 -7.21 -0.26
N VAL A 64 2.09 -7.43 -0.90
CA VAL A 64 0.81 -6.91 -0.43
C VAL A 64 -0.23 -8.03 -0.58
N SER A 65 -0.85 -8.39 0.54
CA SER A 65 -2.16 -9.00 0.57
C SER A 65 -3.18 -7.87 0.69
N TYR A 66 -4.25 -7.90 -0.11
CA TYR A 66 -5.43 -7.05 0.05
C TYR A 66 -6.64 -7.98 -0.03
N GLU A 67 -7.81 -7.48 0.33
CA GLU A 67 -9.06 -8.21 0.28
C GLU A 67 -10.13 -7.14 0.22
N GLY A 68 -10.86 -7.04 -0.89
CA GLY A 68 -12.01 -6.12 -0.88
C GLY A 68 -12.82 -6.15 -2.16
N ILE A 69 -12.64 -5.17 -3.05
CA ILE A 69 -13.15 -5.22 -4.42
C ILE A 69 -12.06 -4.98 -5.47
N LEU A 70 -11.02 -4.22 -5.09
CA LEU A 70 -9.95 -3.66 -5.88
C LEU A 70 -10.45 -2.69 -6.97
N PRO A 71 -9.91 -1.47 -7.06
CA PRO A 71 -10.32 -0.52 -8.08
C PRO A 71 -10.01 -1.13 -9.45
N ASP A 72 -10.93 -1.04 -10.40
CA ASP A 72 -10.64 -1.34 -11.81
C ASP A 72 -9.48 -0.48 -12.35
N LEU A 73 -9.26 0.68 -11.72
CA LEU A 73 -8.17 1.58 -12.02
C LEU A 73 -6.82 0.97 -11.65
N PHE A 74 -6.74 0.01 -10.73
CA PHE A 74 -5.53 -0.77 -10.45
C PHE A 74 -5.24 -1.71 -11.64
N ARG A 75 -4.01 -1.75 -12.17
CA ARG A 75 -3.55 -2.71 -13.18
C ARG A 75 -2.27 -3.35 -12.64
N GLU A 76 -1.45 -3.97 -13.50
CA GLU A 76 -0.03 -4.01 -13.22
C GLU A 76 0.65 -2.91 -14.00
N GLY A 77 1.77 -2.45 -13.45
CA GLY A 77 2.74 -1.60 -14.15
C GLY A 77 2.49 -0.13 -13.89
N GLN A 78 1.61 0.17 -12.94
CA GLN A 78 1.21 1.52 -12.58
C GLN A 78 1.40 1.74 -11.09
N GLY A 79 1.34 3.01 -10.70
CA GLY A 79 1.51 3.46 -9.33
C GLY A 79 0.23 3.16 -8.56
N VAL A 80 0.39 2.64 -7.36
CA VAL A 80 -0.70 2.47 -6.39
C VAL A 80 -0.21 2.98 -5.04
N VAL A 81 -1.15 3.24 -4.14
CA VAL A 81 -0.96 3.62 -2.78
C VAL A 81 -1.71 2.59 -1.95
N VAL A 82 -0.99 1.78 -1.20
CA VAL A 82 -1.53 0.86 -0.22
C VAL A 82 -1.51 1.54 1.15
N GLN A 83 -2.36 1.06 2.04
CA GLN A 83 -2.57 1.52 3.40
C GLN A 83 -3.10 0.35 4.19
N GLY A 84 -2.57 0.16 5.39
CA GLY A 84 -3.09 -0.80 6.33
C GLY A 84 -1.94 -0.99 7.28
N GLU A 85 -1.44 -2.21 7.42
CA GLU A 85 -0.65 -2.59 8.57
C GLU A 85 0.50 -3.47 8.12
N LEU A 86 1.57 -3.45 8.90
CA LEU A 86 2.74 -4.27 8.70
C LEU A 86 2.49 -5.65 9.24
N GLU A 87 2.64 -6.64 8.36
CA GLU A 87 2.38 -8.03 8.71
C GLU A 87 3.57 -8.49 9.53
N LYS A 88 4.74 -8.58 8.89
CA LYS A 88 6.00 -8.83 9.57
C LYS A 88 7.10 -7.96 8.97
N GLY A 89 7.90 -8.46 8.04
CA GLY A 89 9.07 -7.75 7.57
C GLY A 89 8.71 -6.88 6.39
N ASN A 90 8.44 -7.54 5.27
CA ASN A 90 8.30 -6.87 3.97
C ASN A 90 6.97 -7.27 3.35
N HIS A 91 5.92 -7.35 4.18
CA HIS A 91 4.56 -7.63 3.77
C HIS A 91 3.64 -6.59 4.41
N ILE A 92 2.85 -5.93 3.58
CA ILE A 92 1.77 -5.03 3.94
C ILE A 92 0.46 -5.80 3.86
N LEU A 93 -0.34 -5.72 4.90
CA LEU A 93 -1.77 -5.87 4.76
C LEU A 93 -2.25 -4.54 4.23
N ALA A 94 -2.63 -4.51 2.98
CA ALA A 94 -3.47 -3.47 2.46
C ALA A 94 -4.87 -3.64 3.01
N LYS A 95 -5.55 -2.51 3.19
CA LYS A 95 -6.89 -2.40 3.75
C LYS A 95 -7.83 -1.67 2.79
N GLU A 96 -7.34 -1.02 1.73
CA GLU A 96 -8.23 -0.30 0.82
C GLU A 96 -7.80 -0.12 -0.64
N VAL A 97 -6.50 -0.22 -0.94
CA VAL A 97 -5.81 -0.16 -2.22
C VAL A 97 -6.30 0.93 -3.20
N LEU A 98 -5.42 1.89 -3.45
CA LEU A 98 -5.79 3.12 -4.11
C LEU A 98 -4.82 3.26 -5.29
N ALA A 99 -5.28 3.78 -6.42
CA ALA A 99 -4.56 3.66 -7.69
C ALA A 99 -4.11 5.02 -8.22
N LYS A 100 -3.61 5.90 -7.34
CA LYS A 100 -3.23 7.28 -7.71
C LYS A 100 -4.37 8.07 -8.38
N HIS A 101 -5.62 7.66 -8.17
CA HIS A 101 -6.82 8.19 -8.76
C HIS A 101 -7.30 9.37 -7.93
N ASP A 102 -6.42 10.35 -7.73
CA ASP A 102 -6.72 11.62 -7.10
C ASP A 102 -7.45 11.44 -5.77
N GLU A 103 -6.76 10.76 -4.85
CA GLU A 103 -7.18 10.57 -3.47
C GLU A 103 -6.05 11.01 -2.55
N ASN A 104 -6.37 11.25 -1.28
CA ASN A 104 -5.41 11.30 -0.18
C ASN A 104 -6.13 11.01 1.14
N TYR A 105 -7.11 10.08 1.15
CA TYR A 105 -8.10 9.97 2.22
C TYR A 105 -8.81 8.62 2.18
N THR A 106 -9.12 8.07 3.36
CA THR A 106 -9.95 6.88 3.51
C THR A 106 -11.43 7.27 3.36
N PRO A 107 -12.21 6.61 2.48
CA PRO A 107 -13.64 6.85 2.23
C PRO A 107 -14.51 6.40 3.44
N PRO A 108 -15.86 6.46 3.41
CA PRO A 108 -16.66 6.10 4.59
C PRO A 108 -16.86 4.61 4.83
N GLU A 109 -17.01 3.82 3.78
CA GLU A 109 -17.38 2.40 3.84
C GLU A 109 -16.15 1.55 4.19
N VAL A 110 -15.56 1.87 5.34
CA VAL A 110 -14.36 1.27 5.90
C VAL A 110 -14.28 1.68 7.37
N GLU A 111 -13.83 2.91 7.62
CA GLU A 111 -13.10 3.43 8.77
C GLU A 111 -12.29 2.34 9.49
N LYS A 112 -12.94 1.54 10.34
CA LYS A 112 -12.35 0.52 11.19
C LYS A 112 -12.56 -0.86 10.57
N ALA A 113 -13.70 -1.51 10.80
CA ALA A 113 -14.00 -2.88 10.40
C ALA A 113 -15.13 -2.87 9.38
N MET A 114 -15.03 -3.65 8.30
CA MET A 114 -16.11 -3.75 7.31
C MET A 114 -17.16 -4.76 7.78
N LEU A 1 9.97 18.85 4.31
CA LEU A 1 9.83 18.03 5.53
C LEU A 1 9.69 18.95 6.72
N ARG A 2 8.47 19.14 7.24
CA ARG A 2 8.26 19.92 8.46
C ARG A 2 7.23 19.22 9.32
N SER A 3 5.94 19.37 9.04
CA SER A 3 4.93 18.48 9.59
C SER A 3 3.87 18.26 8.51
N ASN A 4 3.14 17.17 8.64
CA ASN A 4 2.00 16.79 7.83
C ASN A 4 1.20 15.78 8.67
N ILE A 5 -0.02 15.46 8.25
CA ILE A 5 -0.86 14.41 8.83
C ILE A 5 -0.76 13.21 7.87
N ASP A 6 -1.15 12.00 8.29
CA ASP A 6 -0.72 10.72 7.76
C ASP A 6 0.81 10.57 7.84
N LEU A 7 1.36 9.37 7.64
CA LEU A 7 2.76 9.15 7.30
C LEU A 7 2.77 8.57 5.87
N PHE A 8 3.93 8.20 5.34
CA PHE A 8 4.02 7.48 4.06
C PHE A 8 5.42 6.89 3.88
N TYR A 9 5.51 5.75 3.19
CA TYR A 9 6.74 5.01 2.88
C TYR A 9 6.66 4.46 1.46
N THR A 10 7.71 3.80 0.97
CA THR A 10 7.75 3.13 -0.33
C THR A 10 8.36 1.74 -0.19
N PRO A 11 8.33 0.89 -1.24
CA PRO A 11 8.99 -0.41 -1.21
C PRO A 11 10.52 -0.37 -1.29
N GLY A 12 11.13 0.81 -1.38
CA GLY A 12 12.50 0.97 -0.94
C GLY A 12 12.52 1.16 0.57
N GLU A 13 11.74 2.12 1.08
CA GLU A 13 11.96 2.67 2.40
C GLU A 13 11.68 1.67 3.52
N ILE A 14 10.74 0.75 3.31
CA ILE A 14 10.35 -0.20 4.34
C ILE A 14 11.45 -1.27 4.58
N LEU A 15 12.44 -1.40 3.69
CA LEU A 15 13.52 -2.39 3.77
C LEU A 15 14.87 -1.69 3.85
N TYR A 16 15.06 -0.64 3.05
CA TYR A 16 16.32 0.08 2.95
C TYR A 16 16.39 1.22 3.97
N GLY A 17 15.26 1.69 4.52
CA GLY A 17 15.14 2.72 5.54
C GLY A 17 14.39 3.91 4.98
N LYS A 18 13.62 4.66 5.78
CA LYS A 18 13.02 5.88 5.28
C LYS A 18 14.13 6.88 4.90
N ARG A 19 13.80 7.93 4.14
CA ARG A 19 14.73 8.75 3.34
C ARG A 19 16.21 8.65 3.76
N GLU A 20 16.55 9.30 4.87
CA GLU A 20 17.90 9.32 5.40
C GLU A 20 18.07 8.22 6.44
N THR A 21 17.58 8.43 7.67
CA THR A 21 17.87 7.58 8.82
C THR A 21 16.95 7.92 10.02
N GLN A 22 15.94 8.73 9.78
CA GLN A 22 14.90 9.17 10.68
C GLN A 22 14.21 8.01 11.39
N GLN A 23 13.71 6.97 10.68
CA GLN A 23 13.20 5.74 11.29
C GLN A 23 12.85 4.71 10.23
N MET A 24 12.50 3.51 10.68
CA MET A 24 11.83 2.47 9.93
C MET A 24 10.54 2.16 10.70
N PRO A 25 9.44 1.75 10.02
CA PRO A 25 8.17 1.54 10.68
C PRO A 25 8.23 0.35 11.65
N GLU A 26 7.22 0.24 12.51
CA GLU A 26 7.00 -0.95 13.32
C GLU A 26 6.35 -1.99 12.42
N VAL A 27 6.92 -3.20 12.39
CA VAL A 27 6.35 -4.41 11.78
C VAL A 27 5.01 -4.79 12.43
N GLY A 28 4.63 -4.15 13.52
CA GLY A 28 3.34 -4.32 14.17
C GLY A 28 2.52 -3.03 14.20
N GLN A 29 2.59 -2.14 13.19
CA GLN A 29 1.74 -0.93 13.19
C GLN A 29 0.98 -0.76 11.87
N ARG A 30 0.14 0.29 11.79
CA ARG A 30 -0.42 0.80 10.55
C ARG A 30 0.55 1.75 9.86
N LEU A 31 0.65 1.68 8.54
CA LEU A 31 1.37 2.67 7.74
C LEU A 31 0.68 2.85 6.39
N ARG A 32 1.15 3.80 5.60
CA ARG A 32 0.73 4.07 4.23
C ARG A 32 1.97 3.95 3.36
N VAL A 33 1.82 3.33 2.21
CA VAL A 33 2.85 2.91 1.27
C VAL A 33 2.44 3.42 -0.11
N GLY A 34 3.38 3.51 -1.06
CA GLY A 34 3.07 3.45 -2.47
C GLY A 34 4.27 2.95 -3.25
N GLY A 35 4.01 2.40 -4.44
CA GLY A 35 5.00 1.89 -5.37
C GLY A 35 4.29 1.42 -6.64
N MET A 36 5.06 0.92 -7.61
CA MET A 36 4.67 0.29 -8.86
C MET A 36 4.31 -1.18 -8.63
N VAL A 37 3.10 -1.65 -8.93
CA VAL A 37 2.72 -3.06 -8.83
C VAL A 37 3.54 -3.86 -9.86
N MET A 38 4.18 -4.96 -9.46
CA MET A 38 4.86 -5.89 -10.37
C MET A 38 3.90 -6.49 -11.38
N PRO A 39 4.41 -6.90 -12.54
CA PRO A 39 3.66 -7.66 -13.52
C PRO A 39 3.32 -9.04 -12.96
N GLY A 40 2.07 -9.45 -13.10
CA GLY A 40 1.61 -10.84 -12.98
C GLY A 40 1.38 -11.33 -11.55
N SER A 41 2.01 -10.75 -10.54
CA SER A 41 1.98 -11.29 -9.19
C SER A 41 0.56 -11.37 -8.65
N VAL A 42 -0.24 -10.33 -8.87
CA VAL A 42 -1.58 -10.11 -8.32
C VAL A 42 -2.45 -11.38 -8.35
N GLN A 43 -2.45 -12.08 -7.20
CA GLN A 43 -3.10 -13.34 -6.90
C GLN A 43 -4.49 -13.03 -6.32
N ARG A 44 -5.29 -12.28 -7.09
CA ARG A 44 -6.72 -12.13 -6.82
C ARG A 44 -7.39 -13.47 -7.05
N ASP A 45 -8.39 -13.76 -6.22
CA ASP A 45 -9.24 -14.91 -6.41
C ASP A 45 -10.19 -14.51 -7.53
N PRO A 46 -10.23 -15.23 -8.67
CA PRO A 46 -11.33 -15.11 -9.62
C PRO A 46 -12.65 -15.66 -9.05
N ASN A 47 -12.63 -16.14 -7.80
CA ASN A 47 -13.66 -16.93 -7.13
C ASN A 47 -13.92 -16.38 -5.72
N SER A 48 -13.44 -15.17 -5.41
CA SER A 48 -13.65 -14.47 -4.15
C SER A 48 -13.21 -13.01 -4.35
N LEU A 49 -13.06 -12.28 -3.25
CA LEU A 49 -12.48 -10.95 -3.19
C LEU A 49 -11.12 -10.95 -2.50
N LYS A 50 -10.57 -12.10 -2.08
CA LYS A 50 -9.19 -12.13 -1.62
C LYS A 50 -8.28 -11.72 -2.77
N VAL A 51 -7.25 -10.91 -2.50
CA VAL A 51 -6.25 -10.58 -3.50
C VAL A 51 -4.97 -10.19 -2.80
N THR A 52 -3.86 -10.73 -3.23
CA THR A 52 -2.55 -10.36 -2.72
C THR A 52 -1.77 -9.91 -3.99
N PHE A 53 -0.75 -9.05 -3.90
CA PHE A 53 0.05 -8.60 -5.03
C PHE A 53 1.46 -8.20 -4.59
N THR A 54 2.33 -7.83 -5.52
CA THR A 54 3.68 -7.35 -5.19
C THR A 54 3.79 -5.96 -5.77
N ILE A 55 4.48 -5.08 -5.06
CA ILE A 55 4.82 -3.73 -5.48
C ILE A 55 6.34 -3.64 -5.44
N TYR A 56 6.90 -2.76 -6.25
CA TYR A 56 8.30 -2.40 -6.29
C TYR A 56 8.36 -0.90 -6.54
N ASP A 57 9.55 -0.33 -6.63
CA ASP A 57 9.75 1.03 -7.13
C ASP A 57 11.19 1.13 -7.62
N ALA A 58 11.76 2.33 -7.74
CA ALA A 58 13.10 2.53 -8.27
C ALA A 58 14.21 1.96 -7.38
N GLU A 59 13.89 1.28 -6.29
CA GLU A 59 14.81 0.75 -5.30
C GLU A 59 14.49 -0.74 -5.06
N GLY A 60 13.46 -1.06 -4.26
CA GLY A 60 13.20 -2.41 -3.74
C GLY A 60 11.74 -2.80 -3.94
N SER A 61 11.30 -3.89 -3.30
CA SER A 61 10.00 -4.50 -3.54
C SER A 61 9.39 -5.14 -2.28
N VAL A 62 8.07 -5.26 -2.27
CA VAL A 62 7.25 -5.59 -1.11
C VAL A 62 6.02 -6.37 -1.54
N ASP A 63 5.58 -7.29 -0.69
CA ASP A 63 4.33 -7.99 -0.85
C ASP A 63 3.20 -7.09 -0.32
N VAL A 64 1.97 -7.26 -0.81
CA VAL A 64 0.78 -6.79 -0.13
C VAL A 64 -0.26 -7.91 -0.13
N SER A 65 -1.04 -8.00 0.94
CA SER A 65 -2.25 -8.77 1.04
C SER A 65 -3.39 -7.77 1.17
N TYR A 66 -4.45 -7.97 0.40
CA TYR A 66 -5.67 -7.19 0.40
C TYR A 66 -6.87 -8.15 0.36
N GLU A 67 -8.06 -7.63 0.59
CA GLU A 67 -9.31 -8.35 0.41
C GLU A 67 -10.31 -7.29 0.00
N GLY A 68 -10.86 -7.41 -1.19
CA GLY A 68 -11.67 -6.41 -1.84
C GLY A 68 -11.61 -6.55 -3.35
N ILE A 69 -12.40 -5.72 -4.03
CA ILE A 69 -12.64 -5.79 -5.48
C ILE A 69 -11.52 -5.11 -6.28
N LEU A 70 -10.61 -4.47 -5.56
CA LEU A 70 -9.61 -3.53 -6.02
C LEU A 70 -10.25 -2.28 -6.61
N PRO A 71 -9.46 -1.23 -6.80
CA PRO A 71 -9.81 -0.19 -7.72
C PRO A 71 -9.95 -0.83 -9.09
N ASP A 72 -10.97 -0.43 -9.82
CA ASP A 72 -11.10 -0.75 -11.23
C ASP A 72 -9.91 -0.20 -12.02
N LEU A 73 -9.33 0.88 -11.50
CA LEU A 73 -8.16 1.55 -12.04
C LEU A 73 -6.86 0.78 -11.77
N PHE A 74 -6.85 -0.14 -10.80
CA PHE A 74 -5.65 -0.89 -10.45
C PHE A 74 -5.21 -1.76 -11.62
N ARG A 75 -3.94 -1.69 -12.00
CA ARG A 75 -3.33 -2.48 -13.05
C ARG A 75 -1.96 -2.99 -12.61
N GLU A 76 -1.50 -4.02 -13.29
CA GLU A 76 -0.13 -4.48 -13.24
C GLU A 76 0.75 -3.43 -13.90
N GLY A 77 1.62 -2.80 -13.12
CA GLY A 77 2.68 -1.94 -13.63
C GLY A 77 2.45 -0.45 -13.39
N GLN A 78 1.32 -0.06 -12.81
CA GLN A 78 1.10 1.34 -12.43
C GLN A 78 1.56 1.56 -10.98
N GLY A 79 1.67 2.84 -10.62
CA GLY A 79 1.84 3.28 -9.25
C GLY A 79 0.51 3.15 -8.52
N VAL A 80 0.57 2.73 -7.28
CA VAL A 80 -0.57 2.52 -6.39
C VAL A 80 -0.19 3.11 -5.01
N VAL A 81 -1.09 3.10 -4.03
CA VAL A 81 -0.90 3.60 -2.67
C VAL A 81 -1.63 2.63 -1.74
N VAL A 82 -0.94 1.70 -1.06
CA VAL A 82 -1.58 0.87 -0.04
C VAL A 82 -1.49 1.52 1.33
N GLN A 83 -2.25 0.96 2.26
CA GLN A 83 -2.39 1.40 3.62
C GLN A 83 -3.05 0.27 4.40
N GLY A 84 -2.65 0.00 5.64
CA GLY A 84 -3.40 -0.89 6.51
C GLY A 84 -2.52 -1.31 7.66
N GLU A 85 -1.78 -2.43 7.57
CA GLU A 85 -0.79 -2.80 8.59
C GLU A 85 0.43 -3.43 7.93
N LEU A 86 1.54 -3.50 8.64
CA LEU A 86 2.72 -4.30 8.33
C LEU A 86 2.48 -5.74 8.83
N GLU A 87 3.04 -6.75 8.15
CA GLU A 87 2.82 -8.18 8.43
C GLU A 87 4.04 -8.73 9.14
N LYS A 88 5.05 -9.14 8.37
CA LYS A 88 6.44 -9.31 8.76
C LYS A 88 7.29 -8.83 7.60
N GLY A 89 8.60 -8.73 7.82
CA GLY A 89 9.57 -8.25 6.86
C GLY A 89 9.08 -7.00 6.17
N ASN A 90 8.61 -7.15 4.93
CA ASN A 90 8.19 -6.06 4.09
C ASN A 90 6.88 -6.42 3.40
N HIS A 91 5.87 -6.86 4.15
CA HIS A 91 4.57 -7.23 3.62
C HIS A 91 3.48 -6.38 4.26
N ILE A 92 2.61 -5.78 3.43
CA ILE A 92 1.54 -4.89 3.87
C ILE A 92 0.19 -5.59 3.79
N LEU A 93 -0.59 -5.58 4.87
CA LEU A 93 -2.01 -5.85 4.85
C LEU A 93 -2.67 -4.57 4.37
N ALA A 94 -2.70 -4.30 3.07
CA ALA A 94 -3.57 -3.31 2.48
C ALA A 94 -5.00 -3.45 3.00
N LYS A 95 -5.66 -2.32 3.23
CA LYS A 95 -7.01 -2.21 3.77
C LYS A 95 -7.95 -1.52 2.77
N GLU A 96 -7.44 -0.87 1.74
CA GLU A 96 -8.29 -0.23 0.74
C GLU A 96 -7.75 -0.33 -0.69
N VAL A 97 -6.42 -0.30 -0.86
CA VAL A 97 -5.67 -0.25 -2.11
C VAL A 97 -6.09 0.91 -2.98
N LEU A 98 -5.18 1.85 -3.24
CA LEU A 98 -5.44 2.86 -4.25
C LEU A 98 -4.88 2.38 -5.57
N ALA A 99 -4.98 3.23 -6.57
CA ALA A 99 -4.38 3.07 -7.88
C ALA A 99 -3.91 4.40 -8.44
N LYS A 100 -3.70 5.44 -7.60
CA LYS A 100 -3.64 6.82 -8.11
C LYS A 100 -4.73 7.07 -9.17
N HIS A 101 -5.98 6.93 -8.76
CA HIS A 101 -7.10 7.54 -9.47
C HIS A 101 -7.02 9.05 -9.23
N ASP A 102 -7.04 9.44 -7.96
CA ASP A 102 -6.85 10.79 -7.44
C ASP A 102 -6.96 10.65 -5.92
N GLU A 103 -8.15 10.25 -5.45
CA GLU A 103 -8.62 10.12 -4.07
C GLU A 103 -8.89 11.48 -3.44
N ASN A 104 -10.18 11.71 -3.19
CA ASN A 104 -10.77 12.79 -2.39
C ASN A 104 -10.36 12.70 -0.91
N TYR A 105 -10.94 13.56 -0.08
CA TYR A 105 -10.91 13.47 1.38
C TYR A 105 -12.36 13.50 1.87
N THR A 106 -12.60 13.14 3.13
CA THR A 106 -13.90 13.20 3.81
C THR A 106 -13.64 13.70 5.23
N PRO A 107 -14.50 14.53 5.84
CA PRO A 107 -14.37 14.93 7.24
C PRO A 107 -14.64 13.74 8.19
N PRO A 108 -14.48 13.89 9.51
CA PRO A 108 -14.82 12.83 10.47
C PRO A 108 -16.31 12.78 10.84
N GLU A 109 -16.98 13.93 10.88
CA GLU A 109 -18.38 14.11 11.28
C GLU A 109 -19.32 13.63 10.18
N VAL A 110 -19.15 12.38 9.77
CA VAL A 110 -19.82 11.71 8.67
C VAL A 110 -19.51 10.22 8.77
N GLU A 111 -18.23 9.86 8.93
CA GLU A 111 -17.84 8.46 8.82
C GLU A 111 -18.46 7.66 9.96
N LYS A 112 -18.29 8.14 11.19
CA LYS A 112 -18.85 7.59 12.41
C LYS A 112 -18.89 8.69 13.45
N ALA A 113 -17.78 9.41 13.59
CA ALA A 113 -17.55 10.44 14.60
C ALA A 113 -18.32 11.73 14.31
N MET A 114 -19.61 11.64 14.01
CA MET A 114 -20.54 12.67 14.44
C MET A 114 -20.61 12.57 15.96
N LEU A 1 6.67 20.75 12.23
CA LEU A 1 6.85 22.16 12.61
C LEU A 1 5.50 22.83 12.84
N ARG A 2 4.56 22.86 11.87
CA ARG A 2 3.14 23.13 12.17
C ARG A 2 2.30 22.08 11.47
N SER A 3 1.27 21.59 12.15
CA SER A 3 0.41 20.49 11.69
C SER A 3 1.18 19.19 11.46
N ASN A 4 0.45 18.12 11.13
CA ASN A 4 0.94 16.78 10.87
C ASN A 4 -0.08 16.15 9.94
N ILE A 5 0.28 15.90 8.69
CA ILE A 5 -0.43 14.98 7.82
C ILE A 5 -0.05 13.55 8.30
N ASP A 6 -0.67 12.50 7.77
CA ASP A 6 -0.21 11.12 7.96
C ASP A 6 1.17 10.88 7.34
N LEU A 7 1.84 9.81 7.76
CA LEU A 7 3.15 9.40 7.26
C LEU A 7 2.98 8.76 5.88
N PHE A 8 4.10 8.39 5.29
CA PHE A 8 4.19 7.64 4.05
C PHE A 8 5.54 6.95 3.98
N TYR A 9 5.61 5.78 3.37
CA TYR A 9 6.81 5.01 3.11
C TYR A 9 6.79 4.50 1.66
N THR A 10 7.87 3.91 1.21
CA THR A 10 7.98 3.26 -0.10
C THR A 10 8.61 1.87 0.10
N PRO A 11 8.68 1.00 -0.94
CA PRO A 11 9.40 -0.24 -0.84
C PRO A 11 10.88 0.03 -0.53
N GLY A 12 11.47 1.09 -1.09
CA GLY A 12 12.83 1.52 -0.81
C GLY A 12 13.03 2.20 0.54
N GLU A 13 12.03 2.20 1.44
CA GLU A 13 12.13 2.89 2.72
C GLU A 13 11.74 2.00 3.89
N ILE A 14 10.83 1.04 3.71
CA ILE A 14 10.45 0.17 4.81
C ILE A 14 11.65 -0.74 5.13
N LEU A 15 12.12 -1.51 4.15
CA LEU A 15 13.24 -2.44 4.32
C LEU A 15 14.56 -1.66 4.45
N TYR A 16 14.82 -0.71 3.53
CA TYR A 16 16.12 -0.05 3.48
C TYR A 16 16.25 1.11 4.48
N GLY A 17 15.16 1.47 5.16
CA GLY A 17 15.15 2.60 6.07
C GLY A 17 14.78 3.89 5.34
N LYS A 18 13.84 4.61 5.93
CA LYS A 18 13.31 5.92 5.52
C LYS A 18 14.37 6.85 4.95
N ARG A 19 14.17 7.39 3.76
CA ARG A 19 15.08 8.38 3.17
C ARG A 19 15.22 9.63 4.03
N GLU A 20 14.21 9.99 4.80
CA GLU A 20 14.27 11.14 5.67
C GLU A 20 15.29 10.92 6.80
N THR A 21 15.11 9.87 7.61
CA THR A 21 15.85 9.71 8.87
C THR A 21 16.02 8.24 9.28
N GLN A 22 15.68 7.31 8.37
CA GLN A 22 15.80 5.85 8.44
C GLN A 22 15.58 5.26 9.83
N GLN A 23 14.45 5.63 10.44
CA GLN A 23 14.10 5.18 11.77
C GLN A 23 13.85 3.67 11.83
N MET A 24 12.91 3.19 11.00
CA MET A 24 12.33 1.85 10.79
C MET A 24 10.92 1.86 11.38
N PRO A 25 9.85 1.74 10.58
CA PRO A 25 8.49 1.70 11.13
C PRO A 25 8.31 0.42 11.95
N GLU A 26 7.30 0.44 12.81
CA GLU A 26 7.00 -0.68 13.69
C GLU A 26 6.27 -1.74 12.88
N VAL A 27 6.77 -2.97 12.96
CA VAL A 27 6.22 -4.16 12.31
C VAL A 27 4.89 -4.59 12.97
N GLY A 28 4.50 -3.94 14.06
CA GLY A 28 3.16 -3.94 14.60
C GLY A 28 2.63 -2.53 14.68
N GLN A 29 2.67 -1.77 13.57
CA GLN A 29 1.84 -0.57 13.46
C GLN A 29 1.09 -0.53 12.13
N ARG A 30 0.30 0.53 11.99
CA ARG A 30 -0.38 0.93 10.77
C ARG A 30 0.44 1.97 10.01
N LEU A 31 0.53 1.86 8.69
CA LEU A 31 1.26 2.78 7.84
C LEU A 31 0.72 2.78 6.42
N ARG A 32 1.18 3.76 5.62
CA ARG A 32 0.80 4.07 4.25
C ARG A 32 2.03 3.92 3.37
N VAL A 33 1.86 3.43 2.15
CA VAL A 33 2.88 3.01 1.21
C VAL A 33 2.46 3.44 -0.20
N GLY A 34 3.39 3.52 -1.14
CA GLY A 34 3.10 3.49 -2.57
C GLY A 34 4.15 2.69 -3.30
N GLY A 35 3.85 2.31 -4.54
CA GLY A 35 4.78 1.60 -5.42
C GLY A 35 4.08 1.17 -6.71
N MET A 36 4.84 0.66 -7.67
CA MET A 36 4.35 0.21 -8.96
C MET A 36 4.00 -1.28 -8.89
N VAL A 37 2.80 -1.71 -9.25
CA VAL A 37 2.44 -3.12 -9.23
C VAL A 37 3.29 -3.83 -10.27
N MET A 38 4.04 -4.85 -9.85
CA MET A 38 4.72 -5.76 -10.77
C MET A 38 3.65 -6.49 -11.57
N PRO A 39 3.86 -6.70 -12.87
CA PRO A 39 2.96 -7.52 -13.65
C PRO A 39 3.02 -8.96 -13.11
N GLY A 40 1.98 -9.73 -13.38
CA GLY A 40 2.01 -11.17 -13.18
C GLY A 40 2.24 -11.64 -11.74
N SER A 41 2.02 -10.80 -10.72
CA SER A 41 1.96 -11.27 -9.32
C SER A 41 0.63 -11.00 -8.64
N VAL A 42 -0.33 -10.27 -9.25
CA VAL A 42 -1.70 -10.15 -8.77
C VAL A 42 -2.41 -11.52 -8.77
N GLN A 43 -2.23 -12.26 -7.68
CA GLN A 43 -2.90 -13.48 -7.28
C GLN A 43 -4.26 -13.08 -6.72
N ARG A 44 -5.11 -12.48 -7.54
CA ARG A 44 -6.51 -12.26 -7.23
C ARG A 44 -7.25 -13.60 -7.26
N ASP A 45 -8.28 -13.76 -6.44
CA ASP A 45 -9.07 -14.97 -6.40
C ASP A 45 -10.23 -14.75 -7.36
N PRO A 46 -10.30 -15.41 -8.54
CA PRO A 46 -11.45 -15.24 -9.42
C PRO A 46 -12.76 -15.68 -8.72
N ASN A 47 -12.66 -16.52 -7.69
CA ASN A 47 -13.78 -17.14 -7.01
C ASN A 47 -14.17 -16.35 -5.75
N SER A 48 -13.33 -15.44 -5.25
CA SER A 48 -13.57 -14.68 -4.02
C SER A 48 -13.22 -13.21 -4.28
N LEU A 49 -12.63 -12.52 -3.29
CA LEU A 49 -12.25 -11.11 -3.32
C LEU A 49 -10.82 -10.94 -2.79
N LYS A 50 -10.20 -11.99 -2.26
CA LYS A 50 -8.82 -11.93 -1.83
C LYS A 50 -7.98 -11.61 -3.05
N VAL A 51 -6.96 -10.77 -2.87
CA VAL A 51 -6.00 -10.53 -3.91
C VAL A 51 -4.68 -10.21 -3.25
N THR A 52 -3.63 -10.86 -3.71
CA THR A 52 -2.28 -10.69 -3.19
C THR A 52 -1.43 -10.23 -4.38
N PHE A 53 -0.55 -9.24 -4.23
CA PHE A 53 0.28 -8.71 -5.31
C PHE A 53 1.62 -8.24 -4.76
N THR A 54 2.53 -7.84 -5.65
CA THR A 54 3.80 -7.23 -5.32
C THR A 54 3.83 -5.83 -5.95
N ILE A 55 4.41 -4.87 -5.24
CA ILE A 55 4.61 -3.51 -5.69
C ILE A 55 6.11 -3.19 -5.51
N TYR A 56 6.69 -2.39 -6.40
CA TYR A 56 8.13 -2.19 -6.48
C TYR A 56 8.48 -0.80 -6.98
N ASP A 57 9.77 -0.51 -7.02
CA ASP A 57 10.35 0.69 -7.61
C ASP A 57 11.84 0.47 -7.90
N ALA A 58 12.58 1.54 -8.18
CA ALA A 58 14.00 1.55 -8.48
C ALA A 58 14.89 1.19 -7.27
N GLU A 59 14.31 0.76 -6.14
CA GLU A 59 15.03 0.46 -4.91
C GLU A 59 14.71 -1.00 -4.56
N GLY A 60 13.47 -1.27 -4.13
CA GLY A 60 13.05 -2.57 -3.60
C GLY A 60 11.74 -3.03 -4.19
N SER A 61 11.19 -4.10 -3.63
CA SER A 61 9.81 -4.52 -3.81
C SER A 61 9.23 -5.05 -2.49
N VAL A 62 7.91 -4.87 -2.30
CA VAL A 62 7.21 -5.19 -1.08
C VAL A 62 5.95 -5.98 -1.44
N ASP A 63 5.58 -6.84 -0.51
CA ASP A 63 4.43 -7.72 -0.65
C ASP A 63 3.17 -7.00 -0.20
N VAL A 64 2.03 -7.34 -0.82
CA VAL A 64 0.71 -6.88 -0.40
C VAL A 64 -0.29 -8.03 -0.41
N SER A 65 -0.94 -8.28 0.72
CA SER A 65 -2.27 -8.87 0.80
C SER A 65 -3.29 -7.72 0.77
N TYR A 66 -4.37 -7.85 0.01
CA TYR A 66 -5.59 -7.07 0.09
C TYR A 66 -6.76 -8.06 0.07
N GLU A 67 -7.93 -7.58 0.43
CA GLU A 67 -9.17 -8.30 0.22
C GLU A 67 -10.20 -7.27 -0.20
N GLY A 68 -10.64 -7.37 -1.45
CA GLY A 68 -11.60 -6.43 -1.99
C GLY A 68 -11.62 -6.53 -3.50
N ILE A 69 -12.65 -5.95 -4.10
CA ILE A 69 -12.89 -6.05 -5.53
C ILE A 69 -11.89 -5.23 -6.34
N LEU A 70 -11.19 -4.32 -5.66
CA LEU A 70 -10.19 -3.37 -6.12
C LEU A 70 -10.86 -2.16 -6.77
N PRO A 71 -10.08 -1.08 -6.96
CA PRO A 71 -10.42 -0.07 -7.94
C PRO A 71 -10.41 -0.77 -9.32
N ASP A 72 -11.36 -0.42 -10.18
CA ASP A 72 -11.40 -0.83 -11.60
C ASP A 72 -10.13 -0.37 -12.30
N LEU A 73 -9.64 0.77 -11.80
CA LEU A 73 -8.49 1.56 -12.14
C LEU A 73 -7.19 0.86 -11.76
N PHE A 74 -7.14 0.06 -10.69
CA PHE A 74 -5.95 -0.70 -10.36
C PHE A 74 -5.66 -1.62 -11.53
N ARG A 75 -4.39 -1.73 -11.93
CA ARG A 75 -3.99 -2.55 -13.06
C ARG A 75 -2.60 -3.03 -12.81
N GLU A 76 -2.32 -4.27 -13.19
CA GLU A 76 -0.99 -4.79 -12.97
C GLU A 76 -0.02 -4.04 -13.90
N GLY A 77 0.92 -3.34 -13.28
CA GLY A 77 1.78 -2.36 -13.92
C GLY A 77 1.60 -0.91 -13.48
N GLN A 78 0.58 -0.49 -12.67
CA GLN A 78 0.45 0.97 -12.43
C GLN A 78 1.15 1.38 -11.14
N GLY A 79 1.31 2.68 -10.90
CA GLY A 79 1.68 3.21 -9.58
C GLY A 79 0.44 3.25 -8.69
N VAL A 80 0.51 2.67 -7.50
CA VAL A 80 -0.59 2.48 -6.55
C VAL A 80 -0.20 3.13 -5.22
N VAL A 81 -1.12 3.12 -4.26
CA VAL A 81 -0.88 3.39 -2.85
C VAL A 81 -1.52 2.24 -2.05
N VAL A 82 -0.78 1.60 -1.13
CA VAL A 82 -1.43 0.83 -0.06
C VAL A 82 -1.42 1.58 1.25
N GLN A 83 -2.22 1.07 2.18
CA GLN A 83 -2.27 1.45 3.56
C GLN A 83 -2.94 0.32 4.28
N GLY A 84 -2.50 0.05 5.49
CA GLY A 84 -3.08 -0.92 6.38
C GLY A 84 -2.05 -1.08 7.45
N GLU A 85 -1.53 -2.29 7.63
CA GLU A 85 -0.69 -2.64 8.76
C GLU A 85 0.46 -3.51 8.27
N LEU A 86 1.58 -3.45 9.00
CA LEU A 86 2.80 -4.16 8.67
C LEU A 86 2.70 -5.63 9.14
N GLU A 87 3.25 -6.59 8.38
CA GLU A 87 3.24 -8.01 8.74
C GLU A 87 4.48 -8.39 9.54
N LYS A 88 5.61 -8.54 8.84
CA LYS A 88 6.88 -9.07 9.35
C LYS A 88 7.92 -8.93 8.24
N GLY A 89 7.93 -9.83 7.27
CA GLY A 89 8.92 -9.94 6.21
C GLY A 89 8.72 -8.90 5.11
N ASN A 90 8.53 -7.63 5.48
CA ASN A 90 8.24 -6.50 4.62
C ASN A 90 7.04 -6.80 3.69
N HIS A 91 5.87 -6.94 4.32
CA HIS A 91 4.59 -7.20 3.68
C HIS A 91 3.57 -6.28 4.36
N ILE A 92 2.75 -5.58 3.58
CA ILE A 92 1.65 -4.74 4.04
C ILE A 92 0.34 -5.52 3.90
N LEU A 93 -0.42 -5.61 4.99
CA LEU A 93 -1.82 -6.00 4.98
C LEU A 93 -2.63 -4.78 4.53
N ALA A 94 -2.60 -4.46 3.24
CA ALA A 94 -3.41 -3.39 2.68
C ALA A 94 -4.89 -3.54 3.07
N LYS A 95 -5.50 -2.40 3.37
CA LYS A 95 -6.88 -2.26 3.84
C LYS A 95 -7.74 -1.56 2.78
N GLU A 96 -7.12 -0.89 1.80
CA GLU A 96 -7.84 -0.04 0.85
C GLU A 96 -7.37 -0.16 -0.58
N VAL A 97 -6.06 -0.21 -0.85
CA VAL A 97 -5.48 -0.25 -2.20
C VAL A 97 -6.05 0.87 -3.09
N LEU A 98 -5.36 2.01 -3.08
CA LEU A 98 -5.69 3.15 -3.92
C LEU A 98 -4.77 3.11 -5.13
N ALA A 99 -5.17 3.79 -6.22
CA ALA A 99 -4.60 3.58 -7.56
C ALA A 99 -3.88 4.81 -8.12
N LYS A 100 -3.51 5.76 -7.25
CA LYS A 100 -3.00 7.10 -7.59
C LYS A 100 -3.70 7.70 -8.81
N HIS A 101 -5.04 7.65 -8.80
CA HIS A 101 -5.90 8.28 -9.80
C HIS A 101 -6.12 9.75 -9.41
N ASP A 102 -5.07 10.42 -8.91
CA ASP A 102 -5.14 11.66 -8.12
C ASP A 102 -6.07 11.48 -6.93
N GLU A 103 -5.55 10.88 -5.86
CA GLU A 103 -6.21 10.79 -4.57
C GLU A 103 -5.75 11.98 -3.76
N ASN A 104 -6.68 12.85 -3.34
CA ASN A 104 -6.38 14.17 -2.82
C ASN A 104 -7.20 14.44 -1.55
N TYR A 105 -7.27 15.69 -1.09
CA TYR A 105 -8.26 16.09 -0.10
C TYR A 105 -9.64 15.85 -0.69
N THR A 106 -10.33 14.83 -0.18
CA THR A 106 -11.70 14.55 -0.54
C THR A 106 -12.61 15.52 0.26
N PRO A 107 -13.65 16.11 -0.36
CA PRO A 107 -14.65 16.91 0.34
C PRO A 107 -15.46 16.09 1.36
N PRO A 108 -16.40 16.69 2.10
CA PRO A 108 -17.28 15.95 3.02
C PRO A 108 -18.47 15.29 2.33
N GLU A 109 -19.01 15.93 1.30
CA GLU A 109 -20.25 15.53 0.64
C GLU A 109 -19.95 14.41 -0.35
N VAL A 110 -19.43 13.29 0.15
CA VAL A 110 -18.96 12.15 -0.64
C VAL A 110 -18.80 10.97 0.31
N GLU A 111 -18.10 11.23 1.43
CA GLU A 111 -17.78 10.24 2.46
C GLU A 111 -19.05 9.55 2.97
N LYS A 112 -20.16 10.31 3.07
CA LYS A 112 -21.43 9.85 3.63
C LYS A 112 -22.59 10.74 3.16
N ALA A 113 -22.59 11.19 1.91
CA ALA A 113 -23.72 11.87 1.28
C ALA A 113 -23.68 11.68 -0.24
N MET A 114 -22.79 12.42 -0.92
CA MET A 114 -22.67 12.62 -2.35
C MET A 114 -23.95 13.15 -3.00
N LEU A 1 3.34 21.29 10.13
CA LEU A 1 3.79 22.04 11.30
C LEU A 1 2.75 21.97 12.42
N ARG A 2 1.57 22.60 12.24
CA ARG A 2 0.58 22.73 13.32
C ARG A 2 -0.07 21.37 13.61
N SER A 3 -0.63 20.72 12.58
CA SER A 3 -1.15 19.35 12.63
C SER A 3 -0.30 18.43 11.74
N ASN A 4 -0.48 17.11 11.82
CA ASN A 4 0.42 16.12 11.21
C ASN A 4 -0.35 15.15 10.32
N ILE A 5 0.01 15.12 9.05
CA ILE A 5 -0.62 14.27 8.06
C ILE A 5 -0.23 12.80 8.30
N ASP A 6 -1.07 11.93 7.76
CA ASP A 6 -0.91 10.48 7.72
C ASP A 6 0.33 10.18 6.90
N LEU A 7 1.23 9.34 7.43
CA LEU A 7 2.56 9.08 6.93
C LEU A 7 2.54 8.37 5.57
N PHE A 8 3.73 8.04 5.08
CA PHE A 8 3.94 7.23 3.90
C PHE A 8 5.32 6.58 3.96
N TYR A 9 5.53 5.52 3.17
CA TYR A 9 6.77 4.78 2.93
C TYR A 9 6.79 4.33 1.47
N THR A 10 7.91 3.74 1.00
CA THR A 10 7.98 3.17 -0.34
C THR A 10 8.65 1.80 -0.35
N PRO A 11 8.53 1.02 -1.44
CA PRO A 11 8.98 -0.35 -1.50
C PRO A 11 10.47 -0.60 -1.29
N GLY A 12 11.32 0.43 -1.26
CA GLY A 12 12.68 0.31 -0.78
C GLY A 12 12.77 0.80 0.67
N GLU A 13 12.04 1.84 1.02
CA GLU A 13 12.26 2.65 2.20
C GLU A 13 11.54 2.03 3.41
N ILE A 14 11.23 0.73 3.36
CA ILE A 14 10.85 -0.03 4.54
C ILE A 14 12.07 -0.86 4.92
N LEU A 15 12.60 -1.59 3.93
CA LEU A 15 13.61 -2.62 4.07
C LEU A 15 14.98 -2.00 4.21
N TYR A 16 15.22 -0.97 3.42
CA TYR A 16 16.44 -0.18 3.43
C TYR A 16 16.37 0.87 4.54
N GLY A 17 15.32 0.87 5.36
CA GLY A 17 14.94 1.94 6.28
C GLY A 17 14.48 3.16 5.49
N LYS A 18 13.92 4.15 6.19
CA LYS A 18 13.13 5.19 5.55
C LYS A 18 13.95 6.35 5.00
N ARG A 19 13.43 7.11 4.04
CA ARG A 19 14.25 8.12 3.35
C ARG A 19 14.37 9.42 4.14
N GLU A 20 13.41 9.71 5.02
CA GLU A 20 13.32 10.97 5.75
C GLU A 20 14.55 11.20 6.62
N THR A 21 14.87 10.20 7.45
CA THR A 21 15.86 10.33 8.51
C THR A 21 16.50 8.98 8.81
N GLN A 22 16.27 7.98 7.95
CA GLN A 22 16.77 6.61 8.06
C GLN A 22 16.33 6.01 9.40
N GLN A 23 15.07 5.56 9.41
CA GLN A 23 14.39 4.93 10.54
C GLN A 23 13.69 3.65 10.07
N MET A 24 13.25 2.78 10.98
CA MET A 24 12.53 1.54 10.69
C MET A 24 11.07 1.71 11.08
N PRO A 25 10.09 1.50 10.17
CA PRO A 25 8.70 1.38 10.57
C PRO A 25 8.50 0.18 11.49
N GLU A 26 7.46 0.27 12.31
CA GLU A 26 7.10 -0.75 13.26
C GLU A 26 6.36 -1.87 12.53
N VAL A 27 6.75 -3.12 12.74
CA VAL A 27 5.95 -4.28 12.33
C VAL A 27 4.57 -4.29 13.04
N GLY A 28 4.33 -3.42 14.03
CA GLY A 28 3.08 -3.33 14.76
C GLY A 28 2.14 -2.21 14.33
N GLN A 29 2.46 -1.43 13.28
CA GLN A 29 1.79 -0.12 13.10
C GLN A 29 0.95 -0.09 11.83
N ARG A 30 0.19 1.00 11.65
CA ARG A 30 -0.60 1.26 10.45
C ARG A 30 0.19 2.19 9.55
N LEU A 31 0.23 1.90 8.25
CA LEU A 31 0.99 2.69 7.31
C LEU A 31 0.47 2.50 5.90
N ARG A 32 1.05 3.28 4.98
CA ARG A 32 0.83 3.19 3.56
C ARG A 32 2.17 3.19 2.82
N VAL A 33 2.17 2.58 1.65
CA VAL A 33 3.32 2.26 0.82
C VAL A 33 2.94 2.56 -0.63
N GLY A 34 3.80 3.17 -1.45
CA GLY A 34 3.47 3.51 -2.84
C GLY A 34 4.47 2.91 -3.82
N GLY A 35 4.01 2.01 -4.67
CA GLY A 35 4.86 1.24 -5.56
C GLY A 35 4.17 1.01 -6.89
N MET A 36 4.95 0.59 -7.86
CA MET A 36 4.51 0.04 -9.12
C MET A 36 4.13 -1.42 -8.88
N VAL A 37 2.92 -1.83 -9.19
CA VAL A 37 2.47 -3.20 -9.07
C VAL A 37 3.28 -4.05 -10.05
N MET A 38 3.93 -5.12 -9.58
CA MET A 38 4.57 -6.11 -10.44
C MET A 38 3.57 -6.64 -11.48
N PRO A 39 3.86 -6.51 -12.79
CA PRO A 39 3.03 -7.00 -13.88
C PRO A 39 3.14 -8.53 -13.95
N GLY A 40 2.26 -9.24 -13.25
CA GLY A 40 2.36 -10.69 -13.04
C GLY A 40 2.83 -10.96 -11.63
N SER A 41 2.01 -10.54 -10.67
CA SER A 41 2.10 -10.82 -9.24
C SER A 41 0.73 -10.71 -8.57
N VAL A 42 -0.23 -9.97 -9.14
CA VAL A 42 -1.57 -9.85 -8.59
C VAL A 42 -2.28 -11.21 -8.67
N GLN A 43 -2.19 -11.96 -7.59
CA GLN A 43 -2.88 -13.22 -7.32
C GLN A 43 -4.28 -12.87 -6.85
N ARG A 44 -5.13 -12.42 -7.77
CA ARG A 44 -6.55 -12.19 -7.50
C ARG A 44 -7.16 -13.57 -7.34
N ASP A 45 -8.02 -13.74 -6.34
CA ASP A 45 -8.67 -15.02 -6.16
C ASP A 45 -9.70 -15.18 -7.25
N PRO A 46 -9.70 -16.27 -8.02
CA PRO A 46 -10.63 -16.41 -9.13
C PRO A 46 -12.05 -16.66 -8.65
N ASN A 47 -12.28 -16.88 -7.34
CA ASN A 47 -13.60 -17.10 -6.78
C ASN A 47 -13.86 -16.20 -5.57
N SER A 48 -12.92 -15.34 -5.17
CA SER A 48 -13.10 -14.51 -3.98
C SER A 48 -12.48 -13.13 -4.17
N LEU A 49 -12.69 -12.23 -3.21
CA LEU A 49 -12.13 -10.88 -3.28
C LEU A 49 -10.74 -10.79 -2.64
N LYS A 50 -10.19 -11.87 -2.07
CA LYS A 50 -8.77 -11.90 -1.72
C LYS A 50 -7.97 -11.55 -2.98
N VAL A 51 -6.93 -10.77 -2.81
CA VAL A 51 -6.00 -10.44 -3.86
C VAL A 51 -4.69 -10.08 -3.19
N THR A 52 -3.65 -10.80 -3.55
CA THR A 52 -2.32 -10.68 -2.98
C THR A 52 -1.42 -10.23 -4.12
N PHE A 53 -0.63 -9.19 -3.95
CA PHE A 53 0.24 -8.68 -5.01
C PHE A 53 1.60 -8.28 -4.46
N THR A 54 2.51 -7.89 -5.34
CA THR A 54 3.80 -7.34 -4.96
C THR A 54 3.91 -5.96 -5.64
N ILE A 55 4.51 -5.00 -4.94
CA ILE A 55 4.75 -3.65 -5.41
C ILE A 55 6.25 -3.41 -5.32
N TYR A 56 6.84 -2.79 -6.34
CA TYR A 56 8.26 -2.49 -6.47
C TYR A 56 8.41 -1.03 -6.85
N ASP A 57 9.64 -0.54 -7.00
CA ASP A 57 9.86 0.72 -7.72
C ASP A 57 11.25 0.74 -8.34
N ALA A 58 12.15 1.65 -7.95
CA ALA A 58 13.54 1.69 -8.43
C ALA A 58 14.53 1.09 -7.41
N GLU A 59 14.03 0.67 -6.26
CA GLU A 59 14.80 0.53 -5.03
C GLU A 59 14.65 -0.90 -4.54
N GLY A 60 13.47 -1.29 -4.06
CA GLY A 60 13.17 -2.62 -3.57
C GLY A 60 11.73 -2.99 -3.93
N SER A 61 11.21 -4.07 -3.36
CA SER A 61 9.82 -4.47 -3.52
C SER A 61 9.24 -5.05 -2.21
N VAL A 62 7.92 -5.02 -2.05
CA VAL A 62 7.16 -5.35 -0.84
C VAL A 62 5.93 -6.16 -1.22
N ASP A 63 5.53 -7.07 -0.35
CA ASP A 63 4.32 -7.88 -0.53
C ASP A 63 3.13 -7.08 -0.06
N VAL A 64 1.93 -7.35 -0.59
CA VAL A 64 0.69 -6.92 0.01
C VAL A 64 -0.32 -8.07 -0.01
N SER A 65 -1.16 -8.16 1.03
CA SER A 65 -2.40 -8.93 1.04
C SER A 65 -3.50 -7.91 1.10
N TYR A 66 -4.42 -7.98 0.17
CA TYR A 66 -5.64 -7.21 0.14
C TYR A 66 -6.82 -8.17 0.06
N GLU A 67 -7.99 -7.70 0.46
CA GLU A 67 -9.23 -8.44 0.41
C GLU A 67 -10.28 -7.41 0.03
N GLY A 68 -10.61 -7.40 -1.26
CA GLY A 68 -11.53 -6.45 -1.86
C GLY A 68 -11.41 -6.47 -3.37
N ILE A 69 -12.34 -5.79 -4.03
CA ILE A 69 -12.61 -5.91 -5.46
C ILE A 69 -11.53 -5.22 -6.31
N LEU A 70 -10.77 -4.34 -5.66
CA LEU A 70 -9.69 -3.52 -6.21
C LEU A 70 -10.29 -2.38 -7.07
N PRO A 71 -9.81 -1.13 -6.94
CA PRO A 71 -10.40 0.00 -7.64
C PRO A 71 -10.20 -0.21 -9.14
N ASP A 72 -11.11 0.33 -9.96
CA ASP A 72 -11.00 0.26 -11.42
C ASP A 72 -9.71 0.91 -11.91
N LEU A 73 -9.25 1.91 -11.14
CA LEU A 73 -8.02 2.63 -11.36
C LEU A 73 -6.81 1.68 -11.33
N PHE A 74 -6.76 0.67 -10.46
CA PHE A 74 -5.62 -0.21 -10.24
C PHE A 74 -5.34 -1.08 -11.46
N ARG A 75 -4.07 -1.19 -11.89
CA ARG A 75 -3.64 -2.10 -12.95
C ARG A 75 -2.30 -2.74 -12.59
N GLU A 76 -1.93 -3.73 -13.39
CA GLU A 76 -0.77 -4.58 -13.20
C GLU A 76 0.41 -3.92 -13.92
N GLY A 77 1.09 -2.98 -13.26
CA GLY A 77 2.20 -2.22 -13.84
C GLY A 77 2.08 -0.71 -13.65
N GLN A 78 1.11 -0.21 -12.90
CA GLN A 78 1.01 1.22 -12.57
C GLN A 78 1.40 1.47 -11.12
N GLY A 79 1.52 2.75 -10.77
CA GLY A 79 1.80 3.21 -9.42
C GLY A 79 0.50 3.27 -8.64
N VAL A 80 0.37 2.38 -7.68
CA VAL A 80 -0.73 2.34 -6.72
C VAL A 80 -0.13 2.68 -5.36
N VAL A 81 -0.95 2.88 -4.33
CA VAL A 81 -0.50 2.73 -2.97
C VAL A 81 -1.20 1.54 -2.36
N VAL A 82 -0.66 1.09 -1.26
CA VAL A 82 -1.38 0.33 -0.28
C VAL A 82 -1.44 1.17 0.98
N GLN A 83 -2.42 0.88 1.82
CA GLN A 83 -2.60 1.37 3.18
C GLN A 83 -3.14 0.22 3.99
N GLY A 84 -2.82 0.14 5.27
CA GLY A 84 -3.38 -0.77 6.24
C GLY A 84 -2.30 -1.00 7.28
N GLU A 85 -1.77 -2.22 7.41
CA GLU A 85 -0.96 -2.58 8.57
C GLU A 85 0.28 -3.35 8.13
N LEU A 86 1.29 -3.38 8.99
CA LEU A 86 2.51 -4.13 8.74
C LEU A 86 2.35 -5.54 9.31
N GLU A 87 2.88 -6.56 8.63
CA GLU A 87 2.66 -7.96 8.97
C GLU A 87 3.84 -8.49 9.78
N LYS A 88 5.04 -8.57 9.17
CA LYS A 88 6.22 -9.16 9.82
C LYS A 88 7.57 -8.72 9.30
N GLY A 89 7.79 -8.79 8.00
CA GLY A 89 9.10 -8.47 7.42
C GLY A 89 8.97 -7.20 6.60
N ASN A 90 8.40 -7.35 5.41
CA ASN A 90 8.16 -6.28 4.45
C ASN A 90 6.80 -6.50 3.77
N HIS A 91 5.82 -7.03 4.50
CA HIS A 91 4.53 -7.38 3.95
C HIS A 91 3.48 -6.51 4.61
N ILE A 92 2.65 -5.88 3.80
CA ILE A 92 1.58 -4.98 4.20
C ILE A 92 0.25 -5.72 4.10
N LEU A 93 -0.58 -5.63 5.12
CA LEU A 93 -2.01 -5.86 4.98
C LEU A 93 -2.54 -4.57 4.39
N ALA A 94 -2.91 -4.65 3.13
CA ALA A 94 -3.71 -3.64 2.48
C ALA A 94 -5.13 -3.66 3.03
N LYS A 95 -5.71 -2.46 3.17
CA LYS A 95 -7.05 -2.20 3.67
C LYS A 95 -7.88 -1.63 2.54
N GLU A 96 -7.26 -0.94 1.56
CA GLU A 96 -8.09 -0.26 0.56
C GLU A 96 -7.43 0.01 -0.81
N VAL A 97 -6.10 -0.01 -0.89
CA VAL A 97 -5.27 0.03 -2.11
C VAL A 97 -5.58 1.16 -3.09
N LEU A 98 -4.80 2.25 -3.08
CA LEU A 98 -5.29 3.45 -3.74
C LEU A 98 -4.52 3.75 -5.01
N ALA A 99 -5.19 3.89 -6.14
CA ALA A 99 -4.51 3.99 -7.44
C ALA A 99 -4.43 5.44 -7.88
N LYS A 100 -3.79 6.27 -7.04
CA LYS A 100 -3.48 7.69 -7.31
C LYS A 100 -4.68 8.51 -7.82
N HIS A 101 -5.90 8.10 -7.46
CA HIS A 101 -7.16 8.78 -7.75
C HIS A 101 -7.35 9.92 -6.75
N ASP A 102 -6.40 10.84 -6.74
CA ASP A 102 -6.48 12.14 -6.06
C ASP A 102 -6.70 12.08 -4.54
N GLU A 103 -6.58 10.90 -3.93
CA GLU A 103 -6.74 10.72 -2.49
C GLU A 103 -5.49 11.22 -1.74
N ASN A 104 -5.63 11.45 -0.44
CA ASN A 104 -4.54 11.51 0.53
C ASN A 104 -5.07 11.29 1.95
N TYR A 105 -6.37 11.36 2.14
CA TYR A 105 -7.10 11.01 3.36
C TYR A 105 -8.44 10.42 2.91
N THR A 106 -9.17 9.81 3.83
CA THR A 106 -10.46 9.19 3.59
C THR A 106 -11.40 9.61 4.72
N PRO A 107 -12.61 10.12 4.41
CA PRO A 107 -13.60 10.49 5.42
C PRO A 107 -14.07 9.23 6.18
N PRO A 108 -14.90 9.39 7.23
CA PRO A 108 -15.40 8.23 7.95
C PRO A 108 -16.60 7.56 7.30
N GLU A 109 -17.46 8.31 6.62
CA GLU A 109 -18.66 7.82 5.92
C GLU A 109 -18.23 7.10 4.64
N VAL A 110 -17.56 5.96 4.83
CA VAL A 110 -16.99 5.09 3.82
C VAL A 110 -16.37 3.91 4.57
N GLU A 111 -15.49 4.19 5.54
CA GLU A 111 -14.62 3.19 6.16
C GLU A 111 -15.44 2.07 6.79
N LYS A 112 -16.53 2.41 7.48
CA LYS A 112 -17.38 1.45 8.18
C LYS A 112 -18.78 1.38 7.56
N ALA A 113 -19.06 2.18 6.53
CA ALA A 113 -20.36 2.20 5.87
C ALA A 113 -20.47 1.04 4.86
N MET A 114 -19.55 1.00 3.92
CA MET A 114 -19.62 0.22 2.68
C MET A 114 -19.71 -1.27 2.94
N LEU A 1 7.74 21.08 19.63
CA LEU A 1 6.79 21.05 18.50
C LEU A 1 7.18 19.95 17.53
N ARG A 2 6.34 18.93 17.40
CA ARG A 2 6.22 18.02 16.26
C ARG A 2 4.84 17.39 16.36
N SER A 3 4.18 17.19 15.22
CA SER A 3 3.00 16.34 15.09
C SER A 3 3.02 15.75 13.68
N ASN A 4 2.33 14.63 13.46
CA ASN A 4 1.61 14.41 12.20
C ASN A 4 0.58 13.29 12.39
N ILE A 5 -0.21 13.01 11.35
CA ILE A 5 -1.13 11.87 11.28
C ILE A 5 -0.29 10.63 10.93
N ASP A 6 -0.86 9.60 10.32
CA ASP A 6 -0.13 8.42 9.87
C ASP A 6 0.68 8.75 8.62
N LEU A 7 1.82 8.07 8.46
CA LEU A 7 2.86 8.37 7.50
C LEU A 7 2.86 7.43 6.29
N PHE A 8 3.86 7.58 5.43
CA PHE A 8 3.88 7.06 4.07
C PHE A 8 5.27 6.53 3.73
N TYR A 9 5.36 5.26 3.38
CA TYR A 9 6.58 4.57 2.96
C TYR A 9 6.48 4.25 1.47
N THR A 10 7.51 3.60 0.92
CA THR A 10 7.57 3.13 -0.45
C THR A 10 8.42 1.84 -0.44
N PRO A 11 8.39 0.97 -1.48
CA PRO A 11 9.10 -0.31 -1.50
C PRO A 11 10.58 -0.07 -1.85
N GLY A 12 11.25 0.59 -0.93
CA GLY A 12 12.65 0.93 -0.95
C GLY A 12 12.95 1.42 0.44
N GLU A 13 12.12 2.36 0.86
CA GLU A 13 12.20 3.03 2.13
C GLU A 13 11.69 2.14 3.27
N ILE A 14 11.23 0.91 2.97
CA ILE A 14 10.92 -0.07 4.01
C ILE A 14 12.15 -0.95 4.22
N LEU A 15 12.95 -1.18 3.18
CA LEU A 15 14.01 -2.16 3.17
C LEU A 15 15.36 -1.53 3.48
N TYR A 16 15.68 -0.41 2.83
CA TYR A 16 16.99 0.24 2.86
C TYR A 16 17.08 1.15 4.09
N GLY A 17 15.97 1.81 4.47
CA GLY A 17 15.95 2.90 5.44
C GLY A 17 15.03 3.98 4.90
N LYS A 18 14.12 4.54 5.71
CA LYS A 18 13.25 5.61 5.25
C LYS A 18 14.09 6.81 4.86
N ARG A 19 13.87 7.35 3.66
CA ARG A 19 14.73 8.42 3.16
C ARG A 19 14.51 9.75 3.89
N GLU A 20 13.32 10.01 4.45
CA GLU A 20 13.03 11.25 5.16
C GLU A 20 14.01 11.52 6.30
N THR A 21 13.90 10.77 7.40
CA THR A 21 14.77 10.91 8.55
C THR A 21 14.83 9.55 9.25
N GLN A 22 15.08 8.53 8.42
CA GLN A 22 15.71 7.28 8.83
C GLN A 22 15.07 6.69 10.09
N GLN A 23 13.87 6.21 9.89
CA GLN A 23 13.18 5.29 10.79
C GLN A 23 12.63 4.15 9.96
N MET A 24 12.60 2.94 10.52
CA MET A 24 11.91 1.81 9.91
C MET A 24 10.44 1.86 10.33
N PRO A 25 9.52 1.18 9.62
CA PRO A 25 8.19 0.90 10.15
C PRO A 25 8.27 -0.21 11.21
N GLU A 26 7.37 -0.14 12.19
CA GLU A 26 7.17 -1.19 13.17
C GLU A 26 6.31 -2.27 12.51
N VAL A 27 6.66 -3.54 12.74
CA VAL A 27 5.84 -4.68 12.30
C VAL A 27 4.51 -4.74 13.06
N GLY A 28 4.33 -3.89 14.07
CA GLY A 28 3.14 -3.80 14.88
C GLY A 28 2.60 -2.38 14.83
N GLN A 29 2.68 -1.68 13.69
CA GLN A 29 2.01 -0.40 13.57
C GLN A 29 1.31 -0.31 12.21
N ARG A 30 0.41 0.66 12.12
CA ARG A 30 -0.21 1.06 10.88
C ARG A 30 0.75 1.93 10.06
N LEU A 31 0.64 1.90 8.73
CA LEU A 31 1.32 2.81 7.81
C LEU A 31 0.63 2.81 6.43
N ARG A 32 0.95 3.82 5.61
CA ARG A 32 0.61 3.91 4.18
C ARG A 32 1.89 3.67 3.40
N VAL A 33 1.77 3.20 2.17
CA VAL A 33 2.83 2.86 1.24
C VAL A 33 2.42 3.34 -0.15
N GLY A 34 3.37 3.63 -1.05
CA GLY A 34 3.15 3.74 -2.48
C GLY A 34 4.22 2.96 -3.21
N GLY A 35 3.85 2.24 -4.27
CA GLY A 35 4.79 1.45 -5.07
C GLY A 35 4.14 0.97 -6.37
N MET A 36 4.90 0.33 -7.26
CA MET A 36 4.49 0.02 -8.63
C MET A 36 4.26 -1.48 -8.80
N VAL A 37 3.09 -1.95 -9.24
CA VAL A 37 2.75 -3.38 -9.24
C VAL A 37 3.65 -4.15 -10.22
N MET A 38 4.28 -5.25 -9.80
CA MET A 38 5.02 -6.13 -10.73
C MET A 38 4.06 -6.73 -11.75
N PRO A 39 4.47 -6.85 -13.02
CA PRO A 39 3.81 -7.72 -13.97
C PRO A 39 3.94 -9.16 -13.49
N GLY A 40 2.88 -9.96 -13.63
CA GLY A 40 2.90 -11.36 -13.22
C GLY A 40 3.02 -11.52 -11.70
N SER A 41 2.27 -10.72 -10.93
CA SER A 41 2.15 -10.89 -9.49
C SER A 41 0.69 -11.19 -9.17
N VAL A 42 -0.10 -10.13 -9.04
CA VAL A 42 -1.47 -10.02 -8.57
C VAL A 42 -2.29 -11.31 -8.65
N GLN A 43 -2.34 -12.04 -7.52
CA GLN A 43 -3.07 -13.27 -7.26
C GLN A 43 -4.42 -12.92 -6.65
N ARG A 44 -5.42 -12.75 -7.51
CA ARG A 44 -6.80 -12.41 -7.09
C ARG A 44 -7.58 -13.70 -6.87
N ASP A 45 -8.52 -13.70 -5.93
CA ASP A 45 -9.39 -14.84 -5.68
C ASP A 45 -10.41 -14.84 -6.80
N PRO A 46 -10.53 -15.89 -7.63
CA PRO A 46 -11.53 -15.89 -8.70
C PRO A 46 -12.96 -16.05 -8.18
N ASN A 47 -13.14 -16.34 -6.90
CA ASN A 47 -14.41 -16.63 -6.27
C ASN A 47 -14.77 -15.52 -5.29
N SER A 48 -13.79 -14.76 -4.80
CA SER A 48 -13.95 -13.87 -3.66
C SER A 48 -13.18 -12.57 -3.96
N LEU A 49 -12.85 -11.77 -2.95
CA LEU A 49 -12.30 -10.43 -3.11
C LEU A 49 -10.86 -10.34 -2.61
N LYS A 50 -10.36 -11.42 -1.99
CA LYS A 50 -8.98 -11.57 -1.59
C LYS A 50 -8.10 -11.35 -2.79
N VAL A 51 -7.00 -10.66 -2.58
CA VAL A 51 -6.05 -10.45 -3.62
C VAL A 51 -4.71 -10.12 -2.98
N THR A 52 -3.68 -10.85 -3.37
CA THR A 52 -2.32 -10.54 -3.01
C THR A 52 -1.70 -9.88 -4.26
N PHE A 53 -0.79 -8.92 -4.12
CA PHE A 53 0.02 -8.45 -5.25
C PHE A 53 1.42 -8.06 -4.76
N THR A 54 2.35 -7.74 -5.66
CA THR A 54 3.66 -7.21 -5.26
C THR A 54 3.77 -5.79 -5.80
N ILE A 55 4.42 -4.87 -5.09
CA ILE A 55 4.68 -3.51 -5.54
C ILE A 55 6.18 -3.19 -5.30
N TYR A 56 6.88 -2.74 -6.35
CA TYR A 56 8.31 -2.47 -6.40
C TYR A 56 8.56 -0.98 -6.68
N ASP A 57 9.82 -0.55 -6.64
CA ASP A 57 10.27 0.80 -7.05
C ASP A 57 11.73 0.69 -7.50
N ALA A 58 12.44 1.82 -7.61
CA ALA A 58 13.82 1.88 -8.04
C ALA A 58 14.81 1.23 -7.05
N GLU A 59 14.35 0.78 -5.88
CA GLU A 59 15.17 0.24 -4.81
C GLU A 59 14.74 -1.22 -4.65
N GLY A 60 13.59 -1.47 -4.03
CA GLY A 60 13.17 -2.78 -3.56
C GLY A 60 11.79 -3.20 -4.06
N SER A 61 11.20 -4.19 -3.39
CA SER A 61 9.80 -4.56 -3.57
C SER A 61 9.20 -5.02 -2.25
N VAL A 62 7.87 -5.01 -2.14
CA VAL A 62 7.14 -5.51 -0.98
C VAL A 62 5.94 -6.30 -1.48
N ASP A 63 5.59 -7.35 -0.75
CA ASP A 63 4.34 -8.05 -0.97
C ASP A 63 3.23 -7.21 -0.34
N VAL A 64 2.00 -7.32 -0.86
CA VAL A 64 0.82 -6.83 -0.18
C VAL A 64 -0.27 -7.89 -0.19
N SER A 65 -0.99 -8.00 0.91
CA SER A 65 -2.24 -8.72 1.02
C SER A 65 -3.31 -7.67 1.04
N TYR A 66 -4.34 -7.86 0.25
CA TYR A 66 -5.56 -7.09 0.23
C TYR A 66 -6.75 -8.06 0.22
N GLU A 67 -7.93 -7.53 0.45
CA GLU A 67 -9.21 -8.19 0.23
C GLU A 67 -10.17 -7.04 0.06
N GLY A 68 -10.65 -6.79 -1.16
CA GLY A 68 -11.73 -5.80 -1.25
C GLY A 68 -12.15 -5.32 -2.62
N ILE A 69 -11.86 -6.09 -3.68
CA ILE A 69 -11.96 -5.71 -5.08
C ILE A 69 -11.11 -4.48 -5.41
N LEU A 70 -10.13 -4.69 -6.30
CA LEU A 70 -9.20 -3.63 -6.62
C LEU A 70 -9.88 -2.60 -7.51
N PRO A 71 -9.47 -1.31 -7.39
CA PRO A 71 -10.08 -0.21 -8.14
C PRO A 71 -9.89 -0.44 -9.64
N ASP A 72 -10.74 0.15 -10.50
CA ASP A 72 -10.65 -0.15 -11.94
C ASP A 72 -9.30 0.26 -12.49
N LEU A 73 -8.82 1.43 -12.04
CA LEU A 73 -7.56 2.02 -12.42
C LEU A 73 -6.39 1.08 -12.10
N PHE A 74 -6.50 0.20 -11.09
CA PHE A 74 -5.49 -0.80 -10.79
C PHE A 74 -5.23 -1.64 -12.03
N ARG A 75 -3.95 -1.79 -12.37
CA ARG A 75 -3.48 -2.61 -13.48
C ARG A 75 -2.40 -3.58 -13.03
N GLU A 76 -1.64 -4.17 -13.93
CA GLU A 76 -0.29 -4.62 -13.61
C GLU A 76 0.66 -3.61 -14.22
N GLY A 77 1.59 -3.11 -13.40
CA GLY A 77 2.59 -2.14 -13.83
C GLY A 77 2.24 -0.70 -13.51
N GLN A 78 1.19 -0.36 -12.72
CA GLN A 78 1.00 1.05 -12.36
C GLN A 78 1.57 1.31 -10.97
N GLY A 79 1.74 2.59 -10.61
CA GLY A 79 1.87 3.00 -9.23
C GLY A 79 0.51 2.83 -8.56
N VAL A 80 0.51 2.25 -7.38
CA VAL A 80 -0.64 2.03 -6.48
C VAL A 80 -0.19 2.54 -5.11
N VAL A 81 -1.13 2.79 -4.22
CA VAL A 81 -0.91 3.09 -2.81
C VAL A 81 -1.62 2.00 -2.02
N VAL A 82 -0.98 1.51 -0.95
CA VAL A 82 -1.63 0.69 0.05
C VAL A 82 -1.62 1.39 1.39
N GLN A 83 -2.42 0.88 2.31
CA GLN A 83 -2.52 1.40 3.66
C GLN A 83 -3.08 0.32 4.56
N GLY A 84 -2.67 0.25 5.83
CA GLY A 84 -3.22 -0.69 6.80
C GLY A 84 -2.13 -0.98 7.80
N GLU A 85 -1.57 -2.20 7.85
CA GLU A 85 -0.58 -2.57 8.85
C GLU A 85 0.54 -3.30 8.14
N LEU A 86 1.66 -3.39 8.83
CA LEU A 86 2.79 -4.25 8.49
C LEU A 86 2.50 -5.67 9.02
N GLU A 87 2.71 -6.70 8.20
CA GLU A 87 2.45 -8.10 8.54
C GLU A 87 3.62 -8.60 9.37
N LYS A 88 4.77 -8.66 8.70
CA LYS A 88 6.09 -9.14 9.06
C LYS A 88 6.99 -8.65 7.93
N GLY A 89 8.25 -9.11 7.94
CA GLY A 89 9.24 -9.06 6.87
C GLY A 89 8.68 -8.60 5.53
N ASN A 90 8.61 -7.28 5.42
CA ASN A 90 8.36 -6.52 4.21
C ASN A 90 7.03 -6.83 3.51
N HIS A 91 5.96 -7.13 4.26
CA HIS A 91 4.63 -7.43 3.73
C HIS A 91 3.55 -6.53 4.37
N ILE A 92 2.67 -5.93 3.57
CA ILE A 92 1.65 -4.93 3.93
C ILE A 92 0.24 -5.52 3.82
N LEU A 93 -0.55 -5.46 4.89
CA LEU A 93 -1.98 -5.74 4.89
C LEU A 93 -2.71 -4.51 4.37
N ALA A 94 -2.64 -4.26 3.06
CA ALA A 94 -3.52 -3.32 2.39
C ALA A 94 -4.96 -3.49 2.90
N LYS A 95 -5.57 -2.38 3.32
CA LYS A 95 -6.94 -2.33 3.86
C LYS A 95 -7.92 -1.80 2.82
N GLU A 96 -7.43 -0.99 1.87
CA GLU A 96 -8.28 -0.25 0.94
C GLU A 96 -7.76 -0.29 -0.49
N VAL A 97 -6.44 -0.12 -0.66
CA VAL A 97 -5.75 0.10 -1.92
C VAL A 97 -6.27 1.36 -2.64
N LEU A 98 -5.35 2.07 -3.28
CA LEU A 98 -5.62 3.21 -4.12
C LEU A 98 -4.71 3.09 -5.35
N ALA A 99 -5.06 3.79 -6.42
CA ALA A 99 -4.37 3.77 -7.71
C ALA A 99 -3.95 5.19 -8.10
N LYS A 100 -3.47 5.99 -7.13
CA LYS A 100 -3.33 7.46 -7.12
C LYS A 100 -4.19 8.11 -8.21
N HIS A 101 -5.50 7.95 -8.04
CA HIS A 101 -6.56 8.65 -8.74
C HIS A 101 -6.58 10.14 -8.37
N ASP A 102 -5.91 10.47 -7.25
CA ASP A 102 -5.72 11.76 -6.59
C ASP A 102 -6.66 11.91 -5.38
N GLU A 103 -7.13 10.78 -4.84
CA GLU A 103 -7.92 10.70 -3.62
C GLU A 103 -7.25 11.47 -2.48
N ASN A 104 -8.01 12.33 -1.81
CA ASN A 104 -7.59 13.12 -0.66
C ASN A 104 -8.35 12.70 0.60
N TYR A 105 -9.55 12.17 0.47
CA TYR A 105 -10.43 11.69 1.53
C TYR A 105 -10.91 10.29 1.16
N THR A 106 -11.77 9.67 1.98
CA THR A 106 -12.46 8.43 1.64
C THR A 106 -13.90 8.81 1.30
N PRO A 107 -14.28 8.80 0.01
CA PRO A 107 -15.63 9.12 -0.43
C PRO A 107 -16.65 8.07 0.01
N PRO A 108 -17.96 8.30 -0.23
CA PRO A 108 -18.96 7.29 0.07
C PRO A 108 -18.91 6.09 -0.88
N GLU A 109 -18.65 6.36 -2.17
CA GLU A 109 -18.88 5.47 -3.32
C GLU A 109 -17.83 4.35 -3.41
N VAL A 110 -17.35 3.89 -2.25
CA VAL A 110 -16.21 3.01 -2.05
C VAL A 110 -16.33 2.31 -0.69
N GLU A 111 -16.89 2.94 0.36
CA GLU A 111 -16.83 2.35 1.69
C GLU A 111 -17.60 1.03 1.75
N LYS A 112 -18.78 0.99 1.12
CA LYS A 112 -19.56 -0.21 0.84
C LYS A 112 -20.67 0.21 -0.12
N ALA A 113 -20.31 0.54 -1.37
CA ALA A 113 -21.18 1.25 -2.30
C ALA A 113 -20.81 0.98 -3.77
N MET A 114 -20.08 -0.10 -4.07
CA MET A 114 -19.64 -0.49 -5.41
C MET A 114 -20.09 -1.91 -5.65
N LEU A 1 12.48 14.94 14.53
CA LEU A 1 12.40 16.41 14.65
C LEU A 1 10.94 16.85 14.60
N ARG A 2 10.31 16.79 13.43
CA ARG A 2 8.97 17.25 13.16
C ARG A 2 8.31 16.31 12.16
N SER A 3 7.08 15.88 12.41
CA SER A 3 6.29 15.03 11.53
C SER A 3 4.82 15.45 11.67
N ASN A 4 4.22 15.89 10.57
CA ASN A 4 2.82 16.29 10.50
C ASN A 4 2.09 15.35 9.55
N ILE A 5 0.78 15.17 9.76
CA ILE A 5 -0.12 14.37 8.93
C ILE A 5 0.30 12.88 8.97
N ASP A 6 -0.53 12.03 8.38
CA ASP A 6 -0.34 10.59 8.27
C ASP A 6 1.03 10.31 7.65
N LEU A 7 1.64 9.19 8.02
CA LEU A 7 2.93 8.84 7.50
C LEU A 7 2.76 8.26 6.10
N PHE A 8 3.88 7.95 5.46
CA PHE A 8 3.94 7.26 4.19
C PHE A 8 5.30 6.58 4.13
N TYR A 9 5.37 5.45 3.45
CA TYR A 9 6.58 4.73 3.09
C TYR A 9 6.45 4.28 1.64
N THR A 10 7.46 3.60 1.13
CA THR A 10 7.57 3.11 -0.23
C THR A 10 8.34 1.79 -0.16
N PRO A 11 8.32 0.94 -1.20
CA PRO A 11 9.05 -0.33 -1.24
C PRO A 11 10.55 -0.07 -1.44
N GLY A 12 11.15 0.60 -0.45
CA GLY A 12 12.53 1.00 -0.40
C GLY A 12 12.72 1.65 0.93
N GLU A 13 11.84 2.59 1.28
CA GLU A 13 11.91 3.29 2.55
C GLU A 13 11.40 2.42 3.70
N ILE A 14 10.91 1.21 3.40
CA ILE A 14 10.66 0.16 4.39
C ILE A 14 11.88 -0.75 4.47
N LEU A 15 12.59 -1.00 3.36
CA LEU A 15 13.66 -1.97 3.26
C LEU A 15 14.99 -1.37 3.71
N TYR A 16 15.41 -0.30 3.06
CA TYR A 16 16.62 0.47 3.30
C TYR A 16 16.36 1.50 4.40
N GLY A 17 15.12 1.95 4.56
CA GLY A 17 14.67 2.80 5.65
C GLY A 17 14.21 4.17 5.17
N LYS A 18 13.39 4.81 6.00
CA LYS A 18 12.76 6.12 5.74
C LYS A 18 13.79 7.10 5.22
N ARG A 19 13.61 7.74 4.07
CA ARG A 19 14.73 8.50 3.47
C ARG A 19 15.19 9.67 4.37
N GLU A 20 14.24 10.20 5.13
CA GLU A 20 14.37 11.38 5.96
C GLU A 20 15.26 11.17 7.19
N THR A 21 15.23 9.95 7.77
CA THR A 21 15.66 9.72 9.15
C THR A 21 15.80 8.22 9.46
N GLN A 22 15.42 7.34 8.53
CA GLN A 22 15.62 5.89 8.50
C GLN A 22 15.31 5.14 9.81
N GLN A 23 14.33 5.66 10.55
CA GLN A 23 13.90 5.17 11.87
C GLN A 23 13.16 3.82 11.77
N MET A 24 12.94 3.35 10.53
CA MET A 24 12.12 2.24 10.09
C MET A 24 10.63 2.41 10.49
N PRO A 25 9.70 1.72 9.81
CA PRO A 25 8.41 1.39 10.42
C PRO A 25 8.61 0.21 11.39
N GLU A 26 7.65 -0.01 12.29
CA GLU A 26 7.52 -1.27 12.99
C GLU A 26 6.82 -2.28 12.07
N VAL A 27 7.09 -3.57 12.27
CA VAL A 27 6.54 -4.65 11.44
C VAL A 27 5.21 -5.18 12.01
N GLY A 28 4.75 -4.62 13.12
CA GLY A 28 3.39 -4.77 13.61
C GLY A 28 2.87 -3.40 13.99
N GLN A 29 2.79 -2.50 13.01
CA GLN A 29 2.08 -1.22 13.15
C GLN A 29 1.30 -0.88 11.88
N ARG A 30 0.55 0.22 11.90
CA ARG A 30 -0.20 0.74 10.74
C ARG A 30 0.65 1.72 9.94
N LEU A 31 0.66 1.60 8.61
CA LEU A 31 1.37 2.48 7.70
C LEU A 31 0.79 2.44 6.28
N ARG A 32 1.34 3.29 5.41
CA ARG A 32 1.05 3.46 4.00
C ARG A 32 2.26 3.06 3.17
N VAL A 33 2.04 2.55 1.98
CA VAL A 33 3.04 2.32 0.96
C VAL A 33 2.49 2.88 -0.36
N GLY A 34 3.28 3.62 -1.13
CA GLY A 34 3.06 3.82 -2.56
C GLY A 34 4.13 3.04 -3.31
N GLY A 35 3.80 2.44 -4.46
CA GLY A 35 4.76 1.69 -5.24
C GLY A 35 4.14 1.16 -6.53
N MET A 36 4.97 0.67 -7.43
CA MET A 36 4.61 0.23 -8.77
C MET A 36 4.34 -1.27 -8.76
N VAL A 37 3.14 -1.72 -9.16
CA VAL A 37 2.83 -3.16 -9.09
C VAL A 37 3.71 -3.92 -10.07
N MET A 38 4.23 -5.07 -9.65
CA MET A 38 5.00 -5.96 -10.51
C MET A 38 4.16 -6.50 -11.67
N PRO A 39 4.78 -6.68 -12.84
CA PRO A 39 4.19 -7.29 -14.01
C PRO A 39 4.19 -8.82 -13.89
N GLY A 40 3.50 -9.34 -12.87
CA GLY A 40 3.35 -10.78 -12.64
C GLY A 40 3.32 -11.05 -11.14
N SER A 41 2.33 -10.54 -10.41
CA SER A 41 2.17 -10.87 -8.99
C SER A 41 0.75 -10.79 -8.45
N VAL A 42 -0.16 -10.02 -9.06
CA VAL A 42 -1.52 -9.84 -8.54
C VAL A 42 -2.33 -11.15 -8.68
N GLN A 43 -2.42 -11.87 -7.56
CA GLN A 43 -3.21 -13.03 -7.21
C GLN A 43 -4.61 -12.61 -6.79
N ARG A 44 -5.49 -12.36 -7.76
CA ARG A 44 -6.90 -12.13 -7.40
C ARG A 44 -7.55 -13.47 -7.10
N ASP A 45 -8.40 -13.54 -6.08
CA ASP A 45 -8.93 -14.80 -5.59
C ASP A 45 -9.91 -15.35 -6.62
N PRO A 46 -9.90 -16.66 -6.93
CA PRO A 46 -10.95 -17.24 -7.76
C PRO A 46 -12.30 -17.29 -7.05
N ASN A 47 -12.33 -17.22 -5.72
CA ASN A 47 -13.51 -17.49 -4.91
C ASN A 47 -13.76 -16.36 -3.92
N SER A 48 -13.10 -15.21 -4.10
CA SER A 48 -13.20 -14.09 -3.18
C SER A 48 -12.92 -12.78 -3.94
N LEU A 49 -12.89 -11.68 -3.20
CA LEU A 49 -12.30 -10.40 -3.58
C LEU A 49 -11.01 -10.16 -2.79
N LYS A 50 -10.55 -11.18 -2.05
CA LYS A 50 -9.17 -11.26 -1.59
C LYS A 50 -8.25 -11.02 -2.78
N VAL A 51 -7.13 -10.37 -2.52
CA VAL A 51 -6.05 -10.24 -3.45
C VAL A 51 -4.74 -10.54 -2.75
N THR A 52 -3.70 -10.73 -3.54
CA THR A 52 -2.33 -10.67 -3.07
C THR A 52 -1.55 -10.11 -4.25
N PHE A 53 -0.93 -8.93 -4.17
CA PHE A 53 -0.02 -8.45 -5.21
C PHE A 53 1.35 -8.09 -4.65
N THR A 54 2.30 -7.72 -5.50
CA THR A 54 3.61 -7.21 -5.07
C THR A 54 3.79 -5.85 -5.75
N ILE A 55 4.44 -4.93 -5.06
CA ILE A 55 4.74 -3.58 -5.47
C ILE A 55 6.22 -3.34 -5.24
N TYR A 56 6.88 -2.68 -6.18
CA TYR A 56 8.29 -2.37 -6.15
C TYR A 56 8.48 -0.89 -6.46
N ASP A 57 9.71 -0.41 -6.38
CA ASP A 57 10.13 0.92 -6.83
C ASP A 57 11.64 0.83 -7.08
N ALA A 58 12.35 1.95 -7.19
CA ALA A 58 13.76 2.06 -7.56
C ALA A 58 14.74 1.35 -6.60
N GLU A 59 14.26 0.79 -5.50
CA GLU A 59 15.02 0.29 -4.40
C GLU A 59 14.71 -1.20 -4.32
N GLY A 60 13.57 -1.56 -3.73
CA GLY A 60 13.20 -2.91 -3.38
C GLY A 60 11.76 -3.22 -3.78
N SER A 61 11.17 -4.26 -3.14
CA SER A 61 9.77 -4.60 -3.33
C SER A 61 9.14 -5.16 -2.06
N VAL A 62 7.80 -5.16 -2.02
CA VAL A 62 6.99 -5.60 -0.89
C VAL A 62 5.75 -6.30 -1.41
N ASP A 63 5.30 -7.33 -0.69
CA ASP A 63 4.00 -7.95 -0.98
C ASP A 63 2.90 -7.11 -0.35
N VAL A 64 1.67 -7.27 -0.83
CA VAL A 64 0.47 -6.74 -0.21
C VAL A 64 -0.62 -7.82 -0.24
N SER A 65 -1.37 -7.97 0.86
CA SER A 65 -2.61 -8.74 0.97
C SER A 65 -3.72 -7.69 1.10
N TYR A 66 -4.51 -7.50 0.06
CA TYR A 66 -5.72 -6.69 0.05
C TYR A 66 -6.91 -7.64 0.07
N GLU A 67 -8.09 -7.12 0.37
CA GLU A 67 -9.34 -7.83 0.24
C GLU A 67 -10.40 -6.77 0.11
N GLY A 68 -11.10 -6.75 -1.02
CA GLY A 68 -12.32 -5.93 -0.99
C GLY A 68 -12.99 -5.59 -2.31
N ILE A 69 -12.63 -4.44 -2.88
CA ILE A 69 -13.21 -3.90 -4.08
C ILE A 69 -12.11 -3.15 -4.81
N LEU A 70 -11.17 -3.93 -5.31
CA LEU A 70 -10.02 -3.46 -6.06
C LEU A 70 -10.47 -2.51 -7.17
N PRO A 71 -9.82 -1.35 -7.38
CA PRO A 71 -10.27 -0.41 -8.40
C PRO A 71 -10.15 -1.10 -9.75
N ASP A 72 -11.12 -0.92 -10.64
CA ASP A 72 -10.96 -1.38 -12.02
C ASP A 72 -9.82 -0.62 -12.72
N LEU A 73 -9.39 0.50 -12.13
CA LEU A 73 -8.27 1.32 -12.59
C LEU A 73 -6.92 0.71 -12.22
N PHE A 74 -6.84 -0.13 -11.18
CA PHE A 74 -5.63 -0.86 -10.82
C PHE A 74 -5.24 -1.71 -12.04
N ARG A 75 -4.03 -1.52 -12.56
CA ARG A 75 -3.41 -2.36 -13.59
C ARG A 75 -2.13 -2.92 -13.01
N GLU A 76 -1.71 -4.07 -13.50
CA GLU A 76 -0.40 -4.62 -13.10
C GLU A 76 0.67 -3.84 -13.82
N GLY A 77 1.52 -3.16 -13.08
CA GLY A 77 2.57 -2.30 -13.64
C GLY A 77 2.53 -0.83 -13.21
N GLN A 78 1.71 -0.40 -12.24
CA GLN A 78 1.45 1.05 -12.06
C GLN A 78 1.54 1.48 -10.60
N GLY A 79 1.58 2.80 -10.36
CA GLY A 79 1.92 3.42 -9.09
C GLY A 79 0.74 3.47 -8.13
N VAL A 80 0.47 2.39 -7.43
CA VAL A 80 -0.67 2.26 -6.53
C VAL A 80 -0.35 2.95 -5.20
N VAL A 81 -1.36 3.13 -4.35
CA VAL A 81 -1.24 3.61 -2.97
C VAL A 81 -2.00 2.58 -2.11
N VAL A 82 -1.29 1.89 -1.24
CA VAL A 82 -1.79 0.98 -0.22
C VAL A 82 -1.67 1.67 1.15
N GLN A 83 -2.48 1.21 2.09
CA GLN A 83 -2.58 1.65 3.46
C GLN A 83 -3.14 0.48 4.24
N GLY A 84 -2.62 0.24 5.44
CA GLY A 84 -3.15 -0.69 6.40
C GLY A 84 -2.04 -0.93 7.40
N GLU A 85 -1.49 -2.14 7.47
CA GLU A 85 -0.60 -2.59 8.54
C GLU A 85 0.53 -3.44 7.95
N LEU A 86 1.65 -3.56 8.65
CA LEU A 86 2.83 -4.33 8.23
C LEU A 86 2.71 -5.76 8.78
N GLU A 87 3.35 -6.75 8.14
CA GLU A 87 3.17 -8.17 8.45
C GLU A 87 4.50 -8.79 8.88
N LYS A 88 5.38 -9.13 7.94
CA LYS A 88 6.73 -9.69 8.04
C LYS A 88 7.25 -9.81 6.61
N GLY A 89 8.54 -10.09 6.42
CA GLY A 89 9.09 -10.33 5.08
C GLY A 89 8.92 -9.14 4.13
N ASN A 90 8.70 -7.92 4.65
CA ASN A 90 8.20 -6.77 3.91
C ASN A 90 6.87 -7.06 3.20
N HIS A 91 5.79 -7.26 3.95
CA HIS A 91 4.44 -7.51 3.42
C HIS A 91 3.45 -6.59 4.12
N ILE A 92 2.58 -5.91 3.38
CA ILE A 92 1.55 -5.00 3.88
C ILE A 92 0.17 -5.65 3.80
N LEU A 93 -0.61 -5.54 4.88
CA LEU A 93 -2.04 -5.73 4.82
C LEU A 93 -2.57 -4.42 4.27
N ALA A 94 -3.06 -4.45 3.04
CA ALA A 94 -3.77 -3.34 2.47
C ALA A 94 -5.22 -3.38 2.94
N LYS A 95 -5.77 -2.22 3.26
CA LYS A 95 -7.15 -2.04 3.71
C LYS A 95 -8.00 -1.37 2.65
N GLU A 96 -7.40 -0.69 1.65
CA GLU A 96 -8.18 0.15 0.73
C GLU A 96 -7.78 0.08 -0.74
N VAL A 97 -6.48 0.12 -1.06
CA VAL A 97 -5.90 0.04 -2.42
C VAL A 97 -6.46 1.05 -3.42
N LEU A 98 -5.61 2.02 -3.76
CA LEU A 98 -5.91 3.13 -4.65
C LEU A 98 -4.88 3.12 -5.77
N ALA A 99 -5.19 3.62 -6.96
CA ALA A 99 -4.33 3.52 -8.15
C ALA A 99 -3.82 4.91 -8.58
N LYS A 100 -3.71 5.82 -7.61
CA LYS A 100 -3.33 7.24 -7.78
C LYS A 100 -4.04 7.91 -8.97
N HIS A 101 -5.35 7.78 -9.06
CA HIS A 101 -6.19 8.50 -10.00
C HIS A 101 -6.61 9.79 -9.31
N ASP A 102 -7.78 9.78 -8.67
CA ASP A 102 -8.45 10.95 -8.13
C ASP A 102 -9.00 10.56 -6.77
N GLU A 103 -9.88 9.55 -6.74
CA GLU A 103 -10.63 9.13 -5.58
C GLU A 103 -11.31 10.33 -4.93
N ASN A 104 -12.37 10.79 -5.57
CA ASN A 104 -13.32 11.66 -4.91
C ASN A 104 -14.08 10.84 -3.88
N TYR A 105 -14.62 11.51 -2.86
CA TYR A 105 -15.63 10.97 -1.97
C TYR A 105 -16.99 11.00 -2.68
N THR A 106 -18.02 10.37 -2.10
CA THR A 106 -19.41 10.54 -2.51
C THR A 106 -20.25 10.76 -1.24
N PRO A 107 -21.12 11.79 -1.19
CA PRO A 107 -21.98 12.06 -0.04
C PRO A 107 -23.03 10.95 0.16
N PRO A 108 -23.86 10.99 1.22
CA PRO A 108 -24.92 10.02 1.39
C PRO A 108 -26.12 10.24 0.47
N GLU A 109 -26.41 11.51 0.14
CA GLU A 109 -27.56 11.99 -0.65
C GLU A 109 -27.49 11.55 -2.13
N VAL A 110 -27.18 10.28 -2.39
CA VAL A 110 -26.82 9.68 -3.67
C VAL A 110 -26.59 8.19 -3.42
N GLU A 111 -25.77 7.86 -2.41
CA GLU A 111 -25.38 6.49 -2.12
C GLU A 111 -26.59 5.63 -1.72
N LYS A 112 -27.67 6.28 -1.30
CA LYS A 112 -29.01 5.75 -1.37
C LYS A 112 -29.87 6.83 -2.02
N ALA A 113 -30.69 6.43 -3.00
CA ALA A 113 -31.49 7.28 -3.88
C ALA A 113 -30.64 8.29 -4.64
N MET A 114 -30.04 7.79 -5.72
CA MET A 114 -29.75 8.58 -6.91
C MET A 114 -31.09 9.08 -7.44
N LEU A 1 14.50 23.50 10.28
CA LEU A 1 13.64 22.90 9.25
C LEU A 1 13.51 21.41 9.56
N ARG A 2 12.32 20.98 9.97
CA ARG A 2 11.96 19.72 10.61
C ARG A 2 10.58 20.02 11.21
N SER A 3 9.53 19.34 10.77
CA SER A 3 8.18 19.56 11.26
C SER A 3 7.45 18.21 11.36
N ASN A 4 7.68 17.47 12.46
CA ASN A 4 7.19 16.11 12.65
C ASN A 4 7.74 15.17 11.56
N ILE A 5 7.21 13.94 11.43
CA ILE A 5 7.63 12.99 10.41
C ILE A 5 6.36 12.54 9.70
N ASP A 6 6.43 12.51 8.38
CA ASP A 6 5.39 11.97 7.51
C ASP A 6 5.37 10.46 7.61
N LEU A 7 4.21 9.90 7.95
CA LEU A 7 3.81 8.60 7.49
C LEU A 7 3.58 8.69 5.98
N PHE A 8 3.61 7.49 5.42
CA PHE A 8 3.73 7.02 4.06
C PHE A 8 5.19 6.59 3.88
N TYR A 9 5.42 5.49 3.17
CA TYR A 9 6.71 4.87 2.89
C TYR A 9 6.63 4.36 1.44
N THR A 10 7.72 3.83 0.89
CA THR A 10 7.72 3.24 -0.45
C THR A 10 8.60 1.96 -0.47
N PRO A 11 8.62 1.15 -1.54
CA PRO A 11 9.18 -0.22 -1.52
C PRO A 11 10.69 -0.37 -1.23
N GLY A 12 11.46 0.71 -1.13
CA GLY A 12 12.81 0.66 -0.56
C GLY A 12 12.77 1.03 0.91
N GLU A 13 11.90 1.96 1.30
CA GLU A 13 12.08 2.71 2.53
C GLU A 13 11.53 1.94 3.75
N ILE A 14 10.89 0.79 3.51
CA ILE A 14 10.46 -0.14 4.54
C ILE A 14 11.57 -1.14 4.88
N LEU A 15 12.57 -1.31 4.01
CA LEU A 15 13.64 -2.29 4.18
C LEU A 15 14.95 -1.56 4.47
N TYR A 16 15.29 -0.60 3.62
CA TYR A 16 16.58 0.05 3.63
C TYR A 16 16.66 1.14 4.71
N GLY A 17 15.53 1.79 4.99
CA GLY A 17 15.40 2.86 5.98
C GLY A 17 14.41 3.87 5.43
N LYS A 18 13.55 4.44 6.28
CA LYS A 18 12.53 5.35 5.79
C LYS A 18 13.18 6.60 5.23
N ARG A 19 12.56 7.22 4.22
CA ARG A 19 13.22 7.85 3.07
C ARG A 19 14.69 8.13 3.33
N GLU A 20 14.96 9.12 4.17
CA GLU A 20 16.30 9.49 4.59
C GLU A 20 16.87 8.36 5.45
N THR A 21 16.59 8.37 6.75
CA THR A 21 16.96 7.29 7.67
C THR A 21 16.07 7.32 8.94
N GLN A 22 15.05 8.18 8.97
CA GLN A 22 14.52 8.77 10.19
C GLN A 22 14.08 7.75 11.24
N GLN A 23 13.25 6.78 10.88
CA GLN A 23 12.89 5.64 11.70
C GLN A 23 12.22 4.62 10.81
N MET A 24 12.15 3.38 11.27
CA MET A 24 11.52 2.30 10.54
C MET A 24 10.02 2.28 10.88
N PRO A 25 9.17 1.60 10.10
CA PRO A 25 7.81 1.33 10.54
C PRO A 25 7.81 0.34 11.69
N GLU A 26 6.76 0.37 12.51
CA GLU A 26 6.46 -0.67 13.49
C GLU A 26 5.75 -1.81 12.77
N VAL A 27 6.21 -3.04 13.01
CA VAL A 27 5.61 -4.29 12.55
C VAL A 27 4.23 -4.55 13.21
N GLY A 28 3.78 -3.63 14.04
CA GLY A 28 2.49 -3.62 14.68
C GLY A 28 1.74 -2.31 14.52
N GLN A 29 1.97 -1.51 13.47
CA GLN A 29 1.24 -0.25 13.29
C GLN A 29 0.56 -0.16 11.93
N ARG A 30 -0.21 0.92 11.75
CA ARG A 30 -0.75 1.38 10.50
C ARG A 30 0.22 2.27 9.74
N LEU A 31 0.26 2.08 8.43
CA LEU A 31 1.10 2.79 7.49
C LEU A 31 0.56 2.65 6.08
N ARG A 32 1.15 3.42 5.16
CA ARG A 32 0.81 3.46 3.76
C ARG A 32 2.09 3.29 2.96
N VAL A 33 1.98 2.62 1.83
CA VAL A 33 3.04 2.39 0.87
C VAL A 33 2.53 2.95 -0.44
N GLY A 34 3.32 3.75 -1.16
CA GLY A 34 3.13 3.91 -2.59
C GLY A 34 4.10 2.97 -3.28
N GLY A 35 3.79 2.53 -4.49
CA GLY A 35 4.70 1.69 -5.28
C GLY A 35 4.12 1.47 -6.66
N MET A 36 4.76 0.66 -7.50
CA MET A 36 4.33 0.27 -8.84
C MET A 36 4.13 -1.26 -8.88
N VAL A 37 2.96 -1.76 -9.28
CA VAL A 37 2.61 -3.18 -9.17
C VAL A 37 3.53 -3.99 -10.07
N MET A 38 4.24 -4.97 -9.51
CA MET A 38 5.04 -5.93 -10.25
C MET A 38 4.14 -6.69 -11.23
N PRO A 39 4.47 -6.68 -12.53
CA PRO A 39 3.60 -7.17 -13.60
C PRO A 39 3.50 -8.69 -13.54
N GLY A 40 2.32 -9.21 -13.21
CA GLY A 40 2.08 -10.63 -13.03
C GLY A 40 1.99 -11.02 -11.56
N SER A 41 2.42 -10.18 -10.62
CA SER A 41 2.45 -10.57 -9.22
C SER A 41 1.07 -10.79 -8.62
N VAL A 42 0.05 -10.11 -9.17
CA VAL A 42 -1.32 -10.17 -8.68
C VAL A 42 -1.85 -11.61 -8.78
N GLN A 43 -2.00 -12.27 -7.63
CA GLN A 43 -2.71 -13.52 -7.45
C GLN A 43 -4.15 -13.37 -7.93
N ARG A 44 -4.95 -12.60 -7.17
CA ARG A 44 -6.42 -12.45 -7.12
C ARG A 44 -7.18 -13.78 -7.16
N ASP A 45 -8.30 -13.87 -6.45
CA ASP A 45 -9.15 -15.05 -6.62
C ASP A 45 -10.11 -14.75 -7.75
N PRO A 46 -10.31 -15.64 -8.75
CA PRO A 46 -11.31 -15.41 -9.77
C PRO A 46 -12.74 -15.56 -9.23
N ASN A 47 -12.89 -16.09 -8.01
CA ASN A 47 -14.14 -16.54 -7.44
C ASN A 47 -14.28 -16.05 -5.99
N SER A 48 -13.41 -15.15 -5.53
CA SER A 48 -13.50 -14.49 -4.22
C SER A 48 -12.84 -13.13 -4.33
N LEU A 49 -12.67 -12.42 -3.22
CA LEU A 49 -12.20 -11.04 -3.20
C LEU A 49 -10.76 -10.92 -2.69
N LYS A 50 -10.18 -12.00 -2.14
CA LYS A 50 -8.76 -12.05 -1.76
C LYS A 50 -7.90 -11.76 -2.96
N VAL A 51 -6.83 -11.02 -2.76
CA VAL A 51 -5.89 -10.68 -3.80
C VAL A 51 -4.57 -10.34 -3.13
N THR A 52 -3.46 -10.68 -3.76
CA THR A 52 -2.15 -10.50 -3.16
C THR A 52 -1.23 -10.19 -4.33
N PHE A 53 -0.36 -9.21 -4.18
CA PHE A 53 0.49 -8.68 -5.23
C PHE A 53 1.80 -8.22 -4.61
N THR A 54 2.76 -7.82 -5.45
CA THR A 54 4.01 -7.21 -5.02
C THR A 54 4.08 -5.83 -5.67
N ILE A 55 4.75 -4.89 -5.04
CA ILE A 55 4.95 -3.53 -5.53
C ILE A 55 6.44 -3.23 -5.42
N TYR A 56 6.98 -2.55 -6.41
CA TYR A 56 8.39 -2.21 -6.53
C TYR A 56 8.54 -0.73 -6.90
N ASP A 57 9.79 -0.29 -6.90
CA ASP A 57 10.28 0.97 -7.50
C ASP A 57 11.73 0.67 -7.91
N ALA A 58 12.54 1.67 -8.21
CA ALA A 58 13.95 1.54 -8.56
C ALA A 58 14.84 1.01 -7.43
N GLU A 59 14.31 0.71 -6.24
CA GLU A 59 15.07 0.51 -5.01
C GLU A 59 15.02 -0.96 -4.64
N GLY A 60 13.84 -1.36 -4.19
CA GLY A 60 13.48 -2.62 -3.60
C GLY A 60 12.05 -2.94 -3.99
N SER A 61 11.44 -3.92 -3.32
CA SER A 61 10.06 -4.30 -3.56
C SER A 61 9.47 -4.92 -2.27
N VAL A 62 8.14 -4.95 -2.15
CA VAL A 62 7.41 -5.41 -0.96
C VAL A 62 6.15 -6.15 -1.38
N ASP A 63 5.68 -7.06 -0.52
CA ASP A 63 4.45 -7.81 -0.75
C ASP A 63 3.26 -7.02 -0.21
N VAL A 64 2.06 -7.33 -0.72
CA VAL A 64 0.80 -6.78 -0.25
C VAL A 64 -0.25 -7.90 -0.29
N SER A 65 -0.85 -8.24 0.84
CA SER A 65 -2.09 -9.01 0.89
C SER A 65 -3.23 -8.00 1.03
N TYR A 66 -4.25 -8.13 0.21
CA TYR A 66 -5.49 -7.39 0.26
C TYR A 66 -6.64 -8.41 0.15
N GLU A 67 -7.85 -7.96 0.42
CA GLU A 67 -9.04 -8.78 0.30
C GLU A 67 -10.17 -7.80 0.22
N GLY A 68 -10.72 -7.59 -0.97
CA GLY A 68 -11.89 -6.71 -0.99
C GLY A 68 -12.46 -6.38 -2.35
N ILE A 69 -11.99 -7.01 -3.44
CA ILE A 69 -12.05 -6.50 -4.79
C ILE A 69 -11.34 -5.15 -4.87
N LEU A 70 -10.71 -4.92 -6.01
CA LEU A 70 -9.85 -3.80 -6.28
C LEU A 70 -10.62 -2.73 -7.04
N PRO A 71 -10.18 -1.46 -6.96
CA PRO A 71 -10.75 -0.41 -7.76
C PRO A 71 -10.53 -0.75 -9.23
N ASP A 72 -11.42 -0.30 -10.10
CA ASP A 72 -11.34 -0.58 -11.53
C ASP A 72 -10.08 0.06 -12.15
N LEU A 73 -9.58 1.08 -11.47
CA LEU A 73 -8.37 1.80 -11.79
C LEU A 73 -7.11 0.99 -11.49
N PHE A 74 -7.13 -0.01 -10.62
CA PHE A 74 -5.95 -0.80 -10.31
C PHE A 74 -5.63 -1.68 -11.52
N ARG A 75 -4.39 -1.62 -12.02
CA ARG A 75 -3.91 -2.43 -13.13
C ARG A 75 -2.53 -2.99 -12.83
N GLU A 76 -2.07 -3.95 -13.61
CA GLU A 76 -0.73 -4.47 -13.43
C GLU A 76 0.20 -3.47 -14.11
N GLY A 77 1.14 -2.92 -13.34
CA GLY A 77 2.19 -2.03 -13.84
C GLY A 77 1.96 -0.54 -13.60
N GLN A 78 1.07 -0.15 -12.69
CA GLN A 78 0.77 1.26 -12.39
C GLN A 78 0.98 1.60 -10.91
N GLY A 79 0.84 2.89 -10.56
CA GLY A 79 1.25 3.47 -9.28
C GLY A 79 0.08 3.51 -8.31
N VAL A 80 0.05 2.63 -7.31
CA VAL A 80 -1.04 2.53 -6.34
C VAL A 80 -0.56 3.14 -5.01
N VAL A 81 -1.47 3.30 -4.07
CA VAL A 81 -1.27 3.77 -2.70
C VAL A 81 -1.99 2.75 -1.84
N VAL A 82 -1.22 1.80 -1.29
CA VAL A 82 -1.65 0.87 -0.27
C VAL A 82 -1.62 1.60 1.07
N GLN A 83 -2.43 1.11 1.99
CA GLN A 83 -2.45 1.43 3.41
C GLN A 83 -3.00 0.23 4.10
N GLY A 84 -2.46 -0.08 5.27
CA GLY A 84 -3.12 -0.87 6.27
C GLY A 84 -2.04 -1.01 7.30
N GLU A 85 -1.47 -2.19 7.50
CA GLU A 85 -0.62 -2.47 8.63
C GLU A 85 0.53 -3.35 8.18
N LEU A 86 1.66 -3.27 8.90
CA LEU A 86 2.88 -4.01 8.53
C LEU A 86 2.82 -5.43 9.08
N GLU A 87 3.02 -6.44 8.23
CA GLU A 87 2.76 -7.82 8.54
C GLU A 87 3.88 -8.42 9.38
N LYS A 88 5.08 -8.55 8.80
CA LYS A 88 6.24 -9.04 9.51
C LYS A 88 7.57 -8.50 9.02
N GLY A 89 7.97 -8.86 7.80
CA GLY A 89 9.22 -8.43 7.24
C GLY A 89 8.97 -7.15 6.46
N ASN A 90 8.58 -7.34 5.20
CA ASN A 90 8.36 -6.24 4.26
C ASN A 90 7.10 -6.60 3.47
N HIS A 91 6.02 -6.92 4.20
CA HIS A 91 4.71 -7.28 3.65
C HIS A 91 3.69 -6.38 4.31
N ILE A 92 2.79 -5.80 3.53
CA ILE A 92 1.70 -4.94 3.99
C ILE A 92 0.39 -5.72 3.93
N LEU A 93 -0.37 -5.70 5.02
CA LEU A 93 -1.80 -5.97 4.97
C LEU A 93 -2.40 -4.69 4.44
N ALA A 94 -2.74 -4.64 3.16
CA ALA A 94 -3.52 -3.55 2.64
C ALA A 94 -4.97 -3.68 3.09
N LYS A 95 -5.57 -2.52 3.33
CA LYS A 95 -6.93 -2.32 3.79
C LYS A 95 -7.78 -1.71 2.70
N GLU A 96 -7.18 -1.02 1.71
CA GLU A 96 -8.01 -0.29 0.74
C GLU A 96 -7.45 -0.02 -0.65
N VAL A 97 -6.18 -0.34 -0.90
CA VAL A 97 -5.48 -0.29 -2.20
C VAL A 97 -6.06 0.73 -3.20
N LEU A 98 -5.61 1.96 -3.09
CA LEU A 98 -6.07 3.07 -3.91
C LEU A 98 -5.21 3.11 -5.17
N ALA A 99 -5.78 3.43 -6.32
CA ALA A 99 -5.08 3.48 -7.61
C ALA A 99 -5.07 4.91 -8.17
N LYS A 100 -4.68 5.86 -7.31
CA LYS A 100 -4.35 7.26 -7.62
C LYS A 100 -5.25 7.93 -8.66
N HIS A 101 -6.56 7.63 -8.60
CA HIS A 101 -7.59 8.32 -9.35
C HIS A 101 -7.67 9.77 -8.85
N ASP A 102 -7.73 9.97 -7.53
CA ASP A 102 -7.85 11.30 -6.94
C ASP A 102 -7.49 11.34 -5.46
N GLU A 103 -7.66 10.20 -4.78
CA GLU A 103 -7.63 10.07 -3.33
C GLU A 103 -6.34 10.61 -2.71
N ASN A 104 -6.50 11.51 -1.73
CA ASN A 104 -5.42 12.10 -0.96
C ASN A 104 -5.60 11.81 0.53
N TYR A 105 -4.75 12.36 1.39
CA TYR A 105 -4.67 12.07 2.82
C TYR A 105 -5.93 12.61 3.53
N THR A 106 -6.92 11.73 3.74
CA THR A 106 -8.16 12.02 4.45
C THR A 106 -7.92 11.98 5.98
N PRO A 107 -8.53 12.88 6.78
CA PRO A 107 -8.48 12.85 8.24
C PRO A 107 -9.10 11.59 8.87
N PRO A 108 -9.10 11.43 10.21
CA PRO A 108 -9.95 10.50 10.93
C PRO A 108 -11.36 11.09 11.17
N GLU A 109 -12.18 10.38 11.95
CA GLU A 109 -13.62 10.64 12.17
C GLU A 109 -14.38 10.71 10.83
N VAL A 110 -13.96 9.87 9.88
CA VAL A 110 -14.59 9.68 8.57
C VAL A 110 -14.26 8.30 8.05
N GLU A 111 -13.14 7.72 8.52
CA GLU A 111 -12.80 6.37 8.13
C GLU A 111 -13.95 5.45 8.58
N LYS A 112 -14.22 4.40 7.81
CA LYS A 112 -15.33 3.47 8.00
C LYS A 112 -16.62 4.20 8.41
N ALA A 113 -17.14 5.02 7.51
CA ALA A 113 -18.47 5.59 7.56
C ALA A 113 -18.88 5.95 6.13
N MET A 114 -19.97 6.70 5.96
CA MET A 114 -20.42 7.34 4.74
C MET A 114 -20.98 6.35 3.72
N LEU A 1 13.84 19.09 10.99
CA LEU A 1 12.71 19.02 10.03
C LEU A 1 11.39 19.27 10.76
N ARG A 2 10.23 19.20 10.09
CA ARG A 2 8.91 19.34 10.72
C ARG A 2 7.90 18.44 10.02
N SER A 3 7.46 17.37 10.67
CA SER A 3 6.44 16.48 10.14
C SER A 3 5.08 17.21 10.09
N ASN A 4 4.23 16.84 9.13
CA ASN A 4 2.81 17.14 9.12
C ASN A 4 2.12 15.98 8.40
N ILE A 5 0.79 15.92 8.40
CA ILE A 5 -0.02 14.84 7.86
C ILE A 5 0.30 13.53 8.63
N ASP A 6 -0.34 12.43 8.25
CA ASP A 6 0.08 11.06 8.56
C ASP A 6 1.41 10.74 7.86
N LEU A 7 2.01 9.59 8.14
CA LEU A 7 3.16 9.08 7.42
C LEU A 7 2.76 8.57 6.03
N PHE A 8 3.76 8.02 5.33
CA PHE A 8 3.74 7.29 4.06
C PHE A 8 5.15 6.70 3.89
N TYR A 9 5.30 5.58 3.17
CA TYR A 9 6.55 4.91 2.82
C TYR A 9 6.46 4.42 1.37
N THR A 10 7.54 3.88 0.78
CA THR A 10 7.48 3.19 -0.50
C THR A 10 8.25 1.88 -0.49
N PRO A 11 8.16 1.03 -1.53
CA PRO A 11 8.87 -0.25 -1.62
C PRO A 11 10.40 -0.21 -1.47
N GLY A 12 11.06 0.93 -1.24
CA GLY A 12 12.35 0.95 -0.57
C GLY A 12 12.39 1.52 0.84
N GLU A 13 11.47 2.40 1.24
CA GLU A 13 11.59 3.14 2.50
C GLU A 13 11.45 2.21 3.73
N ILE A 14 10.99 0.98 3.53
CA ILE A 14 10.76 -0.05 4.53
C ILE A 14 11.87 -1.12 4.42
N LEU A 15 12.54 -1.29 3.28
CA LEU A 15 13.69 -2.20 3.14
C LEU A 15 14.99 -1.50 3.50
N TYR A 16 15.23 -0.37 2.85
CA TYR A 16 16.46 0.40 2.89
C TYR A 16 16.42 1.24 4.15
N GLY A 17 15.64 2.32 4.11
CA GLY A 17 15.44 3.28 5.18
C GLY A 17 14.58 4.40 4.60
N LYS A 18 13.93 5.21 5.45
CA LYS A 18 13.27 6.42 4.99
C LYS A 18 14.30 7.30 4.29
N ARG A 19 13.82 8.17 3.39
CA ARG A 19 14.55 9.09 2.50
C ARG A 19 16.01 9.47 2.80
N GLU A 20 16.39 9.71 4.06
CA GLU A 20 17.78 9.61 4.50
C GLU A 20 17.88 8.58 5.63
N THR A 21 17.17 8.81 6.74
CA THR A 21 17.30 8.00 7.94
C THR A 21 16.07 8.06 8.86
N GLN A 22 15.01 8.80 8.51
CA GLN A 22 14.16 9.47 9.49
C GLN A 22 13.56 8.48 10.50
N GLN A 23 12.88 7.43 10.04
CA GLN A 23 12.49 6.28 10.85
C GLN A 23 11.96 5.20 9.91
N MET A 24 12.24 3.93 10.19
CA MET A 24 11.50 2.81 9.60
C MET A 24 10.12 2.76 10.28
N PRO A 25 9.11 2.08 9.71
CA PRO A 25 7.87 1.82 10.43
C PRO A 25 8.08 0.68 11.44
N GLU A 26 7.17 0.56 12.41
CA GLU A 26 7.10 -0.60 13.29
C GLU A 26 6.38 -1.72 12.54
N VAL A 27 6.79 -2.96 12.79
CA VAL A 27 6.35 -4.16 12.08
C VAL A 27 5.07 -4.75 12.67
N GLY A 28 4.57 -4.17 13.74
CA GLY A 28 3.16 -4.23 14.07
C GLY A 28 2.70 -2.80 14.30
N GLN A 29 2.59 -2.00 13.24
CA GLN A 29 1.73 -0.83 13.27
C GLN A 29 0.99 -0.71 11.94
N ARG A 30 0.11 0.29 11.86
CA ARG A 30 -0.45 0.76 10.60
C ARG A 30 0.55 1.65 9.91
N LEU A 31 0.67 1.51 8.59
CA LEU A 31 1.34 2.47 7.75
C LEU A 31 0.70 2.49 6.37
N ARG A 32 1.04 3.53 5.60
CA ARG A 32 0.78 3.63 4.16
C ARG A 32 2.06 3.28 3.42
N VAL A 33 1.94 2.51 2.35
CA VAL A 33 2.93 2.38 1.29
C VAL A 33 2.34 3.00 0.03
N GLY A 34 3.17 3.41 -0.93
CA GLY A 34 2.73 3.48 -2.31
C GLY A 34 3.87 3.08 -3.22
N GLY A 35 3.55 2.37 -4.30
CA GLY A 35 4.55 1.98 -5.29
C GLY A 35 3.89 1.37 -6.52
N MET A 36 4.69 0.92 -7.48
CA MET A 36 4.21 0.34 -8.73
C MET A 36 3.99 -1.16 -8.55
N VAL A 37 2.76 -1.63 -8.72
CA VAL A 37 2.40 -3.05 -8.66
C VAL A 37 3.27 -3.83 -9.64
N MET A 38 3.92 -4.91 -9.19
CA MET A 38 4.73 -5.77 -10.02
C MET A 38 3.87 -6.60 -10.98
N PRO A 39 4.17 -6.59 -12.29
CA PRO A 39 3.47 -7.36 -13.29
C PRO A 39 3.90 -8.84 -13.23
N GLY A 40 2.96 -9.70 -12.86
CA GLY A 40 3.14 -11.11 -12.61
C GLY A 40 2.97 -11.46 -11.14
N SER A 41 2.44 -10.56 -10.29
CA SER A 41 2.33 -10.79 -8.85
C SER A 41 0.88 -10.94 -8.41
N VAL A 42 -0.03 -10.21 -9.04
CA VAL A 42 -1.43 -10.16 -8.69
C VAL A 42 -2.04 -11.57 -8.79
N GLN A 43 -2.48 -12.09 -7.65
CA GLN A 43 -3.13 -13.37 -7.45
C GLN A 43 -4.52 -13.12 -6.86
N ARG A 44 -5.38 -12.45 -7.61
CA ARG A 44 -6.82 -12.32 -7.28
C ARG A 44 -7.48 -13.68 -7.38
N ASP A 45 -8.43 -13.98 -6.50
CA ASP A 45 -9.21 -15.20 -6.60
C ASP A 45 -10.15 -15.05 -7.80
N PRO A 46 -10.25 -16.00 -8.75
CA PRO A 46 -11.37 -16.01 -9.68
C PRO A 46 -12.72 -16.16 -8.94
N ASN A 47 -12.74 -16.73 -7.74
CA ASN A 47 -13.96 -17.04 -6.99
C ASN A 47 -14.32 -15.97 -5.97
N SER A 48 -13.49 -14.93 -5.78
CA SER A 48 -13.57 -14.08 -4.60
C SER A 48 -12.94 -12.71 -4.86
N LEU A 49 -12.80 -11.97 -3.77
CA LEU A 49 -12.21 -10.64 -3.67
C LEU A 49 -10.91 -10.69 -2.85
N LYS A 50 -10.52 -11.85 -2.31
CA LYS A 50 -9.18 -12.02 -1.88
C LYS A 50 -8.27 -11.78 -3.09
N VAL A 51 -7.25 -10.98 -2.89
CA VAL A 51 -6.28 -10.68 -3.91
C VAL A 51 -4.99 -10.36 -3.18
N THR A 52 -3.88 -10.79 -3.72
CA THR A 52 -2.58 -10.50 -3.15
C THR A 52 -1.71 -10.07 -4.35
N PHE A 53 -0.74 -9.19 -4.15
CA PHE A 53 0.19 -8.71 -5.18
C PHE A 53 1.53 -8.37 -4.53
N THR A 54 2.47 -7.87 -5.33
CA THR A 54 3.74 -7.34 -4.90
C THR A 54 3.85 -5.95 -5.52
N ILE A 55 4.60 -5.06 -4.89
CA ILE A 55 4.85 -3.71 -5.38
C ILE A 55 6.36 -3.54 -5.39
N TYR A 56 6.85 -2.68 -6.28
CA TYR A 56 8.24 -2.34 -6.36
C TYR A 56 8.38 -0.84 -6.54
N ASP A 57 9.63 -0.39 -6.54
CA ASP A 57 10.04 1.00 -6.59
C ASP A 57 11.41 1.05 -7.26
N ALA A 58 12.02 2.22 -7.32
CA ALA A 58 13.41 2.41 -7.77
C ALA A 58 14.42 1.63 -6.90
N GLU A 59 14.01 1.15 -5.73
CA GLU A 59 14.87 0.75 -4.62
C GLU A 59 14.80 -0.78 -4.52
N GLY A 60 13.63 -1.31 -4.16
CA GLY A 60 13.38 -2.73 -3.93
C GLY A 60 11.89 -3.07 -4.11
N SER A 61 11.44 -4.22 -3.60
CA SER A 61 10.04 -4.68 -3.73
C SER A 61 9.52 -5.36 -2.46
N VAL A 62 8.18 -5.43 -2.30
CA VAL A 62 7.48 -5.75 -1.06
C VAL A 62 6.14 -6.45 -1.34
N ASP A 63 5.63 -7.23 -0.39
CA ASP A 63 4.35 -7.93 -0.55
C ASP A 63 3.18 -7.02 -0.21
N VAL A 64 1.99 -7.32 -0.75
CA VAL A 64 0.71 -6.82 -0.26
C VAL A 64 -0.32 -7.96 -0.34
N SER A 65 -0.99 -8.31 0.76
CA SER A 65 -2.27 -9.03 0.70
C SER A 65 -3.40 -8.02 0.85
N TYR A 66 -4.52 -8.27 0.18
CA TYR A 66 -5.74 -7.51 0.28
C TYR A 66 -6.91 -8.50 0.24
N GLU A 67 -8.09 -8.01 0.58
CA GLU A 67 -9.31 -8.78 0.48
C GLU A 67 -10.40 -7.75 0.31
N GLY A 68 -10.76 -7.43 -0.92
CA GLY A 68 -11.72 -6.35 -1.12
C GLY A 68 -11.90 -5.92 -2.56
N ILE A 69 -12.71 -4.88 -2.72
CA ILE A 69 -13.00 -4.24 -3.99
C ILE A 69 -11.68 -3.65 -4.47
N LEU A 70 -11.22 -4.13 -5.61
CA LEU A 70 -9.98 -3.66 -6.19
C LEU A 70 -10.30 -2.58 -7.22
N PRO A 71 -9.58 -1.45 -7.25
CA PRO A 71 -9.93 -0.32 -8.09
C PRO A 71 -10.04 -0.73 -9.56
N ASP A 72 -10.89 -0.04 -10.31
CA ASP A 72 -10.91 -0.19 -11.76
C ASP A 72 -9.60 0.29 -12.36
N LEU A 73 -9.02 1.33 -11.74
CA LEU A 73 -7.74 1.89 -12.17
C LEU A 73 -6.65 0.83 -12.07
N PHE A 74 -6.69 0.03 -10.99
CA PHE A 74 -5.61 -0.84 -10.58
C PHE A 74 -5.21 -1.75 -11.73
N ARG A 75 -3.93 -1.73 -12.08
CA ARG A 75 -3.36 -2.64 -13.04
C ARG A 75 -1.97 -3.04 -12.58
N GLU A 76 -1.52 -4.17 -13.07
CA GLU A 76 -0.14 -4.59 -12.96
C GLU A 76 0.75 -3.63 -13.75
N GLY A 77 1.66 -2.97 -13.05
CA GLY A 77 2.61 -2.04 -13.64
C GLY A 77 2.14 -0.59 -13.60
N GLN A 78 1.06 -0.27 -12.87
CA GLN A 78 0.77 1.12 -12.49
C GLN A 78 1.05 1.32 -11.00
N GLY A 79 1.09 2.57 -10.57
CA GLY A 79 1.30 2.96 -9.18
C GLY A 79 0.00 2.84 -8.40
N VAL A 80 0.10 2.32 -7.17
CA VAL A 80 -0.98 2.23 -6.19
C VAL A 80 -0.46 2.79 -4.87
N VAL A 81 -1.38 3.02 -3.95
CA VAL A 81 -1.17 3.34 -2.56
C VAL A 81 -1.85 2.20 -1.78
N VAL A 82 -1.17 1.62 -0.81
CA VAL A 82 -1.70 0.67 0.13
C VAL A 82 -1.60 1.31 1.50
N GLN A 83 -2.42 0.82 2.42
CA GLN A 83 -2.49 1.18 3.82
C GLN A 83 -3.05 -0.03 4.52
N GLY A 84 -2.60 -0.34 5.73
CA GLY A 84 -3.31 -1.26 6.59
C GLY A 84 -2.46 -1.56 7.80
N GLU A 85 -1.72 -2.66 7.84
CA GLU A 85 -0.70 -2.95 8.85
C GLU A 85 0.52 -3.54 8.17
N LEU A 86 1.68 -3.39 8.80
CA LEU A 86 2.85 -4.19 8.49
C LEU A 86 2.60 -5.60 9.03
N GLU A 87 2.89 -6.64 8.25
CA GLU A 87 2.70 -8.01 8.68
C GLU A 87 3.89 -8.41 9.57
N LYS A 88 5.05 -8.58 8.92
CA LYS A 88 6.30 -9.18 9.38
C LYS A 88 7.26 -9.26 8.20
N GLY A 89 6.97 -10.10 7.20
CA GLY A 89 7.94 -10.44 6.15
C GLY A 89 7.98 -9.40 5.03
N ASN A 90 8.25 -8.13 5.34
CA ASN A 90 7.98 -6.94 4.54
C ASN A 90 6.78 -7.10 3.60
N HIS A 91 5.64 -7.22 4.26
CA HIS A 91 4.36 -7.56 3.69
C HIS A 91 3.42 -6.57 4.32
N ILE A 92 2.70 -5.80 3.51
CA ILE A 92 1.64 -4.97 4.03
C ILE A 92 0.34 -5.77 3.93
N LEU A 93 -0.41 -5.83 5.02
CA LEU A 93 -1.81 -6.17 4.94
C LEU A 93 -2.46 -4.90 4.48
N ALA A 94 -2.90 -4.84 3.23
CA ALA A 94 -3.69 -3.73 2.77
C ALA A 94 -5.09 -3.85 3.30
N LYS A 95 -5.66 -2.71 3.65
CA LYS A 95 -6.99 -2.52 4.17
C LYS A 95 -7.86 -1.85 3.12
N GLU A 96 -7.28 -1.25 2.06
CA GLU A 96 -8.05 -0.51 1.05
C GLU A 96 -7.55 -0.59 -0.40
N VAL A 97 -6.24 -0.39 -0.69
CA VAL A 97 -5.61 -0.35 -2.01
C VAL A 97 -6.14 0.80 -2.87
N LEU A 98 -5.28 1.54 -3.56
CA LEU A 98 -5.67 2.81 -4.19
C LEU A 98 -4.74 3.01 -5.35
N ALA A 99 -5.03 3.83 -6.34
CA ALA A 99 -4.32 3.76 -7.62
C ALA A 99 -3.58 5.06 -7.95
N LYS A 100 -2.72 5.52 -7.03
CA LYS A 100 -1.87 6.76 -7.15
C LYS A 100 -2.51 7.94 -7.93
N HIS A 101 -3.83 8.11 -7.87
CA HIS A 101 -4.66 9.00 -8.64
C HIS A 101 -4.70 10.33 -7.91
N ASP A 102 -3.52 10.87 -7.67
CA ASP A 102 -3.28 12.05 -6.84
C ASP A 102 -4.01 11.93 -5.50
N GLU A 103 -3.97 10.72 -4.93
CA GLU A 103 -4.49 10.42 -3.60
C GLU A 103 -3.66 11.22 -2.59
N ASN A 104 -4.26 11.62 -1.47
CA ASN A 104 -3.59 12.24 -0.34
C ASN A 104 -4.51 12.14 0.87
N TYR A 105 -3.98 12.43 2.07
CA TYR A 105 -4.71 12.43 3.34
C TYR A 105 -6.12 13.03 3.19
N THR A 106 -7.11 12.18 3.44
CA THR A 106 -8.53 12.46 3.38
C THR A 106 -9.10 12.16 4.79
N PRO A 107 -10.01 12.99 5.32
CA PRO A 107 -10.58 12.83 6.67
C PRO A 107 -11.52 11.60 6.78
N PRO A 108 -12.16 11.34 7.93
CA PRO A 108 -13.09 10.22 8.09
C PRO A 108 -14.49 10.46 7.54
N GLU A 109 -15.07 11.62 7.79
CA GLU A 109 -16.44 11.96 7.37
C GLU A 109 -16.41 12.34 5.90
N VAL A 110 -16.17 11.32 5.09
CA VAL A 110 -16.07 11.33 3.64
C VAL A 110 -15.89 9.88 3.17
N GLU A 111 -15.12 9.11 3.93
CA GLU A 111 -14.76 7.74 3.60
C GLU A 111 -16.02 6.87 3.69
N LYS A 112 -16.41 6.49 4.91
CA LYS A 112 -17.69 5.83 5.17
C LYS A 112 -18.10 6.18 6.58
N ALA A 113 -18.57 7.42 6.74
CA ALA A 113 -19.27 7.90 7.92
C ALA A 113 -20.39 8.87 7.52
N MET A 114 -20.26 9.56 6.38
CA MET A 114 -21.39 10.12 5.64
C MET A 114 -22.07 8.92 4.98
N LEU A 1 11.68 18.82 10.94
CA LEU A 1 10.79 17.67 11.21
C LEU A 1 9.57 18.15 11.97
N ARG A 2 8.36 17.78 11.54
CA ARG A 2 7.12 17.80 12.32
C ARG A 2 6.25 16.64 11.80
N SER A 3 5.30 16.16 12.60
CA SER A 3 4.22 15.30 12.10
C SER A 3 2.91 16.10 12.14
N ASN A 4 1.91 15.67 11.38
CA ASN A 4 0.56 16.24 11.34
C ASN A 4 -0.25 15.32 10.44
N ILE A 5 0.08 15.37 9.15
CA ILE A 5 -0.42 14.46 8.14
C ILE A 5 0.26 13.11 8.38
N ASP A 6 -0.38 12.06 7.91
CA ASP A 6 0.08 10.67 7.95
C ASP A 6 1.49 10.50 7.40
N LEU A 7 2.22 9.52 7.93
CA LEU A 7 3.38 8.93 7.28
C LEU A 7 2.93 8.06 6.12
N PHE A 8 3.92 7.61 5.37
CA PHE A 8 3.85 6.93 4.08
C PHE A 8 5.26 6.41 3.81
N TYR A 9 5.39 5.30 3.09
CA TYR A 9 6.64 4.63 2.77
C TYR A 9 6.61 4.15 1.31
N THR A 10 7.68 3.51 0.83
CA THR A 10 7.74 2.88 -0.48
C THR A 10 8.30 1.45 -0.38
N PRO A 11 8.24 0.64 -1.46
CA PRO A 11 9.04 -0.57 -1.63
C PRO A 11 10.55 -0.22 -1.69
N GLY A 12 11.07 0.28 -0.57
CA GLY A 12 12.27 1.05 -0.56
C GLY A 12 12.43 1.71 0.79
N GLU A 13 11.52 2.60 1.18
CA GLU A 13 11.63 3.22 2.51
C GLU A 13 11.44 2.20 3.64
N ILE A 14 10.80 1.08 3.34
CA ILE A 14 10.63 -0.03 4.27
C ILE A 14 11.87 -0.97 4.26
N LEU A 15 12.75 -0.84 3.26
CA LEU A 15 13.77 -1.84 2.94
C LEU A 15 15.17 -1.29 3.16
N TYR A 16 15.41 -0.05 2.74
CA TYR A 16 16.69 0.64 2.73
C TYR A 16 16.70 1.71 3.81
N GLY A 17 15.62 2.51 3.89
CA GLY A 17 15.46 3.49 4.96
C GLY A 17 14.42 4.53 4.58
N LYS A 18 13.65 5.00 5.56
CA LYS A 18 12.79 6.15 5.39
C LYS A 18 13.68 7.33 5.09
N ARG A 19 13.38 8.10 4.04
CA ARG A 19 14.32 8.66 3.06
C ARG A 19 15.78 8.73 3.51
N GLU A 20 16.09 9.51 4.54
CA GLU A 20 17.39 9.41 5.19
C GLU A 20 17.37 8.22 6.14
N THR A 21 16.91 8.40 7.39
CA THR A 21 17.06 7.36 8.41
C THR A 21 16.14 7.60 9.63
N GLN A 22 15.11 8.46 9.54
CA GLN A 22 14.37 8.92 10.72
C GLN A 22 13.73 7.75 11.50
N GLN A 23 12.98 6.88 10.82
CA GLN A 23 12.50 5.63 11.37
C GLN A 23 11.92 4.78 10.25
N MET A 24 12.27 3.50 10.28
CA MET A 24 11.59 2.44 9.56
C MET A 24 10.28 2.14 10.31
N PRO A 25 9.28 1.48 9.71
CA PRO A 25 8.02 1.24 10.39
C PRO A 25 8.19 0.16 11.47
N GLU A 26 7.23 0.11 12.40
CA GLU A 26 7.04 -0.99 13.33
C GLU A 26 6.33 -2.12 12.59
N VAL A 27 6.67 -3.37 12.92
CA VAL A 27 5.91 -4.57 12.53
C VAL A 27 4.61 -4.70 13.35
N GLY A 28 4.36 -3.74 14.24
CA GLY A 28 3.21 -3.63 15.08
C GLY A 28 2.29 -2.44 14.76
N GLN A 29 2.46 -1.72 13.65
CA GLN A 29 1.68 -0.50 13.40
C GLN A 29 0.98 -0.54 12.05
N ARG A 30 0.08 0.43 11.86
CA ARG A 30 -0.42 0.81 10.53
C ARG A 30 0.54 1.76 9.83
N LEU A 31 0.58 1.73 8.50
CA LEU A 31 1.28 2.66 7.63
C LEU A 31 0.61 2.64 6.26
N ARG A 32 1.21 3.31 5.28
CA ARG A 32 0.83 3.25 3.87
C ARG A 32 2.09 3.14 3.04
N VAL A 33 1.98 2.49 1.90
CA VAL A 33 3.05 2.29 0.93
C VAL A 33 2.58 2.84 -0.40
N GLY A 34 3.48 3.40 -1.21
CA GLY A 34 3.25 3.70 -2.61
C GLY A 34 4.30 2.98 -3.43
N GLY A 35 3.89 2.16 -4.38
CA GLY A 35 4.80 1.36 -5.19
C GLY A 35 4.17 0.90 -6.50
N MET A 36 4.98 0.46 -7.45
CA MET A 36 4.57 0.12 -8.80
C MET A 36 4.30 -1.36 -8.92
N VAL A 37 3.10 -1.79 -9.33
CA VAL A 37 2.76 -3.20 -9.29
C VAL A 37 3.54 -3.97 -10.35
N MET A 38 4.14 -5.09 -9.99
CA MET A 38 4.77 -6.01 -10.92
C MET A 38 3.75 -6.58 -11.92
N PRO A 39 4.22 -6.94 -13.12
CA PRO A 39 3.40 -7.57 -14.14
C PRO A 39 2.97 -8.97 -13.67
N GLY A 40 1.69 -9.10 -13.31
CA GLY A 40 1.12 -10.37 -12.90
C GLY A 40 1.70 -10.90 -11.59
N SER A 41 2.01 -10.03 -10.62
CA SER A 41 2.19 -10.46 -9.23
C SER A 41 0.86 -10.65 -8.51
N VAL A 42 -0.22 -10.12 -9.07
CA VAL A 42 -1.51 -9.99 -8.41
C VAL A 42 -2.28 -11.32 -8.51
N GLN A 43 -2.17 -12.12 -7.46
CA GLN A 43 -2.99 -13.28 -7.20
C GLN A 43 -4.30 -12.80 -6.59
N ARG A 44 -5.23 -12.28 -7.41
CA ARG A 44 -6.64 -12.21 -6.99
C ARG A 44 -7.16 -13.63 -6.97
N ASP A 45 -7.96 -13.97 -5.96
CA ASP A 45 -8.67 -15.24 -5.97
C ASP A 45 -9.76 -15.01 -7.02
N PRO A 46 -9.81 -15.74 -8.15
CA PRO A 46 -10.66 -15.37 -9.29
C PRO A 46 -12.16 -15.58 -9.02
N ASN A 47 -12.51 -16.10 -7.84
CA ASN A 47 -13.85 -16.40 -7.36
C ASN A 47 -14.04 -16.00 -5.88
N SER A 48 -13.04 -15.35 -5.26
CA SER A 48 -13.15 -14.63 -3.99
C SER A 48 -12.78 -13.17 -4.21
N LEU A 49 -12.46 -12.46 -3.11
CA LEU A 49 -12.02 -11.06 -3.10
C LEU A 49 -10.68 -10.94 -2.39
N LYS A 50 -10.18 -12.00 -1.73
CA LYS A 50 -8.78 -12.05 -1.34
C LYS A 50 -7.98 -11.80 -2.60
N VAL A 51 -7.04 -10.87 -2.52
CA VAL A 51 -6.13 -10.58 -3.60
C VAL A 51 -4.82 -10.27 -2.94
N THR A 52 -3.72 -10.68 -3.53
CA THR A 52 -2.42 -10.48 -2.93
C THR A 52 -1.51 -10.11 -4.10
N PHE A 53 -0.67 -9.08 -3.99
CA PHE A 53 0.15 -8.62 -5.11
C PHE A 53 1.51 -8.15 -4.62
N THR A 54 2.40 -7.84 -5.56
CA THR A 54 3.74 -7.33 -5.21
C THR A 54 3.95 -6.05 -5.99
N ILE A 55 4.51 -5.05 -5.30
CA ILE A 55 4.77 -3.72 -5.77
C ILE A 55 6.27 -3.48 -5.55
N TYR A 56 6.91 -2.71 -6.43
CA TYR A 56 8.34 -2.44 -6.40
C TYR A 56 8.58 -0.94 -6.62
N ASP A 57 9.83 -0.51 -6.57
CA ASP A 57 10.27 0.85 -6.90
C ASP A 57 11.72 0.77 -7.38
N ALA A 58 12.41 1.91 -7.52
CA ALA A 58 13.82 2.06 -7.84
C ALA A 58 14.76 1.40 -6.82
N GLU A 59 14.24 0.71 -5.81
CA GLU A 59 14.96 0.31 -4.62
C GLU A 59 14.76 -1.20 -4.45
N GLY A 60 13.57 -1.64 -4.01
CA GLY A 60 13.30 -3.05 -3.74
C GLY A 60 11.84 -3.41 -4.09
N SER A 61 11.29 -4.48 -3.50
CA SER A 61 9.90 -4.83 -3.67
C SER A 61 9.26 -5.29 -2.35
N VAL A 62 7.92 -5.26 -2.27
CA VAL A 62 7.12 -5.56 -1.10
C VAL A 62 5.82 -6.24 -1.53
N ASP A 63 5.31 -7.10 -0.66
CA ASP A 63 4.07 -7.83 -0.91
C ASP A 63 2.93 -7.08 -0.24
N VAL A 64 1.73 -7.22 -0.77
CA VAL A 64 0.53 -6.67 -0.20
C VAL A 64 -0.56 -7.77 -0.19
N SER A 65 -1.27 -7.93 0.91
CA SER A 65 -2.36 -8.86 1.12
C SER A 65 -3.61 -8.04 1.42
N TYR A 66 -4.52 -8.03 0.46
CA TYR A 66 -5.80 -7.36 0.51
C TYR A 66 -6.89 -8.41 0.47
N GLU A 67 -8.10 -7.94 0.69
CA GLU A 67 -9.30 -8.71 0.64
C GLU A 67 -10.35 -7.65 0.39
N GLY A 68 -10.72 -7.46 -0.87
CA GLY A 68 -11.68 -6.45 -1.24
C GLY A 68 -11.76 -6.33 -2.75
N ILE A 69 -12.65 -5.44 -3.20
CA ILE A 69 -12.83 -5.15 -4.61
C ILE A 69 -11.69 -4.20 -4.97
N LEU A 70 -10.91 -4.54 -5.99
CA LEU A 70 -9.90 -3.62 -6.48
C LEU A 70 -10.54 -2.49 -7.29
N PRO A 71 -9.93 -1.29 -7.28
CA PRO A 71 -10.41 -0.16 -8.07
C PRO A 71 -10.29 -0.51 -9.56
N ASP A 72 -11.20 -0.04 -10.41
CA ASP A 72 -11.08 -0.28 -11.85
C ASP A 72 -9.81 0.35 -12.42
N LEU A 73 -9.32 1.36 -11.74
CA LEU A 73 -8.15 2.14 -12.03
C LEU A 73 -6.85 1.37 -11.74
N PHE A 74 -6.90 0.31 -10.92
CA PHE A 74 -5.76 -0.54 -10.61
C PHE A 74 -5.33 -1.34 -11.83
N ARG A 75 -4.06 -1.22 -12.25
CA ARG A 75 -3.51 -1.94 -13.38
C ARG A 75 -2.16 -2.46 -12.99
N GLU A 76 -1.86 -3.66 -13.44
CA GLU A 76 -0.58 -4.31 -13.22
C GLU A 76 0.48 -3.53 -13.99
N GLY A 77 1.41 -2.89 -13.29
CA GLY A 77 2.43 -2.04 -13.89
C GLY A 77 2.24 -0.57 -13.62
N GLN A 78 1.52 -0.16 -12.55
CA GLN A 78 1.33 1.26 -12.25
C GLN A 78 1.57 1.57 -10.78
N GLY A 79 1.73 2.84 -10.44
CA GLY A 79 2.19 3.31 -9.13
C GLY A 79 1.01 3.41 -8.16
N VAL A 80 0.68 2.30 -7.51
CA VAL A 80 -0.48 2.15 -6.61
C VAL A 80 -0.12 2.76 -5.25
N VAL A 81 -1.13 2.94 -4.40
CA VAL A 81 -0.97 3.21 -2.99
C VAL A 81 -1.75 2.14 -2.21
N VAL A 82 -1.16 1.67 -1.13
CA VAL A 82 -1.74 0.79 -0.14
C VAL A 82 -1.69 1.51 1.21
N GLN A 83 -2.56 1.11 2.14
CA GLN A 83 -2.66 1.55 3.53
C GLN A 83 -3.26 0.40 4.32
N GLY A 84 -2.87 0.24 5.58
CA GLY A 84 -3.19 -0.89 6.41
C GLY A 84 -1.95 -1.09 7.27
N GLU A 85 -1.42 -2.30 7.40
CA GLU A 85 -0.57 -2.67 8.54
C GLU A 85 0.59 -3.54 8.09
N LEU A 86 1.64 -3.57 8.89
CA LEU A 86 2.84 -4.36 8.63
C LEU A 86 2.71 -5.75 9.26
N GLU A 87 2.96 -6.77 8.45
CA GLU A 87 2.72 -8.17 8.82
C GLU A 87 3.97 -8.76 9.49
N LYS A 88 5.04 -8.91 8.71
CA LYS A 88 6.40 -9.27 9.07
C LYS A 88 7.28 -8.93 7.89
N GLY A 89 8.57 -8.78 8.13
CA GLY A 89 9.53 -8.36 7.13
C GLY A 89 9.08 -7.10 6.41
N ASN A 90 8.51 -7.27 5.22
CA ASN A 90 8.10 -6.19 4.33
C ASN A 90 6.72 -6.48 3.73
N HIS A 91 5.92 -7.31 4.39
CA HIS A 91 4.60 -7.66 3.91
C HIS A 91 3.58 -6.71 4.49
N ILE A 92 2.76 -6.11 3.64
CA ILE A 92 1.72 -5.19 3.99
C ILE A 92 0.37 -5.90 3.95
N LEU A 93 -0.43 -5.75 5.00
CA LEU A 93 -1.86 -5.91 4.89
C LEU A 93 -2.38 -4.61 4.30
N ALA A 94 -3.04 -4.71 3.16
CA ALA A 94 -3.77 -3.64 2.52
C ALA A 94 -5.20 -3.62 3.06
N LYS A 95 -5.68 -2.44 3.43
CA LYS A 95 -6.99 -2.20 4.02
C LYS A 95 -7.98 -1.63 3.01
N GLU A 96 -7.51 -0.94 1.97
CA GLU A 96 -8.37 -0.35 0.95
C GLU A 96 -7.85 -0.40 -0.49
N VAL A 97 -6.56 -0.13 -0.74
CA VAL A 97 -5.94 0.02 -2.05
C VAL A 97 -6.50 1.22 -2.83
N LEU A 98 -5.56 1.90 -3.48
CA LEU A 98 -5.77 2.99 -4.40
C LEU A 98 -4.76 2.79 -5.53
N ALA A 99 -5.05 3.36 -6.68
CA ALA A 99 -4.20 3.28 -7.87
C ALA A 99 -3.81 4.70 -8.30
N LYS A 100 -3.49 5.55 -7.30
CA LYS A 100 -3.08 6.95 -7.41
C LYS A 100 -4.03 7.82 -8.25
N HIS A 101 -5.33 7.56 -8.23
CA HIS A 101 -6.34 8.35 -8.93
C HIS A 101 -6.72 9.53 -8.07
N ASP A 102 -5.74 10.40 -7.85
CA ASP A 102 -5.88 11.78 -7.40
C ASP A 102 -6.79 11.92 -6.18
N GLU A 103 -6.70 10.97 -5.26
CA GLU A 103 -7.52 10.99 -4.06
C GLU A 103 -7.06 12.15 -3.18
N ASN A 104 -8.04 12.94 -2.75
CA ASN A 104 -7.99 13.70 -1.50
C ASN A 104 -9.29 13.42 -0.78
N TYR A 105 -9.22 13.19 0.54
CA TYR A 105 -10.35 12.92 1.41
C TYR A 105 -11.26 11.74 0.96
N THR A 106 -11.03 10.58 1.56
CA THR A 106 -11.95 9.46 1.61
C THR A 106 -12.88 9.70 2.81
N PRO A 107 -14.20 9.86 2.62
CA PRO A 107 -15.17 9.89 3.73
C PRO A 107 -15.41 8.46 4.27
N PRO A 108 -16.31 8.24 5.25
CA PRO A 108 -16.97 6.96 5.42
C PRO A 108 -18.09 6.83 4.36
N GLU A 109 -18.80 5.70 4.39
CA GLU A 109 -19.84 5.28 3.44
C GLU A 109 -19.25 5.02 2.05
N VAL A 110 -18.02 4.49 1.96
CA VAL A 110 -17.34 4.23 0.69
C VAL A 110 -16.54 2.92 0.72
N GLU A 111 -15.87 2.62 1.85
CA GLU A 111 -14.87 1.57 1.97
C GLU A 111 -15.48 0.19 1.66
N LYS A 112 -16.33 -0.31 2.56
CA LYS A 112 -16.97 -1.62 2.52
C LYS A 112 -18.42 -1.52 2.99
N ALA A 113 -18.95 -0.33 3.23
CA ALA A 113 -20.37 -0.08 3.43
C ALA A 113 -20.76 0.89 2.33
N MET A 114 -21.08 0.33 1.16
CA MET A 114 -21.59 0.88 -0.08
C MET A 114 -22.42 -0.21 -0.73
#